data_4HRR
#
_entry.id   4HRR
#
_cell.length_a   92.537
_cell.length_b   99.884
_cell.length_c   125.242
_cell.angle_alpha   90.00
_cell.angle_beta   90.00
_cell.angle_gamma   90.00
#
_symmetry.space_group_name_H-M   'P 21 21 21'
#
loop_
_entity.id
_entity.type
_entity.pdbx_description
1 polymer 'Globin-2 A chain'
2 polymer 'Hemoglobin B chain'
3 non-polymer 'PROTOPORPHYRIN IX CONTAINING FE'
4 non-polymer 'CARBON MONOXIDE'
5 water water
#
loop_
_entity_poly.entity_id
_entity_poly.type
_entity_poly.pdbx_seq_one_letter_code
_entity_poly.pdbx_strand_id
1 'polypeptide(L)'
;(ACE)VDAAVAKVCGSEAIKANLRRSWGVLSADIEATGLMLMSNLFTLRPDTKTYFTRLGDVQKGKANSKLRGHAITLTY
ALNNFVDSLDDPSRLKCVVEKFAVNHINRKISGDAFGAIVEPMKETLKARMGNYYSDDVAGAWAALVGVVQAAL
;
A,C,E,G
2 'polypeptide(L)'
;(ACE)SRVAELANAVVSNADQKDLLRMSWGVLSVDMEGTGLMLMANLFKTSPSAKGKFARLGDVSAGKDNSKLRGHSITL
MYALQNFVDALDDVERLKCVVEKFAVNHINRQISADEFGEIVGPLRQTLKARMGNYFDEDTVAAWASLVAVVQAAL
;
B,D,F,H
#
loop_
_chem_comp.id
_chem_comp.type
_chem_comp.name
_chem_comp.formula
ACE non-polymer 'ACETYL GROUP' 'C2 H4 O'
CMO non-polymer 'CARBON MONOXIDE' 'C O'
HEM non-polymer 'PROTOPORPHYRIN IX CONTAINING FE' 'C34 H32 Fe N4 O4'
#
# COMPACT_ATOMS: atom_id res chain seq x y z
C ACE A 1 -9.71 -21.78 28.70
O ACE A 1 -9.13 -22.82 28.46
CH3 ACE A 1 -11.22 -21.78 28.72
N VAL A 2 -9.17 -20.71 28.10
CA VAL A 2 -7.76 -20.68 27.59
C VAL A 2 -6.77 -21.11 28.67
N ASP A 3 -6.87 -20.54 29.87
CA ASP A 3 -5.97 -20.92 30.95
C ASP A 3 -5.99 -22.42 31.23
N ALA A 4 -7.17 -23.02 31.30
CA ALA A 4 -7.27 -24.45 31.58
C ALA A 4 -6.68 -25.26 30.41
N ALA A 5 -6.94 -24.84 29.18
CA ALA A 5 -6.41 -25.54 28.02
C ALA A 5 -4.89 -25.44 27.98
N VAL A 6 -4.35 -24.25 28.27
CA VAL A 6 -2.91 -24.07 28.42
C VAL A 6 -2.35 -25.04 29.47
N ALA A 7 -3.00 -25.14 30.61
CA ALA A 7 -2.49 -26.01 31.69
C ALA A 7 -2.49 -27.48 31.31
N LYS A 8 -3.46 -27.93 30.52
CA LYS A 8 -3.44 -29.32 30.06
C LYS A 8 -2.16 -29.64 29.30
N VAL A 9 -1.66 -28.68 28.54
CA VAL A 9 -0.42 -28.84 27.79
C VAL A 9 0.79 -28.60 28.68
N CYS A 10 0.89 -27.43 29.28
CA CYS A 10 2.10 -27.05 30.03
C CYS A 10 2.30 -27.85 31.32
N GLY A 11 1.21 -28.33 31.90
CA GLY A 11 1.29 -29.14 33.11
C GLY A 11 1.64 -30.58 32.87
N SER A 12 1.77 -30.99 31.60
CA SER A 12 2.08 -32.35 31.25
C SER A 12 3.48 -32.45 30.70
N GLU A 13 4.36 -33.03 31.51
N GLU A 13 4.40 -33.03 31.47
CA GLU A 13 5.73 -33.33 31.11
CA GLU A 13 5.76 -33.19 30.96
C GLU A 13 5.75 -34.13 29.80
C GLU A 13 5.78 -34.16 29.76
N ALA A 14 4.86 -35.11 29.70
CA ALA A 14 4.80 -35.99 28.53
C ALA A 14 4.39 -35.22 27.26
N ILE A 15 3.33 -34.41 27.35
CA ILE A 15 2.91 -33.60 26.20
C ILE A 15 4.03 -32.66 25.77
N LYS A 16 4.65 -31.97 26.72
CA LYS A 16 5.74 -31.07 26.38
C LYS A 16 6.91 -31.82 25.73
N ALA A 17 7.26 -33.00 26.27
CA ALA A 17 8.34 -33.78 25.69
C ALA A 17 8.03 -34.22 24.28
N ASN A 18 6.80 -34.63 24.05
CA ASN A 18 6.40 -35.09 22.73
C ASN A 18 6.29 -33.95 21.69
N LEU A 19 5.80 -32.78 22.11
CA LEU A 19 5.83 -31.59 21.28
C LEU A 19 7.26 -31.22 20.93
N ARG A 20 8.15 -31.25 21.90
CA ARG A 20 9.53 -30.83 21.67
C ARG A 20 10.28 -31.80 20.76
N ARG A 21 10.09 -33.09 20.94
CA ARG A 21 10.83 -34.06 20.13
C ARG A 21 10.34 -34.08 18.70
N SER A 22 9.03 -33.99 18.52
CA SER A 22 8.43 -33.94 17.20
C SER A 22 8.80 -32.64 16.50
N TRP A 23 8.79 -31.52 17.24
CA TRP A 23 9.20 -30.26 16.65
C TRP A 23 10.67 -30.37 16.20
N GLY A 24 11.50 -31.04 17.00
CA GLY A 24 12.88 -31.25 16.59
C GLY A 24 12.98 -31.84 15.19
N VAL A 25 12.17 -32.85 14.92
CA VAL A 25 12.15 -33.48 13.60
C VAL A 25 11.62 -32.53 12.52
N LEU A 26 10.51 -31.87 12.81
CA LEU A 26 9.89 -30.98 11.83
C LEU A 26 10.84 -29.84 11.46
N SER A 27 11.63 -29.39 12.43
CA SER A 27 12.53 -28.26 12.25
C SER A 27 13.70 -28.55 11.32
N ALA A 28 13.92 -29.81 10.96
CA ALA A 28 14.90 -30.14 9.92
C ALA A 28 14.53 -29.51 8.57
N ASP A 29 13.24 -29.26 8.37
CA ASP A 29 12.82 -28.56 7.17
C ASP A 29 11.54 -27.81 7.47
N ILE A 30 11.68 -26.57 7.97
CA ILE A 30 10.55 -25.76 8.39
C ILE A 30 9.62 -25.53 7.17
N GLU A 31 10.21 -25.19 6.04
CA GLU A 31 9.41 -24.93 4.85
C GLU A 31 8.61 -26.15 4.40
N ALA A 32 9.26 -27.31 4.36
CA ALA A 32 8.58 -28.50 3.90
C ALA A 32 7.50 -28.94 4.88
N THR A 33 7.72 -28.69 6.17
CA THR A 33 6.71 -28.97 7.18
C THR A 33 5.44 -28.18 6.90
N GLY A 34 5.59 -26.88 6.71
CA GLY A 34 4.44 -26.03 6.42
C GLY A 34 3.72 -26.43 5.16
N LEU A 35 4.47 -26.71 4.11
CA LEU A 35 3.86 -27.07 2.84
C LEU A 35 3.10 -28.40 2.96
N MET A 36 3.69 -29.36 3.68
CA MET A 36 3.06 -30.65 3.85
C MET A 36 1.79 -30.55 4.70
N LEU A 37 1.84 -29.75 5.76
CA LEU A 37 0.68 -29.59 6.61
C LEU A 37 -0.47 -28.97 5.81
N MET A 38 -0.20 -27.94 5.00
CA MET A 38 -1.22 -27.29 4.18
CA MET A 38 -1.22 -27.29 4.18
C MET A 38 -1.74 -28.24 3.10
N SER A 39 -0.85 -28.97 2.44
CA SER A 39 -1.26 -29.99 1.48
C SER A 39 -2.19 -31.02 2.13
N ASN A 40 -1.82 -31.49 3.31
CA ASN A 40 -2.68 -32.45 4.00
C ASN A 40 -4.02 -31.82 4.42
N LEU A 41 -4.01 -30.55 4.82
CA LEU A 41 -5.24 -29.87 5.17
C LEU A 41 -6.20 -29.89 4.00
N PHE A 42 -5.71 -29.47 2.83
CA PHE A 42 -6.59 -29.30 1.67
C PHE A 42 -6.94 -30.61 0.99
N THR A 43 -6.10 -31.62 1.15
CA THR A 43 -6.38 -32.96 0.65
C THR A 43 -7.40 -33.71 1.54
N LEU A 44 -7.16 -33.74 2.85
CA LEU A 44 -8.08 -34.38 3.79
C LEU A 44 -9.35 -33.59 4.06
N ARG A 45 -9.24 -32.26 3.95
CA ARG A 45 -10.34 -31.36 4.26
C ARG A 45 -10.45 -30.26 3.21
N PRO A 46 -10.76 -30.62 1.95
CA PRO A 46 -10.93 -29.62 0.91
C PRO A 46 -12.05 -28.62 1.22
N ASP A 47 -12.97 -28.97 2.11
CA ASP A 47 -13.98 -28.02 2.58
C ASP A 47 -13.38 -26.73 3.13
N THR A 48 -12.17 -26.79 3.68
CA THR A 48 -11.53 -25.60 4.24
C THR A 48 -10.90 -24.66 3.20
N LYS A 49 -10.81 -25.09 1.94
CA LYS A 49 -10.18 -24.26 0.91
C LYS A 49 -10.81 -22.88 0.75
N THR A 50 -12.11 -22.79 0.93
CA THR A 50 -12.82 -21.54 0.69
C THR A 50 -12.57 -20.47 1.77
N TYR A 51 -11.95 -20.88 2.89
CA TYR A 51 -11.55 -19.90 3.89
C TYR A 51 -10.34 -19.09 3.42
N PHE A 52 -9.61 -19.61 2.44
CA PHE A 52 -8.34 -19.03 2.01
C PHE A 52 -8.54 -18.30 0.69
N THR A 53 -9.05 -17.08 0.79
CA THR A 53 -9.45 -16.32 -0.39
C THR A 53 -8.34 -15.42 -0.95
N ARG A 54 -7.25 -15.25 -0.20
CA ARG A 54 -6.15 -14.35 -0.60
C ARG A 54 -4.96 -15.09 -1.21
N LEU A 55 -4.92 -16.40 -1.09
CA LEU A 55 -3.69 -17.16 -1.39
C LEU A 55 -3.65 -17.78 -2.77
N GLY A 56 -4.64 -17.48 -3.60
CA GLY A 56 -4.70 -18.07 -4.94
C GLY A 56 -5.02 -19.55 -4.87
N ASP A 57 -4.47 -20.31 -5.82
CA ASP A 57 -4.71 -21.73 -5.94
C ASP A 57 -3.85 -22.46 -4.92
N VAL A 58 -4.44 -22.81 -3.78
CA VAL A 58 -3.68 -23.35 -2.64
C VAL A 58 -3.15 -24.75 -2.91
N GLN A 59 -3.72 -25.44 -3.89
CA GLN A 59 -3.28 -26.79 -4.24
C GLN A 59 -1.99 -26.81 -5.06
N LYS A 60 -1.52 -25.65 -5.50
CA LYS A 60 -0.27 -25.55 -6.28
C LYS A 60 1.01 -25.62 -5.43
N GLY A 61 0.87 -25.62 -4.12
CA GLY A 61 2.00 -25.84 -3.22
C GLY A 61 3.08 -24.79 -3.37
N LYS A 62 4.33 -25.23 -3.39
CA LYS A 62 5.48 -24.33 -3.30
C LYS A 62 5.55 -23.33 -4.44
N ALA A 63 5.08 -23.72 -5.62
CA ALA A 63 5.11 -22.84 -6.78
C ALA A 63 4.22 -21.60 -6.64
N ASN A 64 3.22 -21.67 -5.76
CA ASN A 64 2.38 -20.53 -5.43
C ASN A 64 3.06 -19.74 -4.32
N SER A 65 3.62 -18.58 -4.65
CA SER A 65 4.44 -17.85 -3.68
C SER A 65 3.66 -17.40 -2.45
N LYS A 66 2.38 -17.04 -2.60
CA LYS A 66 1.58 -16.60 -1.46
C LYS A 66 1.31 -17.77 -0.52
N LEU A 67 1.01 -18.93 -1.09
CA LEU A 67 0.83 -20.12 -0.27
C LEU A 67 2.14 -20.47 0.42
N ARG A 68 3.24 -20.42 -0.32
CA ARG A 68 4.56 -20.71 0.24
C ARG A 68 4.90 -19.79 1.43
N GLY A 69 4.70 -18.48 1.25
CA GLY A 69 4.95 -17.53 2.33
C GLY A 69 4.09 -17.79 3.55
N HIS A 70 2.83 -18.11 3.29
CA HIS A 70 1.89 -18.47 4.33
C HIS A 70 2.34 -19.75 5.06
N ALA A 71 2.68 -20.79 4.30
CA ALA A 71 3.04 -22.09 4.89
C ALA A 71 4.29 -22.01 5.76
N ILE A 72 5.29 -21.26 5.29
CA ILE A 72 6.49 -21.04 6.07
C ILE A 72 6.16 -20.30 7.37
N THR A 73 5.43 -19.20 7.25
CA THR A 73 5.09 -18.39 8.42
C THR A 73 4.26 -19.17 9.45
N LEU A 74 3.36 -20.02 8.98
CA LEU A 74 2.55 -20.86 9.85
C LEU A 74 3.45 -21.76 10.70
N THR A 75 4.52 -22.27 10.09
CA THR A 75 5.41 -23.17 10.77
C THR A 75 6.19 -22.43 11.86
N TYR A 76 6.49 -21.15 11.68
CA TYR A 76 7.10 -20.37 12.75
C TYR A 76 6.11 -20.09 13.88
N ALA A 77 4.81 -20.07 13.59
CA ALA A 77 3.82 -20.03 14.68
C ALA A 77 3.91 -21.31 15.53
N LEU A 78 4.06 -22.46 14.89
CA LEU A 78 4.28 -23.70 15.62
C LEU A 78 5.57 -23.61 16.43
N ASN A 79 6.63 -23.10 15.82
CA ASN A 79 7.91 -22.94 16.53
C ASN A 79 7.71 -22.11 17.80
N ASN A 80 6.98 -21.01 17.66
CA ASN A 80 6.68 -20.11 18.77
C ASN A 80 5.89 -20.84 19.89
N PHE A 81 4.85 -21.57 19.51
CA PHE A 81 4.12 -22.39 20.50
C PHE A 81 5.05 -23.32 21.27
N VAL A 82 5.90 -24.03 20.54
CA VAL A 82 6.80 -25.00 21.18
C VAL A 82 7.77 -24.28 22.11
N ASP A 83 8.25 -23.12 21.69
CA ASP A 83 9.18 -22.35 22.51
C ASP A 83 8.49 -21.67 23.70
N SER A 84 7.17 -21.73 23.75
CA SER A 84 6.39 -21.11 24.82
C SER A 84 6.02 -22.08 25.96
N LEU A 85 6.39 -23.36 25.82
CA LEU A 85 5.88 -24.39 26.73
C LEU A 85 6.32 -24.29 28.18
N ASP A 86 7.44 -23.62 28.44
CA ASP A 86 7.92 -23.55 29.82
CA ASP A 86 7.98 -23.49 29.80
C ASP A 86 7.29 -22.39 30.58
N ASP A 87 6.50 -21.58 29.89
CA ASP A 87 5.85 -20.45 30.52
C ASP A 87 4.38 -20.37 30.09
N PRO A 88 3.48 -20.91 30.92
CA PRO A 88 2.06 -20.86 30.57
C PRO A 88 1.54 -19.47 30.16
N SER A 89 1.96 -18.42 30.86
CA SER A 89 1.53 -17.07 30.53
C SER A 89 1.99 -16.68 29.14
N ARG A 90 3.16 -17.16 28.71
CA ARG A 90 3.61 -16.87 27.34
C ARG A 90 2.76 -17.62 26.35
N LEU A 91 2.55 -18.93 26.57
CA LEU A 91 1.72 -19.67 25.62
C LEU A 91 0.34 -19.04 25.50
N LYS A 92 -0.22 -18.61 26.61
CA LYS A 92 -1.51 -17.93 26.61
C LYS A 92 -1.51 -16.70 25.71
N CYS A 93 -0.54 -15.81 25.91
CA CYS A 93 -0.60 -14.55 25.18
C CYS A 93 -0.29 -14.72 23.67
N VAL A 94 0.55 -15.71 23.36
CA VAL A 94 0.86 -16.06 21.97
C VAL A 94 -0.36 -16.67 21.29
N VAL A 95 -1.04 -17.59 21.97
CA VAL A 95 -2.23 -18.19 21.41
C VAL A 95 -3.35 -17.16 21.25
N GLU A 96 -3.52 -16.28 22.24
CA GLU A 96 -4.55 -15.25 22.13
C GLU A 96 -4.32 -14.37 20.90
N LYS A 97 -3.07 -14.00 20.64
CA LYS A 97 -2.79 -13.18 19.45
C LYS A 97 -3.14 -13.93 18.15
N PHE A 98 -2.65 -15.15 18.08
N PHE A 98 -2.69 -15.18 18.02
CA PHE A 98 -2.93 -16.07 17.01
CA PHE A 98 -3.02 -15.94 16.80
C PHE A 98 -4.43 -16.27 16.75
C PHE A 98 -4.52 -16.21 16.69
N ALA A 99 -5.22 -16.28 17.82
CA ALA A 99 -6.67 -16.44 17.75
C ALA A 99 -7.31 -15.24 17.10
N VAL A 100 -6.85 -14.03 17.44
CA VAL A 100 -7.34 -12.81 16.83
C VAL A 100 -7.15 -12.91 15.32
N ASN A 101 -5.98 -13.38 14.88
CA ASN A 101 -5.71 -13.51 13.44
C ASN A 101 -6.75 -14.40 12.74
N HIS A 102 -7.16 -15.46 13.41
CA HIS A 102 -8.09 -16.44 12.82
C HIS A 102 -9.54 -16.01 12.94
N ILE A 103 -9.89 -15.33 14.02
CA ILE A 103 -11.20 -14.73 14.16
C ILE A 103 -11.42 -13.72 13.02
N ASN A 104 -10.39 -12.97 12.69
CA ASN A 104 -10.47 -12.00 11.58
C ASN A 104 -10.74 -12.65 10.20
N ARG A 105 -10.48 -13.96 10.12
CA ARG A 105 -10.74 -14.73 8.90
CA ARG A 105 -10.73 -14.74 8.90
C ARG A 105 -11.93 -15.68 9.05
N LYS A 106 -12.77 -15.43 10.06
CA LYS A 106 -14.03 -16.17 10.26
C LYS A 106 -13.82 -17.64 10.60
N ILE A 107 -12.73 -17.92 11.29
CA ILE A 107 -12.44 -19.30 11.67
C ILE A 107 -12.90 -19.57 13.09
N SER A 108 -13.89 -20.47 13.22
CA SER A 108 -14.35 -20.92 14.52
C SER A 108 -13.43 -21.99 15.11
N GLY A 109 -13.64 -22.32 16.37
CA GLY A 109 -12.93 -23.43 16.98
C GLY A 109 -13.17 -24.74 16.24
N ASP A 110 -14.41 -25.00 15.83
CA ASP A 110 -14.71 -26.24 15.09
C ASP A 110 -13.97 -26.27 13.74
N ALA A 111 -13.89 -25.12 13.07
CA ALA A 111 -13.17 -25.04 11.81
C ALA A 111 -11.68 -25.28 12.02
N PHE A 112 -11.12 -24.64 13.03
CA PHE A 112 -9.70 -24.74 13.33
C PHE A 112 -9.32 -26.21 13.62
N GLY A 113 -10.20 -26.93 14.28
CA GLY A 113 -10.02 -28.36 14.56
C GLY A 113 -9.90 -29.25 13.33
N ALA A 114 -10.22 -28.75 12.13
CA ALA A 114 -10.00 -29.52 10.93
C ALA A 114 -8.55 -29.90 10.73
N ILE A 115 -7.63 -29.17 11.38
CA ILE A 115 -6.20 -29.39 11.21
C ILE A 115 -5.72 -30.68 11.91
N VAL A 116 -6.50 -31.26 12.83
CA VAL A 116 -5.98 -32.33 13.69
C VAL A 116 -5.53 -33.56 12.88
N GLU A 117 -6.39 -34.05 12.00
CA GLU A 117 -6.05 -35.24 11.23
C GLU A 117 -4.92 -34.93 10.22
N PRO A 118 -4.97 -33.76 9.54
CA PRO A 118 -3.82 -33.37 8.72
C PRO A 118 -2.49 -33.29 9.49
N MET A 119 -2.53 -32.78 10.71
CA MET A 119 -1.32 -32.75 11.54
C MET A 119 -0.82 -34.16 11.88
N LYS A 120 -1.73 -35.05 12.24
CA LYS A 120 -1.36 -36.44 12.54
C LYS A 120 -0.65 -37.05 11.33
N GLU A 121 -1.19 -36.85 10.13
CA GLU A 121 -0.59 -37.42 8.95
C GLU A 121 0.80 -36.83 8.67
N THR A 122 0.93 -35.53 8.90
CA THR A 122 2.21 -34.85 8.73
C THR A 122 3.26 -35.43 9.68
N LEU A 123 2.87 -35.59 10.94
CA LEU A 123 3.73 -36.17 11.97
C LEU A 123 4.17 -37.58 11.61
N LYS A 124 3.24 -38.41 11.16
CA LYS A 124 3.57 -39.77 10.80
C LYS A 124 4.57 -39.77 9.64
N ALA A 125 4.30 -38.95 8.63
CA ALA A 125 5.13 -38.97 7.44
C ALA A 125 6.54 -38.47 7.73
N ARG A 126 6.67 -37.46 8.58
CA ARG A 126 7.97 -36.83 8.83
C ARG A 126 8.78 -37.52 9.94
N MET A 127 8.15 -38.27 10.84
CA MET A 127 8.85 -38.88 11.98
C MET A 127 9.22 -40.34 11.78
N GLY A 128 8.69 -40.98 10.74
CA GLY A 128 9.01 -42.39 10.50
C GLY A 128 8.78 -43.24 11.73
N ASN A 129 9.73 -44.10 12.04
CA ASN A 129 9.55 -44.99 13.18
C ASN A 129 9.65 -44.31 14.55
N TYR A 130 9.90 -42.99 14.59
CA TYR A 130 9.86 -42.26 15.86
C TYR A 130 8.47 -41.71 16.19
N TYR A 131 7.52 -41.82 15.27
CA TYR A 131 6.15 -41.49 15.56
C TYR A 131 5.56 -42.43 16.61
N SER A 132 4.74 -41.87 17.50
CA SER A 132 3.82 -42.66 18.30
C SER A 132 2.52 -41.87 18.45
N ASP A 133 1.47 -42.59 18.83
CA ASP A 133 0.18 -41.96 18.99
CA ASP A 133 0.14 -42.01 19.05
C ASP A 133 0.21 -40.85 20.04
N ASP A 134 1.08 -40.96 21.04
CA ASP A 134 1.19 -39.92 22.06
C ASP A 134 1.63 -38.59 21.43
N VAL A 135 2.36 -38.66 20.33
CA VAL A 135 2.77 -37.43 19.64
C VAL A 135 1.55 -36.73 19.04
N ALA A 136 0.69 -37.49 18.37
CA ALA A 136 -0.57 -36.95 17.87
C ALA A 136 -1.42 -36.38 19.01
N GLY A 137 -1.45 -37.07 20.14
CA GLY A 137 -2.21 -36.62 21.30
C GLY A 137 -1.70 -35.25 21.77
N ALA A 138 -0.39 -35.10 21.80
CA ALA A 138 0.22 -33.86 22.25
C ALA A 138 -0.19 -32.70 21.35
N TRP A 139 -0.10 -32.90 20.04
CA TRP A 139 -0.49 -31.85 19.11
C TRP A 139 -1.99 -31.54 19.10
N ALA A 140 -2.81 -32.55 19.33
CA ALA A 140 -4.24 -32.32 19.46
C ALA A 140 -4.53 -31.46 20.70
N ALA A 141 -3.79 -31.68 21.78
CA ALA A 141 -3.96 -30.86 22.97
C ALA A 141 -3.53 -29.43 22.72
N LEU A 142 -2.46 -29.25 21.95
CA LEU A 142 -1.98 -27.91 21.68
C LEU A 142 -3.00 -27.18 20.77
N VAL A 143 -3.50 -27.87 19.76
CA VAL A 143 -4.57 -27.31 18.93
C VAL A 143 -5.78 -26.94 19.80
N GLY A 144 -6.07 -27.74 20.82
CA GLY A 144 -7.13 -27.45 21.76
C GLY A 144 -7.00 -26.12 22.47
N VAL A 145 -5.77 -25.66 22.67
CA VAL A 145 -5.54 -24.36 23.29
C VAL A 145 -6.06 -23.27 22.36
N VAL A 146 -5.72 -23.38 21.08
CA VAL A 146 -6.22 -22.41 20.10
C VAL A 146 -7.76 -22.47 20.02
N GLN A 147 -8.33 -23.68 19.98
CA GLN A 147 -9.78 -23.79 19.94
C GLN A 147 -10.45 -23.13 21.14
N ALA A 148 -9.84 -23.20 22.31
CA ALA A 148 -10.39 -22.60 23.52
C ALA A 148 -10.37 -21.06 23.39
N ALA A 149 -9.41 -20.55 22.61
CA ALA A 149 -9.24 -19.11 22.43
C ALA A 149 -10.12 -18.51 21.33
N LEU A 150 -10.76 -19.36 20.52
CA LEU A 150 -11.57 -18.90 19.40
C LEU A 150 -13.06 -18.78 19.77
N SER B 2 8.24 -2.93 -8.67
CA SER B 2 8.87 -2.74 -7.32
C SER B 2 10.33 -3.18 -7.32
N ARG B 3 11.06 -2.79 -6.27
CA ARG B 3 12.46 -3.16 -6.12
C ARG B 3 12.68 -4.35 -5.19
N VAL B 4 11.59 -5.02 -4.81
CA VAL B 4 11.69 -6.17 -3.89
C VAL B 4 12.61 -7.27 -4.44
N ALA B 5 12.39 -7.67 -5.69
CA ALA B 5 13.22 -8.72 -6.28
C ALA B 5 14.68 -8.31 -6.28
N GLU B 6 14.94 -7.10 -6.73
CA GLU B 6 16.30 -6.59 -6.77
C GLU B 6 16.95 -6.58 -5.40
N LEU B 7 16.26 -6.08 -4.40
CA LEU B 7 16.85 -5.94 -3.07
C LEU B 7 16.96 -7.29 -2.36
N ALA B 8 15.99 -8.16 -2.61
CA ALA B 8 16.06 -9.54 -2.05
C ALA B 8 17.27 -10.29 -2.62
N ASN B 9 17.46 -10.22 -3.93
CA ASN B 9 18.61 -10.82 -4.58
CA ASN B 9 18.62 -10.82 -4.57
C ASN B 9 19.91 -10.23 -4.03
N ALA B 10 19.95 -8.92 -3.86
CA ALA B 10 21.14 -8.25 -3.35
C ALA B 10 21.49 -8.69 -1.92
N VAL B 11 20.48 -8.92 -1.08
CA VAL B 11 20.74 -9.38 0.30
C VAL B 11 21.24 -10.83 0.31
N VAL B 12 20.60 -11.69 -0.46
CA VAL B 12 20.97 -13.10 -0.50
C VAL B 12 22.39 -13.28 -1.06
N SER B 13 22.82 -12.41 -1.99
CA SER B 13 24.14 -12.55 -2.58
C SER B 13 25.26 -11.82 -1.85
N ASN B 14 24.93 -11.10 -0.78
CA ASN B 14 25.90 -10.33 -0.02
C ASN B 14 26.33 -11.11 1.23
N ALA B 15 27.41 -11.86 1.08
CA ALA B 15 27.94 -12.69 2.18
C ALA B 15 28.36 -11.87 3.41
N ASP B 16 28.91 -10.67 3.16
CA ASP B 16 29.40 -9.77 4.22
C ASP B 16 28.27 -9.42 5.19
N GLN B 17 27.19 -8.95 4.61
CA GLN B 17 26.01 -8.56 5.35
C GLN B 17 25.30 -9.74 6.02
N LYS B 18 25.22 -10.86 5.31
CA LYS B 18 24.60 -12.06 5.84
CA LYS B 18 24.56 -12.04 5.87
C LYS B 18 25.29 -12.51 7.13
N ASP B 19 26.61 -12.47 7.13
CA ASP B 19 27.39 -12.81 8.30
CA ASP B 19 27.36 -12.84 8.33
C ASP B 19 27.00 -11.94 9.51
N LEU B 20 26.90 -10.64 9.28
CA LEU B 20 26.53 -9.69 10.34
C LEU B 20 25.11 -9.90 10.86
N LEU B 21 24.20 -10.17 9.94
CA LEU B 21 22.82 -10.50 10.32
C LEU B 21 22.78 -11.75 11.19
N ARG B 22 23.44 -12.82 10.78
CA ARG B 22 23.39 -14.06 11.56
C ARG B 22 24.11 -13.94 12.91
N MET B 23 25.25 -13.26 12.94
CA MET B 23 25.99 -13.13 14.19
CA MET B 23 26.00 -13.12 14.18
C MET B 23 25.17 -12.34 15.19
N SER B 24 24.69 -11.18 14.79
CA SER B 24 23.88 -10.39 15.70
C SER B 24 22.54 -11.04 16.03
N TRP B 25 21.93 -11.74 15.08
CA TRP B 25 20.71 -12.49 15.39
C TRP B 25 20.97 -13.57 16.46
N GLY B 26 22.15 -14.17 16.43
CA GLY B 26 22.52 -15.13 17.49
C GLY B 26 22.41 -14.56 18.89
N VAL B 27 22.67 -13.25 19.02
CA VAL B 27 22.55 -12.56 20.30
C VAL B 27 21.12 -12.08 20.53
N LEU B 28 20.52 -11.47 19.52
CA LEU B 28 19.16 -10.94 19.63
C LEU B 28 18.13 -12.01 19.95
N SER B 29 18.38 -13.24 19.47
CA SER B 29 17.43 -14.33 19.64
C SER B 29 17.61 -15.14 20.92
N VAL B 30 18.61 -14.83 21.75
CA VAL B 30 18.76 -15.55 23.01
C VAL B 30 17.49 -15.42 23.87
N ASP B 31 16.97 -14.21 23.95
CA ASP B 31 15.78 -13.88 24.73
C ASP B 31 14.79 -13.26 23.75
N MET B 32 14.02 -14.09 23.06
CA MET B 32 13.11 -13.62 22.03
C MET B 32 12.12 -12.62 22.59
N GLU B 33 11.51 -12.97 23.73
CA GLU B 33 10.52 -12.09 24.34
C GLU B 33 11.14 -10.79 24.80
N GLY B 34 12.21 -10.87 25.58
CA GLY B 34 12.86 -9.68 26.11
C GLY B 34 13.36 -8.74 25.03
N THR B 35 13.97 -9.31 24.00
CA THR B 35 14.49 -8.50 22.91
C THR B 35 13.37 -7.91 22.06
N GLY B 36 12.32 -8.68 21.83
CA GLY B 36 11.14 -8.15 21.14
C GLY B 36 10.52 -6.98 21.89
N LEU B 37 10.36 -7.14 23.20
CA LEU B 37 9.80 -6.10 24.05
C LEU B 37 10.70 -4.87 24.06
N MET B 38 12.01 -5.09 24.06
CA MET B 38 12.99 -3.99 24.01
C MET B 38 12.91 -3.18 22.70
N LEU B 39 12.80 -3.89 21.58
CA LEU B 39 12.67 -3.26 20.28
CA LEU B 39 12.65 -3.27 20.27
C LEU B 39 11.42 -2.39 20.26
N MET B 40 10.31 -2.92 20.76
CA MET B 40 9.06 -2.18 20.78
CA MET B 40 9.05 -2.19 20.81
C MET B 40 9.12 -0.99 21.75
N ALA B 41 9.71 -1.20 22.92
CA ALA B 41 9.86 -0.11 23.90
C ALA B 41 10.64 1.05 23.28
N ASN B 42 11.72 0.70 22.59
CA ASN B 42 12.52 1.70 21.92
C ASN B 42 11.76 2.39 20.80
N LEU B 43 10.99 1.63 20.02
CA LEU B 43 10.16 2.21 18.96
C LEU B 43 9.22 3.28 19.51
N PHE B 44 8.55 2.97 20.61
CA PHE B 44 7.60 3.91 21.18
C PHE B 44 8.26 5.15 21.79
N LYS B 45 9.53 5.01 22.19
CA LYS B 45 10.27 6.14 22.76
C LYS B 45 10.76 7.12 21.69
N THR B 46 11.21 6.60 20.55
CA THR B 46 11.76 7.47 19.50
C THR B 46 10.76 7.80 18.39
N SER B 47 9.67 7.05 18.31
CA SER B 47 8.56 7.38 17.42
C SER B 47 7.25 7.36 18.20
N PRO B 48 7.03 8.39 19.05
CA PRO B 48 5.78 8.42 19.82
C PRO B 48 4.51 8.37 18.96
N SER B 49 4.60 8.83 17.70
CA SER B 49 3.50 8.70 16.73
C SER B 49 3.06 7.25 16.47
N ALA B 50 3.98 6.30 16.67
CA ALA B 50 3.66 4.89 16.49
C ALA B 50 2.67 4.35 17.52
N LYS B 51 2.59 4.98 18.69
CA LYS B 51 1.75 4.44 19.78
C LYS B 51 0.30 4.26 19.37
N GLY B 52 -0.25 5.24 18.68
CA GLY B 52 -1.62 5.17 18.20
C GLY B 52 -1.88 4.04 17.24
N LYS B 53 -0.88 3.73 16.41
CA LYS B 53 -1.01 2.65 15.42
C LYS B 53 -1.15 1.29 16.09
N PHE B 54 -0.63 1.19 17.32
CA PHE B 54 -0.64 -0.04 18.10
C PHE B 54 -1.71 -0.04 19.20
N ALA B 55 -2.77 0.76 19.02
CA ALA B 55 -3.80 0.87 20.06
C ALA B 55 -4.47 -0.45 20.46
N ARG B 56 -4.53 -1.43 19.56
CA ARG B 56 -5.12 -2.74 19.91
C ARG B 56 -4.40 -3.33 21.11
N LEU B 57 -3.13 -3.00 21.27
CA LEU B 57 -2.32 -3.58 22.34
C LEU B 57 -2.55 -2.95 23.71
N GLY B 58 -3.26 -1.81 23.76
CA GLY B 58 -3.53 -1.13 25.02
C GLY B 58 -2.38 -0.25 25.47
N ASP B 59 -1.97 -0.39 26.73
CA ASP B 59 -0.88 0.43 27.26
CA ASP B 59 -0.88 0.43 27.26
C ASP B 59 0.46 -0.06 26.74
N VAL B 60 0.92 0.55 25.65
CA VAL B 60 2.17 0.11 25.02
C VAL B 60 3.42 0.46 25.82
N SER B 61 3.28 1.22 26.91
CA SER B 61 4.41 1.52 27.78
C SER B 61 4.62 0.50 28.89
N ALA B 62 3.72 -0.47 29.02
CA ALA B 62 3.69 -1.38 30.19
C ALA B 62 4.57 -2.63 30.03
N GLY B 63 5.23 -2.77 28.88
CA GLY B 63 6.20 -3.85 28.68
C GLY B 63 5.61 -5.22 28.94
N LYS B 64 6.35 -6.04 29.68
CA LYS B 64 5.94 -7.43 29.92
C LYS B 64 4.64 -7.57 30.72
N ASP B 65 4.23 -6.51 31.41
CA ASP B 65 2.99 -6.54 32.18
C ASP B 65 1.76 -6.42 31.29
N ASN B 66 1.97 -6.14 30.00
CA ASN B 66 0.88 -6.06 29.03
C ASN B 66 0.91 -7.31 28.15
N SER B 67 -0.08 -8.19 28.33
CA SER B 67 -0.08 -9.49 27.67
C SER B 67 -0.17 -9.38 26.15
N LYS B 68 -0.94 -8.42 25.64
CA LYS B 68 -1.06 -8.24 24.20
C LYS B 68 0.23 -7.74 23.57
N LEU B 69 0.90 -6.81 24.24
CA LEU B 69 2.20 -6.33 23.78
C LEU B 69 3.21 -7.47 23.80
N ARG B 70 3.13 -8.30 24.82
CA ARG B 70 3.99 -9.45 24.95
C ARG B 70 3.83 -10.41 23.76
N GLY B 71 2.58 -10.79 23.48
CA GLY B 71 2.31 -11.70 22.37
C GLY B 71 2.73 -11.11 21.03
N HIS B 72 2.46 -9.83 20.85
CA HIS B 72 2.91 -9.13 19.68
C HIS B 72 4.43 -9.15 19.52
N SER B 73 5.12 -8.79 20.60
CA SER B 73 6.57 -8.61 20.52
C SER B 73 7.30 -9.94 20.26
N ILE B 74 6.80 -11.01 20.86
CA ILE B 74 7.33 -12.35 20.61
C ILE B 74 7.13 -12.72 19.14
N THR B 75 5.93 -12.49 18.62
CA THR B 75 5.60 -12.89 17.27
C THR B 75 6.45 -12.11 16.26
N LEU B 76 6.70 -10.83 16.54
CA LEU B 76 7.61 -10.00 15.75
CA LEU B 76 7.59 -10.04 15.70
C LEU B 76 8.98 -10.67 15.63
N MET B 77 9.49 -11.16 16.75
CA MET B 77 10.79 -11.82 16.71
C MET B 77 10.80 -13.08 15.84
N TYR B 78 9.68 -13.82 15.78
CA TYR B 78 9.61 -14.98 14.88
C TYR B 78 9.52 -14.59 13.41
N ALA B 79 9.05 -13.36 13.12
CA ALA B 79 9.11 -12.83 11.74
C ALA B 79 10.56 -12.56 11.35
N LEU B 80 11.32 -11.97 12.26
CA LEU B 80 12.76 -11.82 12.04
C LEU B 80 13.49 -13.16 11.89
N GLN B 81 13.15 -14.16 12.70
CA GLN B 81 13.74 -15.50 12.54
C GLN B 81 13.48 -16.07 11.15
N ASN B 82 12.25 -15.89 10.69
CA ASN B 82 11.78 -16.28 9.36
C ASN B 82 12.69 -15.62 8.30
N PHE B 83 12.83 -14.29 8.36
CA PHE B 83 13.72 -13.63 7.42
C PHE B 83 15.15 -14.18 7.47
N VAL B 84 15.70 -14.33 8.66
CA VAL B 84 17.07 -14.84 8.80
C VAL B 84 17.21 -16.22 8.16
N ASP B 85 16.21 -17.07 8.33
CA ASP B 85 16.26 -18.43 7.79
C ASP B 85 16.04 -18.44 6.27
N ALA B 86 15.66 -17.30 5.70
CA ALA B 86 15.41 -17.15 4.25
C ALA B 86 16.61 -16.57 3.48
N LEU B 87 17.71 -16.28 4.17
CA LEU B 87 18.82 -15.52 3.58
C LEU B 87 19.63 -16.25 2.52
N ASP B 88 19.37 -17.55 2.33
CA ASP B 88 20.08 -18.34 1.31
C ASP B 88 19.17 -18.72 0.13
N ASP B 89 17.98 -18.13 0.06
CA ASP B 89 17.01 -18.51 -0.98
C ASP B 89 16.20 -17.26 -1.35
N VAL B 90 16.47 -16.67 -2.52
CA VAL B 90 15.85 -15.40 -2.94
CA VAL B 90 15.85 -15.39 -2.89
C VAL B 90 14.33 -15.48 -2.98
N GLU B 91 13.81 -16.52 -3.61
CA GLU B 91 12.36 -16.62 -3.75
C GLU B 91 11.69 -16.91 -2.41
N ARG B 92 12.38 -17.61 -1.52
CA ARG B 92 11.88 -17.76 -0.17
C ARG B 92 11.82 -16.43 0.54
N LEU B 93 12.91 -15.67 0.50
CA LEU B 93 12.94 -14.35 1.16
C LEU B 93 11.84 -13.47 0.61
N LYS B 94 11.72 -13.45 -0.71
CA LYS B 94 10.72 -12.62 -1.36
CA LYS B 94 10.73 -12.61 -1.35
C LYS B 94 9.32 -12.94 -0.87
N CYS B 95 8.98 -14.23 -0.82
CA CYS B 95 7.60 -14.58 -0.48
C CYS B 95 7.24 -14.32 0.98
N VAL B 96 8.20 -14.44 1.89
CA VAL B 96 7.95 -14.13 3.31
C VAL B 96 7.91 -12.61 3.54
N VAL B 97 8.79 -11.88 2.86
CA VAL B 97 8.70 -10.41 2.86
C VAL B 97 7.34 -9.94 2.37
N GLU B 98 6.87 -10.54 1.28
CA GLU B 98 5.58 -10.16 0.71
CA GLU B 98 5.57 -10.16 0.71
C GLU B 98 4.44 -10.47 1.69
N LYS B 99 4.54 -11.60 2.37
CA LYS B 99 3.55 -11.97 3.38
C LYS B 99 3.45 -10.90 4.47
N PHE B 100 4.58 -10.55 5.08
CA PHE B 100 4.57 -9.53 6.15
C PHE B 100 4.26 -8.13 5.64
N ALA B 101 4.57 -7.85 4.38
CA ALA B 101 4.17 -6.56 3.79
C ALA B 101 2.64 -6.42 3.76
N VAL B 102 1.96 -7.48 3.35
CA VAL B 102 0.49 -7.49 3.39
C VAL B 102 -0.05 -7.18 4.79
N ASN B 103 0.53 -7.81 5.82
CA ASN B 103 0.12 -7.53 7.20
C ASN B 103 0.22 -6.01 7.49
N HIS B 104 1.28 -5.38 7.03
CA HIS B 104 1.52 -3.95 7.33
C HIS B 104 0.73 -3.00 6.45
N ILE B 105 0.61 -3.37 5.18
CA ILE B 105 -0.28 -2.67 4.24
C ILE B 105 -1.71 -2.58 4.80
N ASN B 106 -2.20 -3.68 5.36
CA ASN B 106 -3.52 -3.72 5.94
C ASN B 106 -3.69 -2.77 7.13
N ARG B 107 -2.58 -2.29 7.70
CA ARG B 107 -2.62 -1.32 8.79
C ARG B 107 -2.13 0.04 8.29
N GLN B 108 -2.10 0.22 6.96
CA GLN B 108 -1.63 1.46 6.34
C GLN B 108 -0.26 1.91 6.86
N ILE B 109 0.64 0.96 6.99
CA ILE B 109 2.02 1.24 7.37
C ILE B 109 2.82 1.38 6.09
N SER B 110 3.41 2.56 5.90
CA SER B 110 4.18 2.86 4.71
C SER B 110 5.64 2.46 4.86
N ALA B 111 6.38 2.55 3.76
CA ALA B 111 7.80 2.23 3.76
C ALA B 111 8.59 3.08 4.77
N ASP B 112 8.38 4.38 4.80
CA ASP B 112 9.20 5.21 5.69
C ASP B 112 8.81 5.02 7.17
N GLU B 113 7.55 4.71 7.40
CA GLU B 113 7.08 4.37 8.73
CA GLU B 113 7.05 4.36 8.73
C GLU B 113 7.79 3.11 9.23
N PHE B 114 7.83 2.09 8.38
CA PHE B 114 8.48 0.80 8.71
C PHE B 114 9.96 1.02 9.01
N GLY B 115 10.55 1.99 8.30
CA GLY B 115 11.94 2.39 8.52
C GLY B 115 12.25 2.90 9.92
N GLU B 116 11.22 3.29 10.67
CA GLU B 116 11.40 3.80 12.02
C GLU B 116 11.92 2.75 13.00
N ILE B 117 11.98 1.49 12.56
CA ILE B 117 12.52 0.41 13.40
C ILE B 117 14.06 0.43 13.47
N VAL B 118 14.73 1.16 12.59
CA VAL B 118 16.19 1.06 12.53
C VAL B 118 16.86 1.64 13.77
N GLY B 119 16.44 2.83 14.20
CA GLY B 119 16.94 3.39 15.47
C GLY B 119 16.76 2.43 16.66
N PRO B 120 15.53 1.93 16.87
CA PRO B 120 15.27 0.90 17.87
C PRO B 120 16.19 -0.31 17.74
N LEU B 121 16.45 -0.76 16.52
CA LEU B 121 17.38 -1.88 16.32
C LEU B 121 18.79 -1.53 16.79
N ARG B 122 19.24 -0.32 16.48
CA ARG B 122 20.53 0.16 16.95
C ARG B 122 20.62 0.16 18.48
N GLN B 123 19.62 0.75 19.14
CA GLN B 123 19.66 0.83 20.60
C GLN B 123 19.63 -0.57 21.22
N THR B 124 18.83 -1.45 20.62
CA THR B 124 18.73 -2.85 21.07
C THR B 124 20.05 -3.60 20.84
N LEU B 125 20.69 -3.38 19.71
CA LEU B 125 22.00 -3.96 19.44
C LEU B 125 23.07 -3.42 20.42
N LYS B 126 23.04 -2.13 20.78
CA LYS B 126 23.97 -1.62 21.80
C LYS B 126 23.76 -2.32 23.14
N ALA B 127 22.50 -2.46 23.54
CA ALA B 127 22.16 -3.18 24.78
C ALA B 127 22.60 -4.64 24.78
N ARG B 128 22.45 -5.30 23.65
CA ARG B 128 22.73 -6.74 23.55
C ARG B 128 24.18 -7.06 23.22
N MET B 129 24.84 -6.19 22.44
CA MET B 129 26.24 -6.44 22.04
C MET B 129 27.27 -5.79 22.98
N GLY B 130 26.86 -4.79 23.75
CA GLY B 130 27.74 -4.12 24.69
C GLY B 130 28.95 -3.53 23.98
N ASN B 131 30.14 -3.74 24.54
N ASN B 131 30.14 -3.75 24.53
CA ASN B 131 31.36 -3.20 23.94
CA ASN B 131 31.36 -3.21 23.94
C ASN B 131 31.69 -3.80 22.55
C ASN B 131 31.73 -3.84 22.58
N TYR B 132 31.01 -4.87 22.15
CA TYR B 132 31.18 -5.44 20.80
C TYR B 132 30.22 -4.85 19.76
N PHE B 133 29.41 -3.88 20.16
CA PHE B 133 28.53 -3.20 19.21
C PHE B 133 29.34 -2.63 18.05
N ASP B 134 28.80 -2.76 16.84
CA ASP B 134 29.38 -2.12 15.66
C ASP B 134 28.26 -1.66 14.73
N GLU B 135 28.32 -0.40 14.32
CA GLU B 135 27.33 0.20 13.43
C GLU B 135 27.17 -0.53 12.09
N ASP B 136 28.20 -1.24 11.62
CA ASP B 136 28.08 -2.00 10.37
C ASP B 136 26.96 -3.04 10.43
N THR B 137 26.71 -3.59 11.62
CA THR B 137 25.62 -4.52 11.83
CA THR B 137 25.60 -4.52 11.80
C THR B 137 24.25 -3.82 11.66
N VAL B 138 24.17 -2.58 12.15
CA VAL B 138 22.94 -1.83 11.98
C VAL B 138 22.65 -1.66 10.48
N ALA B 139 23.69 -1.34 9.70
CA ALA B 139 23.53 -1.21 8.25
C ALA B 139 23.05 -2.49 7.59
N ALA B 140 23.52 -3.61 8.11
CA ALA B 140 23.07 -4.93 7.62
C ALA B 140 21.59 -5.11 7.86
N TRP B 141 21.13 -4.83 9.09
CA TRP B 141 19.68 -4.86 9.38
C TRP B 141 18.91 -3.85 8.54
N ALA B 142 19.47 -2.65 8.33
CA ALA B 142 18.79 -1.65 7.51
C ALA B 142 18.57 -2.17 6.09
N SER B 143 19.54 -2.91 5.55
CA SER B 143 19.42 -3.48 4.21
C SER B 143 18.28 -4.50 4.13
N LEU B 144 18.17 -5.35 5.15
CA LEU B 144 17.08 -6.31 5.19
C LEU B 144 15.73 -5.62 5.32
N VAL B 145 15.66 -4.64 6.23
CA VAL B 145 14.46 -3.82 6.44
C VAL B 145 14.06 -3.15 5.14
N ALA B 146 15.04 -2.76 4.34
CA ALA B 146 14.77 -2.10 3.07
C ALA B 146 14.09 -3.03 2.06
N VAL B 147 14.27 -4.34 2.20
CA VAL B 147 13.57 -5.27 1.30
C VAL B 147 12.06 -5.21 1.60
N VAL B 148 11.70 -5.20 2.88
CA VAL B 148 10.30 -5.06 3.27
C VAL B 148 9.75 -3.68 2.86
N GLN B 149 10.54 -2.63 3.09
CA GLN B 149 10.12 -1.28 2.70
C GLN B 149 9.76 -1.25 1.23
N ALA B 150 10.53 -1.92 0.39
CA ALA B 150 10.27 -1.95 -1.05
C ALA B 150 8.94 -2.62 -1.40
N ALA B 151 8.50 -3.53 -0.53
CA ALA B 151 7.26 -4.28 -0.75
C ALA B 151 6.02 -3.53 -0.26
N LEU B 152 6.21 -2.43 0.47
CA LEU B 152 5.10 -1.70 1.07
C LEU B 152 4.52 -0.70 0.09
C ACE C 1 42.14 -37.66 33.10
O ACE C 1 41.20 -37.00 33.57
CH3 ACE C 1 43.23 -38.10 34.07
N VAL C 2 41.76 -38.66 32.26
CA VAL C 2 40.61 -38.42 31.33
C VAL C 2 39.27 -38.61 32.05
N ASP C 3 39.14 -39.68 32.83
CA ASP C 3 37.88 -39.91 33.52
C ASP C 3 37.52 -38.76 34.45
N ALA C 4 38.51 -38.29 35.21
CA ALA C 4 38.29 -37.17 36.13
C ALA C 4 37.87 -35.93 35.36
N ALA C 5 38.52 -35.70 34.23
CA ALA C 5 38.18 -34.52 33.40
C ALA C 5 36.77 -34.64 32.80
N VAL C 6 36.40 -35.83 32.37
CA VAL C 6 35.05 -36.08 31.87
C VAL C 6 34.02 -35.80 32.96
N ALA C 7 34.26 -36.31 34.17
CA ALA C 7 33.31 -36.13 35.26
C ALA C 7 33.13 -34.66 35.66
N LYS C 8 34.19 -33.88 35.57
CA LYS C 8 34.11 -32.45 35.85
C LYS C 8 33.11 -31.76 34.94
N VAL C 9 33.07 -32.19 33.69
CA VAL C 9 32.15 -31.61 32.71
C VAL C 9 30.74 -32.21 32.86
N CYS C 10 30.64 -33.52 32.73
CA CYS C 10 29.32 -34.18 32.70
C CYS C 10 28.57 -34.13 34.02
N GLY C 11 29.31 -33.97 35.11
CA GLY C 11 28.75 -33.97 36.44
C GLY C 11 28.33 -32.61 36.94
N SER C 12 28.64 -31.57 36.17
CA SER C 12 28.33 -30.20 36.55
C SER C 12 27.17 -29.65 35.73
N GLU C 13 26.03 -29.41 36.37
CA GLU C 13 24.91 -28.80 35.65
C GLU C 13 25.23 -27.39 35.15
N ALA C 14 26.04 -26.66 35.91
CA ALA C 14 26.43 -25.30 35.54
C ALA C 14 27.27 -25.29 34.26
N ILE C 15 28.24 -26.19 34.19
CA ILE C 15 29.08 -26.31 33.00
C ILE C 15 28.22 -26.74 31.81
N LYS C 16 27.37 -27.74 31.99
CA LYS C 16 26.52 -28.20 30.90
C LYS C 16 25.59 -27.09 30.40
N ALA C 17 24.96 -26.36 31.32
CA ALA C 17 24.07 -25.27 30.93
C ALA C 17 24.82 -24.16 30.19
N ASN C 18 26.04 -23.87 30.62
CA ASN C 18 26.85 -22.84 29.95
C ASN C 18 27.31 -23.28 28.57
N LEU C 19 27.70 -24.53 28.44
CA LEU C 19 28.08 -25.07 27.12
C LEU C 19 26.87 -25.04 26.17
N ARG C 20 25.70 -25.39 26.69
CA ARG C 20 24.51 -25.46 25.86
C ARG C 20 24.02 -24.09 25.44
N ARG C 21 24.01 -23.12 26.36
CA ARG C 21 23.51 -21.79 25.97
C ARG C 21 24.49 -21.10 25.03
N SER C 22 25.78 -21.28 25.26
CA SER C 22 26.78 -20.72 24.34
C SER C 22 26.73 -21.40 22.99
N TRP C 23 26.57 -22.73 22.96
CA TRP C 23 26.42 -23.42 21.68
C TRP C 23 25.16 -22.95 20.93
N GLY C 24 24.08 -22.69 21.66
CA GLY C 24 22.87 -22.13 21.06
C GLY C 24 23.19 -20.90 20.23
N VAL C 25 24.01 -19.99 20.77
CA VAL C 25 24.42 -18.80 20.03
C VAL C 25 25.34 -19.14 18.86
N LEU C 26 26.36 -19.94 19.12
CA LEU C 26 27.34 -20.27 18.09
C LEU C 26 26.70 -20.96 16.88
N SER C 27 25.67 -21.77 17.15
CA SER C 27 25.00 -22.52 16.11
C SER C 27 24.15 -21.66 15.19
N ALA C 28 23.95 -20.38 15.52
CA ALA C 28 23.32 -19.45 14.58
C ALA C 28 24.09 -19.36 13.27
N ASP C 29 25.39 -19.65 13.31
CA ASP C 29 26.22 -19.62 12.11
C ASP C 29 27.45 -20.47 12.35
N ILE C 30 27.28 -21.76 12.11
CA ILE C 30 28.32 -22.74 12.35
C ILE C 30 29.59 -22.39 11.60
N GLU C 31 29.45 -22.09 10.32
CA GLU C 31 30.61 -21.76 9.49
C GLU C 31 31.34 -20.51 9.98
N ALA C 32 30.58 -19.45 10.27
CA ALA C 32 31.18 -18.21 10.75
C ALA C 32 31.86 -18.40 12.10
N THR C 33 31.26 -19.22 12.97
CA THR C 33 31.89 -19.56 14.25
C THR C 33 33.25 -20.20 14.05
N GLY C 34 33.32 -21.19 13.16
CA GLY C 34 34.58 -21.89 12.92
C GLY C 34 35.63 -20.93 12.36
N LEU C 35 35.25 -20.11 11.39
CA LEU C 35 36.19 -19.19 10.77
C LEU C 35 36.68 -18.14 11.78
N MET C 36 35.79 -17.68 12.66
CA MET C 36 36.17 -16.70 13.68
C MET C 36 37.09 -17.34 14.73
N LEU C 37 36.78 -18.57 15.13
CA LEU C 37 37.64 -19.28 16.07
C LEU C 37 39.03 -19.49 15.49
N MET C 38 39.10 -19.88 14.23
CA MET C 38 40.41 -20.10 13.62
C MET C 38 41.17 -18.77 13.47
N SER C 39 40.47 -17.71 13.08
CA SER C 39 41.08 -16.39 13.01
C SER C 39 41.67 -15.97 14.38
N ASN C 40 40.90 -16.16 15.44
CA ASN C 40 41.36 -15.85 16.80
C ASN C 40 42.50 -16.76 17.25
N LEU C 41 42.50 -18.02 16.82
CA LEU C 41 43.60 -18.91 17.11
C LEU C 41 44.90 -18.33 16.56
N PHE C 42 44.87 -17.94 15.28
CA PHE C 42 46.08 -17.44 14.65
C PHE C 42 46.45 -16.02 15.08
N THR C 43 45.46 -15.25 15.55
CA THR C 43 45.71 -13.90 16.06
C THR C 43 46.20 -13.87 17.51
N LEU C 44 45.46 -14.53 18.40
CA LEU C 44 45.82 -14.58 19.82
C LEU C 44 46.94 -15.60 20.10
N ARG C 45 47.15 -16.56 19.20
CA ARG C 45 48.24 -17.54 19.31
C ARG C 45 48.95 -17.78 17.97
N PRO C 46 49.71 -16.77 17.49
CA PRO C 46 50.34 -16.88 16.16
C PRO C 46 51.34 -18.04 16.03
N ASP C 47 51.88 -18.49 17.15
CA ASP C 47 52.72 -19.67 17.20
C ASP C 47 52.06 -20.94 16.68
N THR C 48 50.74 -20.96 16.65
CA THR C 48 50.03 -22.16 16.19
C THR C 48 49.95 -22.25 14.67
N LYS C 49 50.26 -21.17 13.95
CA LYS C 49 50.16 -21.19 12.50
C LYS C 49 51.02 -22.31 11.91
N THR C 50 52.18 -22.55 12.51
CA THR C 50 53.12 -23.56 12.05
C THR C 50 52.51 -24.96 11.88
N TYR C 51 51.47 -25.27 12.64
CA TYR C 51 50.86 -26.59 12.58
C TYR C 51 49.90 -26.78 11.39
N PHE C 52 49.47 -25.70 10.76
CA PHE C 52 48.34 -25.71 9.82
C PHE C 52 48.73 -25.39 8.36
N THR C 53 49.95 -25.75 7.99
CA THR C 53 50.46 -25.37 6.67
C THR C 53 49.82 -26.14 5.51
N ARG C 54 49.17 -27.28 5.76
CA ARG C 54 48.33 -27.92 4.71
C ARG C 54 47.26 -26.96 4.21
N LEU C 55 46.81 -26.07 5.10
CA LEU C 55 45.73 -25.15 4.79
C LEU C 55 46.19 -23.92 4.01
N GLY C 56 47.49 -23.78 3.80
CA GLY C 56 48.04 -22.64 3.07
C GLY C 56 48.00 -21.40 3.92
N ASP C 57 47.62 -20.28 3.30
CA ASP C 57 47.61 -18.99 3.99
CA ASP C 57 47.61 -18.99 3.98
C ASP C 57 46.41 -18.91 4.92
N VAL C 58 46.59 -19.37 6.14
CA VAL C 58 45.46 -19.40 7.08
C VAL C 58 44.92 -18.01 7.41
N GLN C 59 45.71 -16.97 7.13
CA GLN C 59 45.28 -15.59 7.34
C GLN C 59 44.19 -15.12 6.35
N LYS C 60 43.96 -15.85 5.27
CA LYS C 60 42.95 -15.46 4.26
C LYS C 60 41.48 -15.75 4.64
N GLY C 61 41.24 -16.48 5.71
CA GLY C 61 39.87 -16.74 6.16
C GLY C 61 38.98 -17.46 5.15
N LYS C 62 37.71 -17.04 5.07
CA LYS C 62 36.71 -17.75 4.25
C LYS C 62 37.16 -18.00 2.80
N ALA C 63 37.90 -17.05 2.22
CA ALA C 63 38.40 -17.18 0.84
C ALA C 63 39.36 -18.36 0.63
N ASN C 64 40.00 -18.83 1.71
CA ASN C 64 40.90 -19.97 1.63
C ASN C 64 40.04 -21.22 1.83
N SER C 65 39.80 -21.98 0.75
CA SER C 65 38.83 -23.07 0.79
C SER C 65 39.25 -24.22 1.73
N LYS C 66 40.54 -24.51 1.78
CA LYS C 66 41.01 -25.53 2.71
C LYS C 66 40.83 -25.10 4.15
N LEU C 67 41.10 -23.82 4.44
CA LEU C 67 40.86 -23.31 5.80
C LEU C 67 39.37 -23.37 6.11
N ARG C 68 38.56 -22.99 5.12
CA ARG C 68 37.11 -22.99 5.31
C ARG C 68 36.59 -24.41 5.63
N GLY C 69 37.04 -25.38 4.86
CA GLY C 69 36.62 -26.75 5.08
C GLY C 69 37.04 -27.25 6.46
N HIS C 70 38.26 -26.91 6.85
CA HIS C 70 38.74 -27.22 8.19
C HIS C 70 37.91 -26.58 9.29
N ALA C 71 37.66 -25.28 9.15
CA ALA C 71 36.93 -24.52 10.14
C ALA C 71 35.52 -25.07 10.36
N ILE C 72 34.87 -25.47 9.27
CA ILE C 72 33.54 -26.07 9.36
C ILE C 72 33.59 -27.39 10.14
N THR C 73 34.52 -28.26 9.77
CA THR C 73 34.68 -29.54 10.46
C THR C 73 34.98 -29.37 11.95
N LEU C 74 35.86 -28.43 12.27
CA LEU C 74 36.15 -28.16 13.68
CA LEU C 74 36.17 -28.11 13.68
C LEU C 74 34.89 -27.76 14.43
N THR C 75 34.03 -26.95 13.82
CA THR C 75 32.83 -26.50 14.50
C THR C 75 31.86 -27.64 14.73
N TYR C 76 31.75 -28.58 13.80
CA TYR C 76 30.96 -29.78 14.07
C TYR C 76 31.56 -30.67 15.17
N ALA C 77 32.86 -30.61 15.38
CA ALA C 77 33.46 -31.28 16.51
C ALA C 77 32.97 -30.66 17.81
N LEU C 78 32.87 -29.34 17.85
CA LEU C 78 32.30 -28.65 19.01
C LEU C 78 30.84 -29.05 19.21
N ASN C 79 30.09 -29.15 18.11
CA ASN C 79 28.68 -29.57 18.14
C ASN C 79 28.57 -30.95 18.78
N ASN C 80 29.46 -31.84 18.36
CA ASN C 80 29.57 -33.21 18.86
C ASN C 80 29.84 -33.21 20.37
N PHE C 81 30.80 -32.42 20.82
CA PHE C 81 31.05 -32.33 22.26
C PHE C 81 29.78 -31.94 23.02
N VAL C 82 29.09 -30.92 22.52
CA VAL C 82 27.90 -30.41 23.21
C VAL C 82 26.81 -31.48 23.26
N ASP C 83 26.70 -32.29 22.21
CA ASP C 83 25.73 -33.39 22.17
C ASP C 83 26.20 -34.66 22.91
N SER C 84 27.40 -34.61 23.52
CA SER C 84 27.98 -35.73 24.26
C SER C 84 27.84 -35.56 25.77
N LEU C 85 27.16 -34.51 26.22
CA LEU C 85 27.18 -34.15 27.64
C LEU C 85 26.32 -35.04 28.55
N ASP C 86 25.36 -35.76 27.97
CA ASP C 86 24.49 -36.65 28.75
C ASP C 86 25.09 -38.03 29.07
N ASP C 87 26.20 -38.36 28.44
CA ASP C 87 26.80 -39.68 28.53
C ASP C 87 28.32 -39.53 28.65
N PRO C 88 28.84 -39.63 29.87
CA PRO C 88 30.28 -39.52 30.04
C PRO C 88 31.08 -40.47 29.15
N SER C 89 30.55 -41.66 28.88
CA SER C 89 31.24 -42.61 28.02
C SER C 89 31.24 -42.15 26.57
N ARG C 90 30.20 -41.41 26.16
CA ARG C 90 30.19 -40.83 24.82
C ARG C 90 31.25 -39.73 24.75
N LEU C 91 31.22 -38.82 25.70
CA LEU C 91 32.21 -37.75 25.71
C LEU C 91 33.61 -38.35 25.70
N LYS C 92 33.84 -39.39 26.49
CA LYS C 92 35.17 -39.99 26.52
C LYS C 92 35.59 -40.51 25.15
N CYS C 93 34.73 -41.26 24.49
CA CYS C 93 35.14 -41.89 23.23
C CYS C 93 35.26 -40.86 22.10
N VAL C 94 34.48 -39.79 22.17
CA VAL C 94 34.56 -38.71 21.18
C VAL C 94 35.85 -37.93 21.37
N VAL C 95 36.17 -37.62 22.63
CA VAL C 95 37.45 -37.02 22.96
C VAL C 95 38.63 -37.89 22.52
N GLU C 96 38.55 -39.19 22.81
CA GLU C 96 39.63 -40.08 22.43
C GLU C 96 39.84 -40.10 20.93
N LYS C 97 38.76 -40.06 20.15
CA LYS C 97 38.84 -40.03 18.69
CA LYS C 97 38.90 -40.05 18.71
C LYS C 97 39.59 -38.77 18.24
N PHE C 98 39.16 -37.61 18.75
CA PHE C 98 39.81 -36.37 18.34
C PHE C 98 41.27 -36.29 18.85
N ALA C 99 41.54 -36.90 20.01
CA ALA C 99 42.91 -36.97 20.52
C ALA C 99 43.84 -37.77 19.60
N VAL C 100 43.35 -38.90 19.08
CA VAL C 100 44.12 -39.72 18.15
C VAL C 100 44.64 -38.85 17.01
N ASN C 101 43.74 -38.06 16.42
CA ASN C 101 44.11 -37.20 15.31
C ASN C 101 45.20 -36.20 15.69
N HIS C 102 45.06 -35.57 16.85
CA HIS C 102 46.04 -34.57 17.27
C HIS C 102 47.37 -35.18 17.72
N ILE C 103 47.32 -36.35 18.36
CA ILE C 103 48.55 -37.08 18.70
C ILE C 103 49.34 -37.36 17.44
N ASN C 104 48.64 -37.76 16.39
CA ASN C 104 49.30 -38.07 15.13
C ASN C 104 49.81 -36.85 14.36
N ARG C 105 49.27 -35.68 14.65
CA ARG C 105 49.86 -34.42 14.16
C ARG C 105 50.91 -33.85 15.15
N LYS C 106 51.32 -34.64 16.15
CA LYS C 106 52.28 -34.20 17.18
C LYS C 106 51.85 -32.91 17.89
N ILE C 107 50.58 -32.85 18.27
CA ILE C 107 50.04 -31.77 19.07
C ILE C 107 49.94 -32.26 20.52
N SER C 108 50.78 -31.67 21.39
CA SER C 108 50.77 -31.94 22.82
C SER C 108 49.56 -31.35 23.50
N GLY C 109 49.37 -31.74 24.76
CA GLY C 109 48.35 -31.16 25.62
C GLY C 109 48.53 -29.67 25.76
N ASP C 110 49.77 -29.22 25.96
CA ASP C 110 50.04 -27.78 26.07
C ASP C 110 49.70 -27.04 24.79
N ALA C 111 50.08 -27.61 23.65
CA ALA C 111 49.78 -27.02 22.36
C ALA C 111 48.28 -26.92 22.15
N PHE C 112 47.57 -28.00 22.43
CA PHE C 112 46.11 -28.04 22.22
C PHE C 112 45.44 -26.96 23.06
N GLY C 113 45.97 -26.71 24.26
CA GLY C 113 45.47 -25.68 25.14
C GLY C 113 45.56 -24.27 24.59
N ALA C 114 46.35 -24.09 23.54
CA ALA C 114 46.40 -22.80 22.85
C ALA C 114 45.02 -22.31 22.39
N ILE C 115 44.05 -23.20 22.24
CA ILE C 115 42.72 -22.82 21.80
C ILE C 115 41.93 -22.04 22.83
N VAL C 116 42.31 -22.11 24.12
CA VAL C 116 41.43 -21.64 25.17
C VAL C 116 41.18 -20.12 25.10
N GLU C 117 42.22 -19.33 24.97
CA GLU C 117 42.05 -17.88 24.88
C GLU C 117 41.38 -17.47 23.56
N PRO C 118 41.78 -18.05 22.42
CA PRO C 118 41.03 -17.85 21.18
C PRO C 118 39.53 -18.15 21.33
N MET C 119 39.19 -19.23 22.02
CA MET C 119 37.78 -19.57 22.21
C MET C 119 37.08 -18.54 23.09
N LYS C 120 37.73 -18.15 24.18
CA LYS C 120 37.21 -17.10 25.05
C LYS C 120 36.87 -15.84 24.27
N GLU C 121 37.78 -15.38 23.41
CA GLU C 121 37.54 -14.16 22.64
C GLU C 121 36.42 -14.35 21.63
N THR C 122 36.35 -15.55 21.04
CA THR C 122 35.27 -15.86 20.12
C THR C 122 33.90 -15.81 20.82
N LEU C 123 33.85 -16.38 22.02
CA LEU C 123 32.64 -16.36 22.85
C LEU C 123 32.22 -14.93 23.21
N LYS C 124 33.18 -14.11 23.62
CA LYS C 124 32.86 -12.70 23.90
C LYS C 124 32.28 -11.99 22.69
N ALA C 125 32.92 -12.18 21.55
CA ALA C 125 32.52 -11.50 20.32
C ALA C 125 31.13 -11.94 19.84
N ARG C 126 30.85 -13.23 19.96
CA ARG C 126 29.62 -13.77 19.38
C ARG C 126 28.45 -13.84 20.37
N MET C 127 28.71 -13.74 21.67
CA MET C 127 27.62 -13.77 22.67
C MET C 127 27.20 -12.40 23.18
N GLY C 128 27.99 -11.35 22.91
CA GLY C 128 27.66 -10.03 23.44
C GLY C 128 27.49 -10.06 24.95
N ASN C 129 26.42 -9.42 25.43
CA ASN C 129 26.21 -9.28 26.87
C ASN C 129 25.85 -10.58 27.58
N TYR C 130 25.55 -11.62 26.82
CA TYR C 130 25.30 -12.94 27.39
C TYR C 130 26.58 -13.73 27.73
N TYR C 131 27.74 -13.21 27.32
CA TYR C 131 29.00 -13.79 27.73
C TYR C 131 29.14 -13.73 29.24
N SER C 132 29.80 -14.73 29.81
CA SER C 132 30.25 -14.69 31.18
C SER C 132 31.57 -15.44 31.26
N ASP C 133 32.35 -15.15 32.29
CA ASP C 133 33.61 -15.86 32.49
CA ASP C 133 33.62 -15.85 32.50
C ASP C 133 33.40 -17.36 32.67
N ASP C 134 32.29 -17.73 33.31
CA ASP C 134 31.95 -19.14 33.50
C ASP C 134 31.71 -19.87 32.17
N VAL C 135 31.28 -19.14 31.15
CA VAL C 135 31.11 -19.76 29.84
C VAL C 135 32.48 -20.18 29.29
N ALA C 136 33.46 -19.28 29.39
CA ALA C 136 34.82 -19.59 28.96
C ALA C 136 35.39 -20.75 29.78
N GLY C 137 35.12 -20.73 31.08
CA GLY C 137 35.52 -21.82 31.99
C GLY C 137 34.97 -23.17 31.59
N ALA C 138 33.70 -23.19 31.19
CA ALA C 138 33.05 -24.40 30.69
C ALA C 138 33.78 -24.97 29.47
N TRP C 139 34.08 -24.11 28.50
CA TRP C 139 34.81 -24.53 27.30
C TRP C 139 36.26 -24.93 27.63
N ALA C 140 36.90 -24.25 28.57
CA ALA C 140 38.24 -24.64 29.02
C ALA C 140 38.20 -26.03 29.66
N ALA C 141 37.13 -26.33 30.40
CA ALA C 141 37.01 -27.64 31.04
C ALA C 141 36.88 -28.74 29.99
N LEU C 142 36.13 -28.44 28.93
CA LEU C 142 35.95 -29.37 27.85
C LEU C 142 37.28 -29.60 27.12
N VAL C 143 37.99 -28.52 26.83
CA VAL C 143 39.33 -28.64 26.26
C VAL C 143 40.27 -29.47 27.17
N GLY C 144 40.13 -29.29 28.48
CA GLY C 144 40.90 -30.06 29.45
C GLY C 144 40.74 -31.57 29.34
N VAL C 145 39.57 -32.02 28.90
CA VAL C 145 39.35 -33.45 28.67
C VAL C 145 40.26 -33.93 27.56
N VAL C 146 40.31 -33.18 26.46
CA VAL C 146 41.20 -33.53 25.34
C VAL C 146 42.65 -33.47 25.77
N GLN C 147 43.03 -32.41 26.49
CA GLN C 147 44.39 -32.29 27.00
C GLN C 147 44.83 -33.49 27.84
N ALA C 148 43.93 -33.99 28.68
CA ALA C 148 44.22 -35.19 29.49
C ALA C 148 44.44 -36.44 28.65
N ALA C 149 43.84 -36.47 27.47
CA ALA C 149 43.96 -37.59 26.54
C ALA C 149 45.19 -37.49 25.63
N LEU C 150 45.88 -36.35 25.64
CA LEU C 150 47.02 -36.12 24.75
C LEU C 150 48.36 -36.42 25.42
N SER D 2 36.92 -29.50 -11.99
CA SER D 2 35.91 -29.33 -13.06
C SER D 2 34.70 -30.25 -12.83
N ARG D 3 34.97 -31.53 -12.59
CA ARG D 3 33.90 -32.53 -12.36
C ARG D 3 33.22 -32.39 -10.98
N VAL D 4 34.02 -32.19 -9.96
CA VAL D 4 33.48 -31.87 -8.64
C VAL D 4 32.61 -30.62 -8.75
N ALA D 5 33.10 -29.58 -9.43
CA ALA D 5 32.31 -28.36 -9.55
C ALA D 5 30.98 -28.62 -10.22
N GLU D 6 30.99 -29.37 -11.31
CA GLU D 6 29.76 -29.67 -12.06
C GLU D 6 28.77 -30.36 -11.12
N LEU D 7 29.22 -31.40 -10.42
CA LEU D 7 28.30 -32.14 -9.56
C LEU D 7 27.83 -31.31 -8.37
N ALA D 8 28.73 -30.53 -7.76
CA ALA D 8 28.36 -29.66 -6.64
C ALA D 8 27.35 -28.59 -7.08
N ASN D 9 27.58 -27.94 -8.22
CA ASN D 9 26.61 -26.96 -8.74
C ASN D 9 25.25 -27.62 -8.94
N ALA D 10 25.23 -28.85 -9.45
CA ALA D 10 23.96 -29.57 -9.66
C ALA D 10 23.23 -29.87 -8.35
N VAL D 11 23.96 -30.23 -7.30
CA VAL D 11 23.33 -30.46 -5.99
C VAL D 11 22.68 -29.14 -5.49
N VAL D 12 23.40 -28.04 -5.60
CA VAL D 12 22.91 -26.76 -5.09
C VAL D 12 21.72 -26.26 -5.92
N SER D 13 21.64 -26.71 -7.17
CA SER D 13 20.54 -26.29 -8.05
CA SER D 13 20.54 -26.28 -8.05
C SER D 13 19.29 -27.15 -7.96
N ASN D 14 19.37 -28.29 -7.26
CA ASN D 14 18.25 -29.24 -7.25
C ASN D 14 17.41 -29.16 -5.97
N ALA D 15 16.37 -28.34 -5.99
CA ALA D 15 15.54 -28.11 -4.80
C ALA D 15 14.81 -29.38 -4.34
N ASP D 16 14.27 -30.16 -5.27
CA ASP D 16 13.51 -31.35 -4.86
C ASP D 16 14.40 -32.32 -4.09
N GLN D 17 15.62 -32.47 -4.56
CA GLN D 17 16.59 -33.33 -3.90
CA GLN D 17 16.60 -33.33 -3.92
C GLN D 17 16.95 -32.81 -2.52
N LYS D 18 17.03 -31.50 -2.34
CA LYS D 18 17.29 -30.94 -1.01
C LYS D 18 16.15 -31.29 -0.06
N ASP D 19 14.90 -31.22 -0.53
CA ASP D 19 13.75 -31.58 0.29
CA ASP D 19 13.74 -31.60 0.26
C ASP D 19 13.90 -33.03 0.80
N LEU D 20 14.25 -33.95 -0.10
CA LEU D 20 14.40 -35.35 0.28
C LEU D 20 15.52 -35.51 1.30
N LEU D 21 16.63 -34.78 1.13
CA LEU D 21 17.75 -34.89 2.04
C LEU D 21 17.36 -34.39 3.42
N ARG D 22 16.70 -33.25 3.49
CA ARG D 22 16.36 -32.66 4.77
C ARG D 22 15.27 -33.45 5.50
N MET D 23 14.27 -33.96 4.78
CA MET D 23 13.21 -34.76 5.36
CA MET D 23 13.21 -34.74 5.41
C MET D 23 13.81 -36.00 6.02
N SER D 24 14.62 -36.70 5.26
CA SER D 24 15.23 -37.93 5.76
C SER D 24 16.21 -37.58 6.89
N TRP D 25 16.92 -36.47 6.78
CA TRP D 25 17.80 -36.03 7.85
C TRP D 25 17.05 -35.84 9.18
N GLY D 26 15.81 -35.36 9.10
CA GLY D 26 15.01 -35.19 10.31
C GLY D 26 14.85 -36.48 11.09
N VAL D 27 14.79 -37.63 10.40
CA VAL D 27 14.68 -38.94 11.06
CA VAL D 27 14.70 -38.91 11.11
C VAL D 27 16.06 -39.53 11.39
N LEU D 28 17.03 -39.39 10.49
CA LEU D 28 18.37 -39.94 10.71
C LEU D 28 19.07 -39.32 11.90
N SER D 29 18.74 -38.06 12.19
CA SER D 29 19.45 -37.30 13.23
C SER D 29 18.77 -37.31 14.61
N VAL D 30 17.62 -37.97 14.75
CA VAL D 30 17.00 -38.07 16.06
C VAL D 30 17.97 -38.74 17.05
N ASP D 31 18.60 -39.81 16.58
CA ASP D 31 19.53 -40.61 17.40
C ASP D 31 20.81 -40.74 16.59
N MET D 32 21.63 -39.70 16.64
CA MET D 32 22.84 -39.65 15.83
CA MET D 32 22.81 -39.68 15.79
C MET D 32 23.73 -40.86 16.11
N GLU D 33 23.94 -41.17 17.38
CA GLU D 33 24.81 -42.27 17.73
C GLU D 33 24.27 -43.62 17.22
N GLY D 34 23.00 -43.89 17.49
CA GLY D 34 22.41 -45.14 17.07
C GLY D 34 22.37 -45.29 15.57
N THR D 35 22.02 -44.21 14.89
CA THR D 35 21.95 -44.22 13.43
C THR D 35 23.35 -44.41 12.83
N GLY D 36 24.34 -43.74 13.40
CA GLY D 36 25.71 -43.92 12.93
C GLY D 36 26.17 -45.36 13.05
N LEU D 37 25.90 -45.97 14.20
CA LEU D 37 26.28 -47.37 14.48
C LEU D 37 25.56 -48.29 13.52
N MET D 38 24.28 -47.98 13.24
CA MET D 38 23.49 -48.78 12.31
C MET D 38 24.07 -48.70 10.89
N LEU D 39 24.41 -47.48 10.46
CA LEU D 39 25.00 -47.28 9.16
C LEU D 39 26.31 -48.07 9.01
N MET D 40 27.17 -47.96 10.01
CA MET D 40 28.43 -48.71 10.02
C MET D 40 28.20 -50.22 10.05
N ALA D 41 27.27 -50.70 10.88
CA ALA D 41 26.94 -52.12 10.89
C ALA D 41 26.52 -52.59 9.49
N ASN D 42 25.69 -51.80 8.83
CA ASN D 42 25.24 -52.18 7.49
C ASN D 42 26.41 -52.21 6.51
N LEU D 43 27.33 -51.26 6.64
CA LEU D 43 28.53 -51.24 5.81
C LEU D 43 29.36 -52.51 5.98
N PHE D 44 29.58 -52.91 7.23
CA PHE D 44 30.38 -54.10 7.47
C PHE D 44 29.69 -55.38 7.00
N LYS D 45 28.35 -55.35 6.95
CA LYS D 45 27.54 -56.50 6.52
CA LYS D 45 27.58 -56.53 6.54
C LYS D 45 27.74 -56.74 5.04
N THR D 46 27.67 -55.66 4.28
CA THR D 46 27.67 -55.74 2.82
C THR D 46 29.05 -55.55 2.13
N SER D 47 30.02 -54.97 2.84
CA SER D 47 31.41 -54.90 2.38
C SER D 47 32.39 -55.60 3.35
N PRO D 48 32.77 -56.85 3.05
CA PRO D 48 33.77 -57.50 3.92
C PRO D 48 35.07 -56.72 4.01
N SER D 49 35.50 -56.17 2.87
CA SER D 49 36.74 -55.38 2.79
CA SER D 49 36.74 -55.38 2.79
C SER D 49 36.76 -54.18 3.73
N ALA D 50 35.59 -53.63 4.06
CA ALA D 50 35.54 -52.45 4.92
C ALA D 50 36.11 -52.72 6.30
N LYS D 51 35.87 -53.91 6.83
CA LYS D 51 36.40 -54.26 8.15
C LYS D 51 37.91 -54.02 8.20
N GLY D 52 38.61 -54.50 7.18
CA GLY D 52 40.05 -54.32 7.07
C GLY D 52 40.47 -52.87 6.99
N LYS D 53 39.76 -52.05 6.20
CA LYS D 53 40.08 -50.62 6.09
C LYS D 53 39.87 -49.90 7.43
N PHE D 54 38.95 -50.42 8.23
CA PHE D 54 38.64 -49.87 9.55
C PHE D 54 39.35 -50.62 10.69
N ALA D 55 40.55 -51.14 10.40
CA ALA D 55 41.29 -51.95 11.36
C ALA D 55 41.53 -51.21 12.67
N ARG D 56 41.75 -49.89 12.61
CA ARG D 56 41.98 -49.11 13.83
C ARG D 56 40.88 -49.32 14.86
N LEU D 57 39.66 -49.56 14.40
CA LEU D 57 38.52 -49.61 15.28
C LEU D 57 38.40 -50.93 16.07
N GLY D 58 39.24 -51.92 15.75
CA GLY D 58 39.22 -53.20 16.47
C GLY D 58 38.03 -54.07 16.09
N ASP D 59 37.39 -54.65 17.10
CA ASP D 59 36.33 -55.63 16.89
C ASP D 59 35.03 -54.92 16.61
N VAL D 60 34.82 -54.63 15.34
CA VAL D 60 33.65 -53.84 14.96
C VAL D 60 32.36 -54.63 15.15
N SER D 61 32.44 -55.96 15.17
CA SER D 61 31.24 -56.76 15.41
C SER D 61 30.56 -56.43 16.75
N ALA D 62 31.34 -55.86 17.68
CA ALA D 62 30.83 -55.50 19.01
C ALA D 62 29.88 -54.28 19.01
N GLY D 63 29.82 -53.57 17.89
CA GLY D 63 28.87 -52.48 17.75
C GLY D 63 29.00 -51.43 18.84
N LYS D 64 27.89 -51.10 19.50
CA LYS D 64 27.89 -50.05 20.51
C LYS D 64 28.82 -50.31 21.69
N ASP D 65 29.25 -51.56 21.89
CA ASP D 65 30.15 -51.86 23.00
C ASP D 65 31.64 -51.62 22.67
N ASN D 66 31.92 -51.15 21.46
CA ASN D 66 33.28 -50.84 21.03
C ASN D 66 33.40 -49.32 21.01
N SER D 67 34.20 -48.76 21.91
CA SER D 67 34.29 -47.32 22.10
CA SER D 67 34.30 -47.32 22.09
C SER D 67 34.86 -46.60 20.88
N LYS D 68 35.88 -47.18 20.25
CA LYS D 68 36.47 -46.61 19.05
C LYS D 68 35.44 -46.57 17.92
N LEU D 69 34.69 -47.65 17.76
CA LEU D 69 33.62 -47.65 16.74
C LEU D 69 32.52 -46.65 17.08
N ARG D 70 32.16 -46.49 18.34
CA ARG D 70 31.19 -45.46 18.71
C ARG D 70 31.69 -44.07 18.34
N GLY D 71 32.94 -43.75 18.68
CA GLY D 71 33.49 -42.42 18.38
C GLY D 71 33.47 -42.15 16.89
N HIS D 72 33.90 -43.13 16.11
CA HIS D 72 33.88 -42.99 14.67
C HIS D 72 32.48 -42.79 14.11
N SER D 73 31.55 -43.64 14.54
CA SER D 73 30.20 -43.66 14.01
C SER D 73 29.47 -42.36 14.29
N ILE D 74 29.68 -41.81 15.47
CA ILE D 74 29.12 -40.48 15.79
C ILE D 74 29.69 -39.39 14.87
N THR D 75 31.01 -39.40 14.66
CA THR D 75 31.63 -38.39 13.82
C THR D 75 31.13 -38.49 12.37
N LEU D 76 30.91 -39.72 11.92
CA LEU D 76 30.35 -39.92 10.57
C LEU D 76 29.01 -39.20 10.41
N MET D 77 28.17 -39.28 11.43
CA MET D 77 26.90 -38.58 11.40
C MET D 77 27.03 -37.07 11.36
N TYR D 78 27.99 -36.48 12.05
CA TYR D 78 28.24 -35.04 11.87
C TYR D 78 28.77 -34.69 10.48
N ALA D 79 29.42 -35.61 9.80
CA ALA D 79 29.82 -35.40 8.42
C ALA D 79 28.59 -35.35 7.53
N LEU D 80 27.58 -36.16 7.82
CA LEU D 80 26.33 -36.06 7.07
C LEU D 80 25.60 -34.76 7.40
N GLN D 81 25.63 -34.33 8.64
CA GLN D 81 25.06 -33.01 9.01
C GLN D 81 25.74 -31.90 8.23
N ASN D 82 27.07 -32.00 8.14
CA ASN D 82 27.90 -31.06 7.34
C ASN D 82 27.36 -30.95 5.89
N PHE D 83 27.21 -32.09 5.21
CA PHE D 83 26.59 -32.10 3.88
C PHE D 83 25.25 -31.38 3.88
N VAL D 84 24.37 -31.73 4.82
CA VAL D 84 23.02 -31.18 4.84
C VAL D 84 23.06 -29.66 4.99
N ASP D 85 24.02 -29.16 5.75
CA ASP D 85 24.15 -27.73 5.98
C ASP D 85 24.86 -26.96 4.83
N ALA D 86 25.35 -27.69 3.83
CA ALA D 86 26.10 -27.10 2.71
C ALA D 86 25.29 -27.04 1.40
N LEU D 87 24.00 -27.33 1.43
CA LEU D 87 23.21 -27.53 0.22
C LEU D 87 22.86 -26.23 -0.53
N ASP D 88 23.05 -25.07 0.12
CA ASP D 88 22.71 -23.80 -0.50
C ASP D 88 23.93 -22.93 -0.86
N ASP D 89 25.12 -23.51 -0.84
CA ASP D 89 26.35 -22.74 -1.02
C ASP D 89 27.36 -23.63 -1.71
N VAL D 90 27.59 -23.41 -2.99
CA VAL D 90 28.40 -24.30 -3.82
CA VAL D 90 28.38 -24.35 -3.78
C VAL D 90 29.84 -24.35 -3.36
N GLU D 91 30.42 -23.19 -3.04
CA GLU D 91 31.80 -23.15 -2.58
C GLU D 91 31.93 -23.85 -1.23
N ARG D 92 30.92 -23.68 -0.38
CA ARG D 92 30.87 -24.44 0.88
C ARG D 92 30.84 -25.95 0.63
N LEU D 93 29.93 -26.40 -0.22
CA LEU D 93 29.83 -27.84 -0.51
C LEU D 93 31.14 -28.37 -1.10
N LYS D 94 31.75 -27.61 -2.01
CA LYS D 94 32.98 -28.05 -2.65
CA LYS D 94 32.99 -28.02 -2.65
C LYS D 94 34.12 -28.19 -1.63
N CYS D 95 34.26 -27.23 -0.72
CA CYS D 95 35.36 -27.33 0.25
C CYS D 95 35.14 -28.46 1.26
N VAL D 96 33.88 -28.76 1.57
CA VAL D 96 33.55 -29.87 2.45
C VAL D 96 33.88 -31.21 1.78
N VAL D 97 33.44 -31.34 0.54
CA VAL D 97 33.74 -32.52 -0.25
C VAL D 97 35.25 -32.74 -0.41
N GLU D 98 35.97 -31.67 -0.72
N GLU D 98 35.97 -31.66 -0.76
CA GLU D 98 37.40 -31.79 -0.95
CA GLU D 98 37.41 -31.74 -0.98
C GLU D 98 38.11 -32.26 0.30
C GLU D 98 38.12 -32.22 0.28
N LYS D 99 37.69 -31.75 1.45
CA LYS D 99 38.27 -32.20 2.71
C LYS D 99 37.98 -33.70 2.97
N PHE D 100 36.72 -34.12 2.77
CA PHE D 100 36.40 -35.54 2.83
C PHE D 100 37.28 -36.36 1.90
N ALA D 101 37.49 -35.88 0.69
CA ALA D 101 38.29 -36.62 -0.27
C ALA D 101 39.71 -36.77 0.23
N VAL D 102 40.29 -35.69 0.75
CA VAL D 102 41.67 -35.75 1.28
C VAL D 102 41.79 -36.81 2.35
N ASN D 103 40.85 -36.84 3.28
CA ASN D 103 40.89 -37.80 4.38
CA ASN D 103 40.94 -37.82 4.37
C ASN D 103 40.84 -39.24 3.87
N HIS D 104 39.97 -39.50 2.91
CA HIS D 104 39.79 -40.88 2.44
C HIS D 104 40.92 -41.32 1.52
N ILE D 105 41.49 -40.38 0.76
CA ILE D 105 42.72 -40.66 0.02
C ILE D 105 43.80 -41.11 0.99
N ASN D 106 43.92 -40.41 2.12
CA ASN D 106 44.95 -40.76 3.10
C ASN D 106 44.76 -42.15 3.72
N ARG D 107 43.54 -42.67 3.63
CA ARG D 107 43.23 -43.99 4.21
C ARG D 107 43.03 -45.06 3.12
N GLN D 108 43.51 -44.72 1.91
CA GLN D 108 43.49 -45.61 0.73
CA GLN D 108 43.51 -45.65 0.77
C GLN D 108 42.11 -46.15 0.41
N ILE D 109 41.16 -45.22 0.38
CA ILE D 109 39.80 -45.50 -0.02
C ILE D 109 39.58 -44.99 -1.44
N SER D 110 39.28 -45.92 -2.35
CA SER D 110 39.01 -45.59 -3.73
C SER D 110 37.61 -45.06 -3.92
N ALA D 111 37.33 -44.52 -5.10
CA ALA D 111 35.97 -44.13 -5.45
C ALA D 111 35.01 -45.33 -5.32
N ASP D 112 35.41 -46.49 -5.83
CA ASP D 112 34.54 -47.66 -5.77
C ASP D 112 34.26 -48.08 -4.34
N GLU D 113 35.27 -47.99 -3.48
CA GLU D 113 35.05 -48.35 -2.08
C GLU D 113 34.13 -47.34 -1.41
N PHE D 114 34.36 -46.06 -1.67
CA PHE D 114 33.54 -45.00 -1.07
C PHE D 114 32.04 -45.18 -1.44
N GLY D 115 31.78 -45.65 -2.66
CA GLY D 115 30.41 -45.94 -3.09
C GLY D 115 29.70 -47.09 -2.40
N GLU D 116 30.43 -47.86 -1.59
CA GLU D 116 29.85 -48.94 -0.80
C GLU D 116 28.94 -48.42 0.31
N ILE D 117 28.95 -47.11 0.57
CA ILE D 117 28.08 -46.55 1.58
C ILE D 117 26.61 -46.45 1.17
N VAL D 118 26.29 -46.46 -0.13
CA VAL D 118 24.93 -46.17 -0.56
C VAL D 118 23.92 -47.25 -0.12
N GLY D 119 24.24 -48.52 -0.31
CA GLY D 119 23.36 -49.59 0.12
C GLY D 119 23.09 -49.50 1.62
N PRO D 120 24.17 -49.37 2.41
CA PRO D 120 24.04 -49.18 3.84
C PRO D 120 23.14 -48.00 4.20
N LEU D 121 23.28 -46.88 3.50
CA LEU D 121 22.40 -45.73 3.73
CA LEU D 121 22.40 -45.75 3.76
C LEU D 121 20.95 -46.10 3.42
N ARG D 122 20.72 -46.79 2.30
CA ARG D 122 19.37 -47.22 1.96
C ARG D 122 18.75 -48.05 3.07
N GLN D 123 19.51 -49.02 3.58
CA GLN D 123 18.96 -49.89 4.61
C GLN D 123 18.70 -49.12 5.91
N THR D 124 19.57 -48.17 6.22
CA THR D 124 19.40 -47.34 7.40
C THR D 124 18.18 -46.41 7.23
N LEU D 125 18.05 -45.82 6.03
CA LEU D 125 16.90 -44.96 5.70
C LEU D 125 15.62 -45.74 5.84
N LYS D 126 15.59 -46.97 5.34
CA LYS D 126 14.37 -47.77 5.43
C LYS D 126 14.06 -48.07 6.90
N ALA D 127 15.07 -48.42 7.69
CA ALA D 127 14.86 -48.68 9.13
C ALA D 127 14.29 -47.46 9.87
N ARG D 128 14.70 -46.26 9.48
CA ARG D 128 14.28 -45.04 10.17
C ARG D 128 13.00 -44.38 9.58
N MET D 129 12.90 -44.26 8.24
CA MET D 129 11.74 -43.64 7.54
C MET D 129 10.45 -44.48 7.58
N GLY D 130 10.59 -45.77 7.87
CA GLY D 130 9.41 -46.64 8.06
C GLY D 130 8.49 -46.68 6.84
N ASN D 131 7.18 -46.44 7.08
CA ASN D 131 6.15 -46.53 6.04
C ASN D 131 6.25 -45.41 5.02
N TYR D 132 7.22 -44.52 5.23
CA TYR D 132 7.40 -43.36 4.40
C TYR D 132 8.78 -43.34 3.75
N PHE D 133 9.43 -44.49 3.70
CA PHE D 133 10.63 -44.62 2.88
C PHE D 133 10.30 -44.34 1.41
N ASP D 134 11.23 -43.71 0.69
CA ASP D 134 11.13 -43.73 -0.76
CA ASP D 134 11.12 -43.60 -0.77
C ASP D 134 12.48 -43.80 -1.43
N GLU D 135 12.47 -44.45 -2.58
CA GLU D 135 13.66 -44.75 -3.33
C GLU D 135 14.41 -43.47 -3.74
N ASP D 136 13.65 -42.41 -4.02
CA ASP D 136 14.23 -41.15 -4.45
C ASP D 136 15.13 -40.55 -3.39
N THR D 137 14.88 -40.86 -2.12
CA THR D 137 15.72 -40.34 -1.06
CA THR D 137 15.72 -40.38 -1.02
C THR D 137 17.12 -40.98 -1.12
N VAL D 138 17.18 -42.24 -1.51
CA VAL D 138 18.46 -42.91 -1.70
C VAL D 138 19.29 -42.20 -2.78
N ALA D 139 18.66 -41.90 -3.92
CA ALA D 139 19.36 -41.22 -4.99
C ALA D 139 19.84 -39.84 -4.54
N ALA D 140 19.06 -39.18 -3.69
CA ALA D 140 19.45 -37.88 -3.16
C ALA D 140 20.77 -37.99 -2.37
N TRP D 141 20.85 -38.95 -1.46
CA TRP D 141 22.11 -39.17 -0.73
C TRP D 141 23.24 -39.62 -1.64
N ALA D 142 22.92 -40.47 -2.60
CA ALA D 142 23.92 -40.93 -3.57
C ALA D 142 24.52 -39.76 -4.37
N SER D 143 23.73 -38.70 -4.64
CA SER D 143 24.29 -37.55 -5.32
CA SER D 143 24.28 -37.55 -5.35
C SER D 143 25.42 -36.92 -4.54
N LEU D 144 25.28 -36.87 -3.22
CA LEU D 144 26.33 -36.29 -2.38
C LEU D 144 27.55 -37.20 -2.41
N VAL D 145 27.32 -38.50 -2.25
CA VAL D 145 28.42 -39.48 -2.30
C VAL D 145 29.20 -39.35 -3.61
N ALA D 146 28.47 -39.17 -4.71
CA ALA D 146 29.09 -39.05 -6.02
C ALA D 146 30.00 -37.83 -6.17
N VAL D 147 29.70 -36.75 -5.45
CA VAL D 147 30.56 -35.56 -5.53
C VAL D 147 31.93 -35.91 -4.96
N VAL D 148 31.90 -36.61 -3.82
CA VAL D 148 33.16 -37.07 -3.20
C VAL D 148 33.88 -38.08 -4.10
N GLN D 149 33.13 -39.00 -4.69
CA GLN D 149 33.74 -39.96 -5.60
C GLN D 149 34.46 -39.28 -6.76
N ALA D 150 33.92 -38.16 -7.27
CA ALA D 150 34.57 -37.39 -8.34
C ALA D 150 35.91 -36.80 -7.89
N ALA D 151 36.07 -36.62 -6.59
CA ALA D 151 37.29 -36.06 -6.00
C ALA D 151 38.31 -37.11 -5.60
N LEU D 152 37.91 -38.37 -5.52
CA LEU D 152 38.81 -39.40 -4.98
C LEU D 152 39.81 -39.95 -5.98
C ACE E 1 5.81 15.63 -32.63
O ACE E 1 4.95 16.37 -33.11
CH3 ACE E 1 6.88 15.03 -33.53
N VAL E 2 6.28 15.98 -31.41
CA VAL E 2 5.34 16.63 -30.43
C VAL E 2 5.13 18.10 -30.76
N ASP E 3 6.21 18.82 -31.04
CA ASP E 3 6.09 20.24 -31.35
C ASP E 3 5.16 20.48 -32.55
N ALA E 4 5.29 19.66 -33.59
CA ALA E 4 4.46 19.79 -34.76
C ALA E 4 3.01 19.47 -34.45
N ALA E 5 2.81 18.45 -33.60
CA ALA E 5 1.45 18.07 -33.23
C ALA E 5 0.78 19.15 -32.38
N VAL E 6 1.54 19.72 -31.45
CA VAL E 6 1.06 20.83 -30.65
C VAL E 6 0.67 22.00 -31.55
N ALA E 7 1.50 22.29 -32.54
CA ALA E 7 1.26 23.41 -33.43
C ALA E 7 0.00 23.23 -34.29
N LYS E 8 -0.28 21.98 -34.68
CA LYS E 8 -1.50 21.69 -35.43
CA LYS E 8 -1.50 21.67 -35.43
C LYS E 8 -2.72 22.14 -34.64
N VAL E 9 -2.68 21.96 -33.32
CA VAL E 9 -3.77 22.35 -32.44
C VAL E 9 -3.72 23.83 -32.08
N CYS E 10 -2.63 24.25 -31.42
CA CYS E 10 -2.53 25.62 -30.90
C CYS E 10 -2.45 26.68 -31.99
N GLY E 11 -1.97 26.29 -33.18
CA GLY E 11 -1.89 27.19 -34.31
C GLY E 11 -3.19 27.32 -35.08
N SER E 12 -4.21 26.55 -34.71
CA SER E 12 -5.50 26.56 -35.39
C SER E 12 -6.59 27.17 -34.53
N GLU E 13 -7.02 28.36 -34.90
N GLU E 13 -7.03 28.38 -34.89
CA GLU E 13 -8.12 29.03 -34.23
CA GLU E 13 -8.13 29.00 -34.16
C GLU E 13 -9.38 28.17 -34.23
C GLU E 13 -9.41 28.18 -34.23
N ALA E 14 -9.63 27.50 -35.36
CA ALA E 14 -10.82 26.65 -35.48
C ALA E 14 -10.76 25.48 -34.53
N ILE E 15 -9.62 24.78 -34.49
CA ILE E 15 -9.49 23.63 -33.58
C ILE E 15 -9.65 24.08 -32.13
N LYS E 16 -9.00 25.19 -31.78
CA LYS E 16 -9.12 25.69 -30.42
C LYS E 16 -10.55 26.06 -30.07
N ALA E 17 -11.24 26.75 -30.99
CA ALA E 17 -12.62 27.11 -30.78
C ALA E 17 -13.50 25.89 -30.55
N ASN E 18 -13.29 24.87 -31.36
CA ASN E 18 -14.11 23.69 -31.31
C ASN E 18 -13.82 22.82 -30.07
N LEU E 19 -12.55 22.77 -29.66
CA LEU E 19 -12.21 22.17 -28.37
C LEU E 19 -12.88 22.91 -27.22
N ARG E 20 -12.83 24.24 -27.23
CA ARG E 20 -13.38 24.99 -26.12
C ARG E 20 -14.90 24.88 -26.03
N ARG E 21 -15.58 24.97 -27.15
CA ARG E 21 -17.03 24.96 -27.10
C ARG E 21 -17.56 23.57 -26.71
N SER E 22 -16.91 22.53 -27.20
CA SER E 22 -17.33 21.18 -26.86
C SER E 22 -17.00 20.88 -25.41
N TRP E 23 -15.84 21.34 -24.93
CA TRP E 23 -15.52 21.21 -23.52
C TRP E 23 -16.58 21.93 -22.67
N GLY E 24 -17.05 23.10 -23.11
CA GLY E 24 -18.09 23.80 -22.38
C GLY E 24 -19.29 22.90 -22.15
N VAL E 25 -19.72 22.19 -23.18
CA VAL E 25 -20.81 21.23 -23.04
C VAL E 25 -20.47 20.08 -22.12
N LEU E 26 -19.32 19.46 -22.35
CA LEU E 26 -18.90 18.31 -21.55
C LEU E 26 -18.84 18.67 -20.06
N SER E 27 -18.43 19.89 -19.77
CA SER E 27 -18.20 20.33 -18.39
C SER E 27 -19.50 20.48 -17.58
N ALA E 28 -20.66 20.45 -18.25
CA ALA E 28 -21.95 20.37 -17.54
C ALA E 28 -22.04 19.10 -16.65
N ASP E 29 -21.26 18.06 -16.98
CA ASP E 29 -21.20 16.86 -16.16
C ASP E 29 -19.88 16.16 -16.43
N ILE E 30 -18.86 16.60 -15.70
CA ILE E 30 -17.50 16.05 -15.82
C ILE E 30 -17.50 14.53 -15.55
N GLU E 31 -18.14 14.12 -14.47
CA GLU E 31 -18.16 12.68 -14.15
C GLU E 31 -18.86 11.85 -15.24
N ALA E 32 -20.02 12.31 -15.71
CA ALA E 32 -20.75 11.54 -16.71
C ALA E 32 -19.99 11.50 -18.03
N THR E 33 -19.31 12.59 -18.37
CA THR E 33 -18.47 12.62 -19.56
C THR E 33 -17.42 11.52 -19.50
N GLY E 34 -16.70 11.43 -18.39
CA GLY E 34 -15.68 10.41 -18.27
C GLY E 34 -16.24 9.00 -18.33
N LEU E 35 -17.35 8.77 -17.64
CA LEU E 35 -17.94 7.45 -17.64
C LEU E 35 -18.42 7.07 -19.03
N MET E 36 -19.02 8.03 -19.74
CA MET E 36 -19.50 7.76 -21.09
C MET E 36 -18.35 7.49 -22.04
N LEU E 37 -17.28 8.25 -21.93
CA LEU E 37 -16.13 8.06 -22.81
C LEU E 37 -15.55 6.66 -22.59
N MET E 38 -15.38 6.26 -21.33
N MET E 38 -15.39 6.27 -21.33
CA MET E 38 -14.88 4.91 -21.00
CA MET E 38 -14.88 4.93 -21.01
C MET E 38 -15.84 3.83 -21.50
C MET E 38 -15.84 3.83 -21.48
N SER E 39 -17.14 4.03 -21.29
CA SER E 39 -18.13 3.06 -21.77
C SER E 39 -18.03 2.90 -23.31
N ASN E 40 -17.87 4.02 -23.99
CA ASN E 40 -17.70 4.01 -25.44
C ASN E 40 -16.40 3.34 -25.87
N LEU E 41 -15.32 3.57 -25.12
CA LEU E 41 -14.06 2.90 -25.41
C LEU E 41 -14.24 1.39 -25.34
N PHE E 42 -14.85 0.91 -24.26
CA PHE E 42 -14.94 -0.54 -24.05
C PHE E 42 -16.01 -1.23 -24.89
N THR E 43 -16.98 -0.45 -25.37
CA THR E 43 -18.01 -0.94 -26.28
C THR E 43 -17.53 -1.00 -27.71
N LEU E 44 -16.94 0.09 -28.20
CA LEU E 44 -16.40 0.13 -29.55
C LEU E 44 -15.09 -0.65 -29.69
N ARG E 45 -14.35 -0.74 -28.59
CA ARG E 45 -13.01 -1.33 -28.59
C ARG E 45 -12.80 -2.23 -27.36
N PRO E 46 -13.59 -3.32 -27.27
CA PRO E 46 -13.43 -4.23 -26.12
C PRO E 46 -12.04 -4.85 -26.05
N ASP E 47 -11.31 -4.86 -27.16
CA ASP E 47 -9.92 -5.35 -27.14
C ASP E 47 -9.04 -4.59 -26.16
N THR E 48 -9.40 -3.34 -25.87
CA THR E 48 -8.60 -2.54 -24.94
C THR E 48 -8.87 -2.80 -23.45
N LYS E 49 -9.89 -3.58 -23.13
CA LYS E 49 -10.22 -3.84 -21.73
C LYS E 49 -9.04 -4.44 -21.00
N THR E 50 -8.23 -5.24 -21.69
CA THR E 50 -7.15 -5.99 -21.04
C THR E 50 -6.01 -5.09 -20.54
N TYR E 51 -5.96 -3.84 -21.02
CA TYR E 51 -4.98 -2.88 -20.52
C TYR E 51 -5.27 -2.34 -19.13
N PHE E 52 -6.52 -2.51 -18.68
CA PHE E 52 -6.98 -1.86 -17.46
C PHE E 52 -7.07 -2.85 -16.32
N THR E 53 -5.91 -3.47 -16.05
CA THR E 53 -5.77 -4.58 -15.10
C THR E 53 -6.05 -4.25 -13.64
N ARG E 54 -6.00 -2.97 -13.28
CA ARG E 54 -6.24 -2.54 -11.92
C ARG E 54 -7.72 -2.20 -11.64
N LEU E 55 -8.49 -1.93 -12.69
CA LEU E 55 -9.81 -1.32 -12.52
C LEU E 55 -10.98 -2.29 -12.39
N GLY E 56 -10.70 -3.58 -12.34
CA GLY E 56 -11.74 -4.57 -12.15
C GLY E 56 -12.67 -4.66 -13.35
N ASP E 57 -13.95 -4.86 -13.07
CA ASP E 57 -14.95 -5.11 -14.11
C ASP E 57 -15.35 -3.76 -14.69
N VAL E 58 -14.65 -3.35 -15.75
CA VAL E 58 -14.82 -2.01 -16.26
C VAL E 58 -16.22 -1.78 -16.85
N GLN E 59 -16.91 -2.86 -17.24
CA GLN E 59 -18.26 -2.75 -17.78
C GLN E 59 -19.33 -2.31 -16.73
N LYS E 60 -19.01 -2.40 -15.43
CA LYS E 60 -19.95 -1.99 -14.37
C LYS E 60 -20.12 -0.46 -14.23
N GLY E 61 -19.28 0.33 -14.90
CA GLY E 61 -19.47 1.77 -14.92
C GLY E 61 -19.37 2.42 -13.55
N LYS E 62 -20.30 3.34 -13.27
CA LYS E 62 -20.26 4.16 -12.06
CA LYS E 62 -20.26 4.17 -12.05
C LYS E 62 -20.18 3.32 -10.78
N ALA E 63 -20.86 2.17 -10.78
CA ALA E 63 -20.87 1.28 -9.62
C ALA E 63 -19.49 0.71 -9.24
N ASN E 64 -18.58 0.66 -10.21
CA ASN E 64 -17.21 0.26 -9.99
C ASN E 64 -16.43 1.48 -9.55
N SER E 65 -16.12 1.58 -8.26
CA SER E 65 -15.51 2.80 -7.76
C SER E 65 -14.14 3.11 -8.35
N LYS E 66 -13.33 2.08 -8.63
CA LYS E 66 -12.02 2.34 -9.26
C LYS E 66 -12.18 2.88 -10.67
N LEU E 67 -13.10 2.30 -11.42
CA LEU E 67 -13.38 2.82 -12.76
C LEU E 67 -13.90 4.25 -12.65
N ARG E 68 -14.79 4.52 -11.70
CA ARG E 68 -15.33 5.85 -11.50
C ARG E 68 -14.22 6.88 -11.21
N GLY E 69 -13.34 6.55 -10.26
CA GLY E 69 -12.23 7.44 -9.92
C GLY E 69 -11.34 7.73 -11.12
N HIS E 70 -11.08 6.69 -11.89
CA HIS E 70 -10.31 6.81 -13.09
C HIS E 70 -10.97 7.72 -14.14
N ALA E 71 -12.25 7.47 -14.39
CA ALA E 71 -12.99 8.18 -15.40
C ALA E 71 -13.11 9.66 -15.09
N ILE E 72 -13.33 9.98 -13.83
CA ILE E 72 -13.39 11.37 -13.39
C ILE E 72 -12.04 12.05 -13.63
N THR E 73 -10.97 11.39 -13.20
CA THR E 73 -9.65 11.98 -13.29
C THR E 73 -9.20 12.15 -14.74
N LEU E 74 -9.56 11.20 -15.58
CA LEU E 74 -9.31 11.33 -17.01
C LEU E 74 -9.97 12.58 -17.58
N THR E 75 -11.17 12.89 -17.11
CA THR E 75 -11.90 14.03 -17.65
C THR E 75 -11.25 15.34 -17.19
N TYR E 76 -10.65 15.36 -16.00
CA TYR E 76 -9.84 16.51 -15.61
C TYR E 76 -8.54 16.64 -16.42
N ALA E 77 -8.01 15.53 -16.95
CA ALA E 77 -6.91 15.65 -17.91
C ALA E 77 -7.37 16.38 -19.17
N LEU E 78 -8.55 16.04 -19.65
CA LEU E 78 -9.13 16.77 -20.79
C LEU E 78 -9.31 18.26 -20.46
N ASN E 79 -9.82 18.57 -19.28
CA ASN E 79 -9.99 19.94 -18.81
C ASN E 79 -8.67 20.68 -18.84
N ASN E 80 -7.63 20.03 -18.40
CA ASN E 80 -6.28 20.58 -18.35
C ASN E 80 -5.76 20.84 -19.75
N PHE E 81 -5.94 19.88 -20.66
CA PHE E 81 -5.59 20.10 -22.06
C PHE E 81 -6.29 21.34 -22.65
N VAL E 82 -7.59 21.46 -22.41
CA VAL E 82 -8.34 22.60 -22.96
C VAL E 82 -7.82 23.88 -22.35
N ASP E 83 -7.51 23.90 -21.06
CA ASP E 83 -6.98 25.09 -20.41
C ASP E 83 -5.53 25.42 -20.84
N SER E 84 -4.89 24.51 -21.56
CA SER E 84 -3.51 24.68 -22.03
C SER E 84 -3.38 25.26 -23.42
N LEU E 85 -4.51 25.51 -24.07
CA LEU E 85 -4.50 25.79 -25.50
C LEU E 85 -3.86 27.11 -25.87
N ASP E 86 -3.80 28.08 -24.94
CA ASP E 86 -3.26 29.41 -25.23
CA ASP E 86 -3.25 29.40 -25.27
C ASP E 86 -1.73 29.45 -25.11
N ASP E 87 -1.13 28.37 -24.62
CA ASP E 87 0.32 28.34 -24.40
C ASP E 87 0.87 27.01 -24.90
N PRO E 88 1.44 27.00 -26.12
CA PRO E 88 1.95 25.75 -26.68
C PRO E 88 2.90 25.01 -25.73
N SER E 89 3.77 25.76 -25.06
CA SER E 89 4.70 25.14 -24.11
C SER E 89 3.97 24.45 -22.95
N ARG E 90 2.85 25.02 -22.50
CA ARG E 90 2.07 24.37 -21.46
C ARG E 90 1.44 23.11 -22.01
N LEU E 91 0.77 23.15 -23.15
CA LEU E 91 0.18 21.92 -23.69
C LEU E 91 1.23 20.83 -23.85
N LYS E 92 2.41 21.20 -24.34
CA LYS E 92 3.50 20.26 -24.55
C LYS E 92 3.86 19.55 -23.24
N CYS E 93 4.11 20.30 -22.17
CA CYS E 93 4.57 19.67 -20.93
C CYS E 93 3.47 18.89 -20.23
N VAL E 94 2.22 19.31 -20.41
CA VAL E 94 1.10 18.56 -19.83
C VAL E 94 0.89 17.25 -20.60
N VAL E 95 0.91 17.31 -21.92
CA VAL E 95 0.85 16.11 -22.72
C VAL E 95 2.01 15.17 -22.38
N GLU E 96 3.21 15.70 -22.23
CA GLU E 96 4.36 14.86 -21.90
C GLU E 96 4.17 14.12 -20.58
N LYS E 97 3.59 14.80 -19.60
CA LYS E 97 3.29 14.21 -18.29
C LYS E 97 2.34 13.03 -18.48
N PHE E 98 1.21 13.22 -19.18
N PHE E 98 1.28 13.32 -19.19
CA PHE E 98 0.25 12.13 -19.38
CA PHE E 98 0.26 12.38 -19.49
C PHE E 98 0.81 11.04 -20.28
C PHE E 98 0.75 11.17 -20.29
N ALA E 99 1.72 11.39 -21.18
CA ALA E 99 2.35 10.36 -21.99
C ALA E 99 3.16 9.39 -21.12
N VAL E 100 3.90 9.92 -20.15
CA VAL E 100 4.65 9.06 -19.23
C VAL E 100 3.69 8.11 -18.48
N ASN E 101 2.55 8.62 -18.05
CA ASN E 101 1.57 7.75 -17.37
C ASN E 101 1.19 6.55 -18.27
N HIS E 102 1.05 6.81 -19.56
CA HIS E 102 0.63 5.77 -20.51
C HIS E 102 1.76 4.84 -20.92
N ILE E 103 2.96 5.37 -21.09
CA ILE E 103 4.13 4.54 -21.33
C ILE E 103 4.28 3.54 -20.21
N ASN E 104 4.08 3.98 -18.98
CA ASN E 104 4.22 3.11 -17.81
C ASN E 104 3.18 2.00 -17.77
N ARG E 105 2.05 2.18 -18.48
CA ARG E 105 1.00 1.16 -18.53
CA ARG E 105 0.99 1.17 -18.53
C ARG E 105 1.01 0.41 -19.86
N LYS E 106 2.13 0.49 -20.58
CA LYS E 106 2.34 -0.31 -21.79
CA LYS E 106 2.35 -0.30 -21.79
C LYS E 106 1.41 0.08 -22.94
N ILE E 107 1.06 1.37 -23.02
CA ILE E 107 0.14 1.91 -24.04
C ILE E 107 0.93 2.61 -25.14
N SER E 108 0.87 2.05 -26.35
CA SER E 108 1.49 2.64 -27.51
C SER E 108 0.65 3.80 -28.09
N GLY E 109 1.23 4.57 -29.00
CA GLY E 109 0.48 5.56 -29.76
C GLY E 109 -0.71 4.94 -30.48
N ASP E 110 -0.50 3.76 -31.05
CA ASP E 110 -1.58 3.05 -31.76
C ASP E 110 -2.72 2.66 -30.82
N ALA E 111 -2.37 2.16 -29.64
CA ALA E 111 -3.38 1.82 -28.66
C ALA E 111 -4.11 3.08 -28.18
N PHE E 112 -3.35 4.15 -27.91
CA PHE E 112 -3.96 5.37 -27.39
C PHE E 112 -4.98 5.92 -28.40
N GLY E 113 -4.66 5.79 -29.69
CA GLY E 113 -5.56 6.24 -30.74
C GLY E 113 -6.88 5.50 -30.81
N ALA E 114 -7.02 4.37 -30.13
CA ALA E 114 -8.30 3.67 -30.02
C ALA E 114 -9.42 4.57 -29.50
N ILE E 115 -9.05 5.63 -28.78
CA ILE E 115 -10.02 6.52 -28.16
C ILE E 115 -10.76 7.42 -29.16
N VAL E 116 -10.25 7.55 -30.38
CA VAL E 116 -10.74 8.60 -31.29
C VAL E 116 -12.23 8.41 -31.64
N GLU E 117 -12.60 7.20 -32.06
CA GLU E 117 -13.98 6.94 -32.42
C GLU E 117 -14.90 6.98 -31.18
N PRO E 118 -14.46 6.39 -30.04
CA PRO E 118 -15.18 6.59 -28.79
C PRO E 118 -15.42 8.07 -28.43
N MET E 119 -14.41 8.90 -28.62
CA MET E 119 -14.56 10.33 -28.36
C MET E 119 -15.58 10.97 -29.29
N LYS E 120 -15.53 10.62 -30.57
CA LYS E 120 -16.50 11.15 -31.54
C LYS E 120 -17.92 10.79 -31.10
N GLU E 121 -18.13 9.54 -30.66
CA GLU E 121 -19.44 9.12 -30.22
C GLU E 121 -19.91 9.90 -29.00
N THR E 122 -19.00 10.13 -28.06
CA THR E 122 -19.30 10.86 -26.84
C THR E 122 -19.71 12.30 -27.19
N LEU E 123 -18.94 12.92 -28.09
CA LEU E 123 -19.23 14.29 -28.54
C LEU E 123 -20.61 14.36 -29.18
N LYS E 124 -20.92 13.42 -30.06
CA LYS E 124 -22.23 13.44 -30.71
CA LYS E 124 -22.22 13.43 -30.72
C LYS E 124 -23.34 13.32 -29.69
N ALA E 125 -23.18 12.37 -28.76
CA ALA E 125 -24.24 12.09 -27.79
C ALA E 125 -24.49 13.26 -26.86
N ARG E 126 -23.43 13.95 -26.47
CA ARG E 126 -23.54 15.01 -25.48
C ARG E 126 -23.78 16.41 -26.06
N MET E 127 -23.50 16.62 -27.36
CA MET E 127 -23.64 17.93 -27.96
C MET E 127 -24.91 18.11 -28.77
N GLY E 128 -25.64 17.02 -29.02
CA GLY E 128 -26.88 17.13 -29.77
C GLY E 128 -26.69 17.89 -31.08
N ASN E 129 -27.60 18.81 -31.36
CA ASN E 129 -27.55 19.54 -32.61
C ASN E 129 -26.44 20.61 -32.73
N TYR E 130 -25.62 20.75 -31.68
CA TYR E 130 -24.42 21.58 -31.76
C TYR E 130 -23.18 20.82 -32.22
N TYR E 131 -23.29 19.50 -32.39
CA TYR E 131 -22.18 18.72 -32.89
C TYR E 131 -21.91 19.05 -34.35
N SER E 132 -20.63 19.02 -34.74
CA SER E 132 -20.27 18.96 -36.17
C SER E 132 -19.03 18.09 -36.27
N ASP E 133 -18.76 17.57 -37.48
CA ASP E 133 -17.58 16.72 -37.65
C ASP E 133 -16.28 17.48 -37.40
N ASP E 134 -16.28 18.81 -37.54
CA ASP E 134 -15.10 19.59 -37.19
C ASP E 134 -14.73 19.47 -35.71
N VAL E 135 -15.72 19.28 -34.85
CA VAL E 135 -15.46 19.07 -33.43
C VAL E 135 -14.70 17.76 -33.21
N ALA E 136 -15.15 16.71 -33.88
CA ALA E 136 -14.44 15.43 -33.77
C ALA E 136 -13.01 15.58 -34.30
N GLY E 137 -12.86 16.33 -35.39
CA GLY E 137 -11.53 16.55 -35.95
C GLY E 137 -10.61 17.26 -34.99
N ALA E 138 -11.16 18.18 -34.21
CA ALA E 138 -10.38 18.93 -33.25
C ALA E 138 -9.89 17.99 -32.15
N TRP E 139 -10.76 17.14 -31.64
CA TRP E 139 -10.34 16.19 -30.61
C TRP E 139 -9.39 15.14 -31.15
N ALA E 140 -9.55 14.73 -32.41
CA ALA E 140 -8.60 13.81 -33.01
C ALA E 140 -7.21 14.43 -33.07
N ALA E 141 -7.13 15.71 -33.41
CA ALA E 141 -5.87 16.42 -33.43
C ALA E 141 -5.23 16.50 -32.04
N LEU E 142 -6.05 16.77 -31.03
CA LEU E 142 -5.55 16.79 -29.65
C LEU E 142 -5.03 15.42 -29.22
N VAL E 143 -5.78 14.38 -29.51
CA VAL E 143 -5.31 13.01 -29.22
C VAL E 143 -3.99 12.76 -29.95
N GLY E 144 -3.87 13.30 -31.16
CA GLY E 144 -2.62 13.18 -31.92
C GLY E 144 -1.40 13.77 -31.25
N VAL E 145 -1.58 14.76 -30.40
CA VAL E 145 -0.46 15.31 -29.64
C VAL E 145 0.06 14.25 -28.66
N VAL E 146 -0.84 13.57 -27.97
CA VAL E 146 -0.41 12.51 -27.05
C VAL E 146 0.22 11.37 -27.84
N GLN E 147 -0.38 10.99 -28.97
CA GLN E 147 0.21 9.92 -29.79
C GLN E 147 1.65 10.26 -30.20
N ALA E 148 1.90 11.51 -30.56
CA ALA E 148 3.26 11.94 -30.95
C ALA E 148 4.24 11.85 -29.78
N ALA E 149 3.73 11.98 -28.56
CA ALA E 149 4.56 11.93 -27.35
C ALA E 149 4.81 10.51 -26.84
N LEU E 150 4.14 9.54 -27.45
CA LEU E 150 4.32 8.15 -27.10
C LEU E 150 5.23 7.51 -28.16
N SER F 2 -15.01 1.50 6.82
CA SER F 2 -13.89 2.18 6.10
C SER F 2 -13.58 3.56 6.71
N ARG F 3 -12.31 3.79 7.05
CA ARG F 3 -11.87 5.06 7.63
C ARG F 3 -11.85 6.20 6.63
N VAL F 4 -11.32 5.89 5.44
CA VAL F 4 -11.41 6.82 4.34
C VAL F 4 -12.86 7.21 4.13
N ALA F 5 -13.76 6.23 4.15
CA ALA F 5 -15.18 6.46 3.97
C ALA F 5 -15.72 7.38 5.05
N GLU F 6 -15.30 7.11 6.30
CA GLU F 6 -15.76 7.91 7.41
C GLU F 6 -15.32 9.37 7.29
N LEU F 7 -14.04 9.59 6.99
CA LEU F 7 -13.54 10.97 6.86
C LEU F 7 -14.09 11.66 5.62
N ALA F 8 -14.28 10.92 4.54
CA ALA F 8 -14.93 11.48 3.35
C ALA F 8 -16.34 11.94 3.72
N ASN F 9 -17.06 11.12 4.48
CA ASN F 9 -18.39 11.50 4.91
C ASN F 9 -18.36 12.75 5.79
N ALA F 10 -17.36 12.83 6.67
CA ALA F 10 -17.23 13.99 7.56
C ALA F 10 -16.98 15.28 6.75
N VAL F 11 -16.16 15.19 5.71
CA VAL F 11 -15.92 16.35 4.84
C VAL F 11 -17.17 16.74 4.05
N VAL F 12 -17.90 15.76 3.52
CA VAL F 12 -19.13 16.08 2.81
C VAL F 12 -20.16 16.69 3.78
N SER F 13 -20.11 16.26 5.04
CA SER F 13 -21.08 16.72 6.03
CA SER F 13 -21.08 16.71 6.04
C SER F 13 -20.86 18.15 6.55
N ASN F 14 -19.62 18.59 6.59
CA ASN F 14 -19.28 19.86 7.24
C ASN F 14 -19.39 21.06 6.30
N ALA F 15 -20.52 21.75 6.43
CA ALA F 15 -20.84 22.81 5.50
C ALA F 15 -19.92 24.01 5.60
N ASP F 16 -19.60 24.44 6.80
CA ASP F 16 -18.76 25.62 6.97
C ASP F 16 -17.36 25.37 6.42
N GLN F 17 -16.80 24.19 6.59
CA GLN F 17 -15.48 23.97 6.01
CA GLN F 17 -15.51 23.83 6.02
C GLN F 17 -15.56 23.77 4.49
N LYS F 18 -16.66 23.24 3.98
CA LYS F 18 -16.87 23.17 2.55
CA LYS F 18 -16.86 23.17 2.53
C LYS F 18 -16.86 24.59 1.94
N ASP F 19 -17.54 25.51 2.62
CA ASP F 19 -17.55 26.91 2.20
C ASP F 19 -16.14 27.46 2.17
N LEU F 20 -15.34 27.19 3.20
CA LEU F 20 -13.96 27.67 3.21
C LEU F 20 -13.12 27.06 2.11
N LEU F 21 -13.32 25.79 1.83
CA LEU F 21 -12.62 25.15 0.70
C LEU F 21 -12.96 25.82 -0.63
N ARG F 22 -14.25 26.01 -0.88
CA ARG F 22 -14.68 26.61 -2.13
C ARG F 22 -14.24 28.07 -2.28
N MET F 23 -14.31 28.84 -1.20
CA MET F 23 -13.92 30.24 -1.24
CA MET F 23 -13.93 30.24 -1.27
C MET F 23 -12.43 30.34 -1.53
N SER F 24 -11.64 29.61 -0.76
CA SER F 24 -10.20 29.70 -0.95
C SER F 24 -9.78 29.09 -2.28
N TRP F 25 -10.46 28.03 -2.72
CA TRP F 25 -10.20 27.47 -4.05
C TRP F 25 -10.50 28.49 -5.16
N GLY F 26 -11.51 29.32 -4.97
CA GLY F 26 -11.79 30.38 -5.92
C GLY F 26 -10.60 31.29 -6.15
N VAL F 27 -9.80 31.48 -5.10
CA VAL F 27 -8.60 32.31 -5.19
C VAL F 27 -7.41 31.51 -5.70
N LEU F 28 -7.20 30.32 -5.14
CA LEU F 28 -6.08 29.50 -5.56
C LEU F 28 -6.10 29.12 -7.04
N SER F 29 -7.30 28.96 -7.58
CA SER F 29 -7.48 28.52 -8.97
C SER F 29 -7.48 29.63 -10.00
N VAL F 30 -7.35 30.88 -9.58
CA VAL F 30 -7.24 31.99 -10.54
C VAL F 30 -6.07 31.75 -11.50
N ASP F 31 -4.93 31.34 -10.92
CA ASP F 31 -3.70 31.06 -11.65
C ASP F 31 -3.27 29.64 -11.36
N MET F 32 -3.85 28.70 -12.08
CA MET F 32 -3.60 27.28 -11.79
C MET F 32 -2.11 26.94 -11.85
N GLU F 33 -1.44 27.40 -12.89
CA GLU F 33 -0.04 27.09 -13.06
C GLU F 33 0.80 27.76 -11.99
N GLY F 34 0.62 29.07 -11.83
CA GLY F 34 1.41 29.84 -10.87
C GLY F 34 1.24 29.31 -9.45
N THR F 35 -0.01 29.06 -9.08
CA THR F 35 -0.30 28.60 -7.73
C THR F 35 0.21 27.17 -7.54
N GLY F 36 0.10 26.32 -8.56
CA GLY F 36 0.65 24.99 -8.45
C GLY F 36 2.17 24.98 -8.28
N LEU F 37 2.86 25.80 -9.07
CA LEU F 37 4.31 25.92 -8.93
C LEU F 37 4.71 26.48 -7.57
N MET F 38 3.91 27.41 -7.06
CA MET F 38 4.15 27.99 -5.74
C MET F 38 3.99 26.96 -4.63
N LEU F 39 2.92 26.18 -4.71
CA LEU F 39 2.71 25.09 -3.74
C LEU F 39 3.90 24.11 -3.72
N MET F 40 4.34 23.71 -4.89
CA MET F 40 5.48 22.81 -5.01
C MET F 40 6.78 23.44 -4.53
N ALA F 41 7.00 24.70 -4.87
CA ALA F 41 8.21 25.42 -4.42
C ALA F 41 8.26 25.44 -2.92
N ASN F 42 7.12 25.73 -2.29
CA ASN F 42 7.05 25.71 -0.83
C ASN F 42 7.27 24.32 -0.25
N LEU F 43 6.69 23.31 -0.87
CA LEU F 43 6.91 21.93 -0.43
C LEU F 43 8.40 21.59 -0.40
N PHE F 44 9.13 21.89 -1.47
CA PHE F 44 10.54 21.54 -1.51
C PHE F 44 11.36 22.34 -0.51
N LYS F 45 10.88 23.54 -0.17
CA LYS F 45 11.58 24.35 0.83
C LYS F 45 11.43 23.84 2.26
N THR F 46 10.27 23.27 2.59
CA THR F 46 9.99 22.93 3.97
C THR F 46 9.95 21.44 4.25
N SER F 47 9.74 20.61 3.25
CA SER F 47 9.61 19.17 3.47
C SER F 47 10.92 18.55 3.11
N PRO F 48 11.65 18.04 4.12
CA PRO F 48 12.99 17.52 3.88
C PRO F 48 12.98 16.34 2.91
N SER F 49 12.02 15.43 3.08
CA SER F 49 11.93 14.23 2.24
C SER F 49 11.52 14.47 0.77
N ALA F 50 10.92 15.62 0.47
CA ALA F 50 10.25 15.80 -0.81
C ALA F 50 11.19 15.70 -2.01
N LYS F 51 12.35 16.33 -1.95
CA LYS F 51 13.25 16.41 -3.11
CA LYS F 51 13.20 16.40 -3.13
C LYS F 51 13.55 15.01 -3.67
N GLY F 52 13.99 14.12 -2.79
CA GLY F 52 14.32 12.76 -3.18
C GLY F 52 13.14 11.99 -3.76
N LYS F 53 11.95 12.19 -3.19
CA LYS F 53 10.75 11.48 -3.67
C LYS F 53 10.42 11.90 -5.11
N PHE F 54 10.80 13.12 -5.47
CA PHE F 54 10.46 13.71 -6.77
C PHE F 54 11.58 13.64 -7.83
N ALA F 55 12.48 12.67 -7.71
CA ALA F 55 13.65 12.63 -8.61
C ALA F 55 13.38 12.56 -10.14
N ARG F 56 12.27 11.97 -10.59
CA ARG F 56 11.87 11.95 -12.04
C ARG F 56 11.80 13.34 -12.64
N LEU F 57 11.38 14.30 -11.81
CA LEU F 57 11.16 15.63 -12.30
C LEU F 57 12.48 16.35 -12.55
N GLY F 58 13.57 15.79 -12.00
CA GLY F 58 14.89 16.38 -12.17
C GLY F 58 15.13 17.44 -11.12
N ASP F 59 15.63 18.59 -11.58
CA ASP F 59 16.00 19.69 -10.69
C ASP F 59 14.76 20.45 -10.27
N VAL F 60 14.24 20.11 -9.10
CA VAL F 60 12.96 20.65 -8.67
C VAL F 60 13.02 22.08 -8.14
N SER F 61 14.22 22.64 -7.96
CA SER F 61 14.35 24.06 -7.59
C SER F 61 14.16 25.02 -8.77
N ALA F 62 14.06 24.49 -9.99
CA ALA F 62 14.07 25.33 -11.20
C ALA F 62 12.69 25.89 -11.61
N GLY F 63 11.65 25.54 -10.86
CA GLY F 63 10.33 26.12 -11.06
C GLY F 63 9.83 25.95 -12.48
N LYS F 64 9.28 27.01 -13.04
CA LYS F 64 8.69 26.96 -14.37
C LYS F 64 9.69 26.58 -15.47
N ASP F 65 10.99 26.73 -15.21
CA ASP F 65 12.01 26.37 -16.20
C ASP F 65 12.24 24.86 -16.32
N ASN F 66 11.65 24.09 -15.42
CA ASN F 66 11.70 22.64 -15.46
C ASN F 66 10.36 22.15 -16.00
N SER F 67 10.35 21.64 -17.24
CA SER F 67 9.08 21.30 -17.88
C SER F 67 8.33 20.16 -17.22
N LYS F 68 9.06 19.18 -16.68
CA LYS F 68 8.45 18.06 -15.98
C LYS F 68 7.81 18.54 -14.67
N LEU F 69 8.50 19.42 -13.94
CA LEU F 69 7.91 20.04 -12.75
C LEU F 69 6.69 20.87 -13.10
N ARG F 70 6.79 21.59 -14.21
CA ARG F 70 5.68 22.42 -14.65
C ARG F 70 4.42 21.58 -14.95
N GLY F 71 4.59 20.52 -15.71
CA GLY F 71 3.48 19.64 -16.05
C GLY F 71 2.89 18.99 -14.80
N HIS F 72 3.77 18.54 -13.90
CA HIS F 72 3.35 17.98 -12.63
C HIS F 72 2.52 18.98 -11.81
N SER F 73 3.03 20.19 -11.67
CA SER F 73 2.43 21.20 -10.80
C SER F 73 1.05 21.65 -11.28
N ILE F 74 0.90 21.78 -12.59
CA ILE F 74 -0.39 22.09 -13.20
C ILE F 74 -1.37 20.95 -12.95
N THR F 75 -0.92 19.73 -13.16
CA THR F 75 -1.78 18.59 -13.02
C THR F 75 -2.23 18.41 -11.57
N LEU F 76 -1.34 18.74 -10.63
CA LEU F 76 -1.68 18.68 -9.21
CA LEU F 76 -1.65 18.72 -9.18
C LEU F 76 -2.87 19.60 -8.90
N MET F 77 -2.89 20.77 -9.53
CA MET F 77 -4.00 21.69 -9.32
C MET F 77 -5.32 21.14 -9.84
N TYR F 78 -5.31 20.35 -10.91
CA TYR F 78 -6.52 19.68 -11.36
C TYR F 78 -6.97 18.56 -10.44
N ALA F 79 -6.03 17.98 -9.71
CA ALA F 79 -6.38 16.99 -8.65
C ALA F 79 -7.16 17.70 -7.53
N LEU F 80 -6.70 18.88 -7.14
CA LEU F 80 -7.43 19.70 -6.19
C LEU F 80 -8.79 20.14 -6.69
N GLN F 81 -8.90 20.56 -7.94
CA GLN F 81 -10.20 20.86 -8.55
C GLN F 81 -11.14 19.66 -8.45
N ASN F 82 -10.59 18.48 -8.76
CA ASN F 82 -11.29 17.20 -8.67
C ASN F 82 -11.87 17.03 -7.25
N PHE F 83 -11.03 17.17 -6.24
CA PHE F 83 -11.54 17.09 -4.87
C PHE F 83 -12.64 18.11 -4.58
N VAL F 84 -12.43 19.36 -4.98
CA VAL F 84 -13.41 20.40 -4.71
C VAL F 84 -14.76 20.10 -5.36
N ASP F 85 -14.74 19.46 -6.53
CA ASP F 85 -15.96 19.11 -7.26
C ASP F 85 -16.61 17.83 -6.71
N ALA F 86 -15.98 17.19 -5.74
CA ALA F 86 -16.49 15.95 -5.14
C ALA F 86 -17.10 16.20 -3.76
N LEU F 87 -17.21 17.46 -3.33
CA LEU F 87 -17.55 17.76 -1.94
C LEU F 87 -19.02 17.53 -1.58
N ASP F 88 -19.86 17.19 -2.55
CA ASP F 88 -21.27 16.93 -2.31
C ASP F 88 -21.65 15.47 -2.53
N ASP F 89 -20.67 14.58 -2.67
CA ASP F 89 -20.95 13.16 -2.97
C ASP F 89 -19.90 12.29 -2.30
N VAL F 90 -20.29 11.61 -1.22
CA VAL F 90 -19.35 10.86 -0.41
C VAL F 90 -18.61 9.81 -1.24
N GLU F 91 -19.33 9.00 -1.99
CA GLU F 91 -18.68 7.94 -2.76
C GLU F 91 -17.80 8.52 -3.88
N ARG F 92 -18.19 9.67 -4.45
CA ARG F 92 -17.33 10.32 -5.41
C ARG F 92 -16.02 10.77 -4.77
N LEU F 93 -16.12 11.46 -3.64
CA LEU F 93 -14.92 11.90 -2.95
C LEU F 93 -14.05 10.70 -2.57
N LYS F 94 -14.67 9.63 -2.06
CA LYS F 94 -13.90 8.44 -1.70
CA LYS F 94 -13.91 8.44 -1.69
C LYS F 94 -13.15 7.87 -2.88
N CYS F 95 -13.79 7.77 -4.04
CA CYS F 95 -13.14 7.09 -5.15
C CYS F 95 -11.99 7.90 -5.71
N VAL F 96 -12.11 9.23 -5.69
CA VAL F 96 -10.99 10.03 -6.19
CA VAL F 96 -11.06 10.16 -6.12
C VAL F 96 -9.87 10.13 -5.15
N VAL F 97 -10.20 10.19 -3.87
CA VAL F 97 -9.17 10.05 -2.85
C VAL F 97 -8.42 8.73 -3.03
N GLU F 98 -9.15 7.65 -3.24
CA GLU F 98 -8.50 6.34 -3.37
C GLU F 98 -7.60 6.29 -4.61
N LYS F 99 -8.04 6.93 -5.69
CA LYS F 99 -7.26 6.96 -6.92
C LYS F 99 -5.92 7.67 -6.66
N PHE F 100 -5.98 8.86 -6.07
CA PHE F 100 -4.75 9.59 -5.83
C PHE F 100 -3.91 8.90 -4.72
N ALA F 101 -4.55 8.21 -3.78
CA ALA F 101 -3.80 7.45 -2.79
C ALA F 101 -2.94 6.38 -3.46
N VAL F 102 -3.51 5.65 -4.41
CA VAL F 102 -2.75 4.65 -5.15
C VAL F 102 -1.53 5.27 -5.84
N ASN F 103 -1.69 6.45 -6.44
CA ASN F 103 -0.57 7.14 -7.08
C ASN F 103 0.54 7.37 -6.05
N HIS F 104 0.17 7.75 -4.83
CA HIS F 104 1.18 8.12 -3.83
C HIS F 104 1.77 6.89 -3.11
N ILE F 105 0.97 5.85 -2.92
CA ILE F 105 1.47 4.57 -2.42
C ILE F 105 2.56 4.06 -3.37
N ASN F 106 2.31 4.15 -4.68
CA ASN F 106 3.28 3.74 -5.69
C ASN F 106 4.59 4.50 -5.61
N ARG F 107 4.56 5.72 -5.06
CA ARG F 107 5.75 6.55 -4.88
CA ARG F 107 5.75 6.55 -4.90
C ARG F 107 6.27 6.50 -3.45
N GLN F 108 5.73 5.58 -2.66
CA GLN F 108 6.13 5.38 -1.25
CA GLN F 108 6.17 5.39 -1.26
C GLN F 108 6.03 6.65 -0.40
N ILE F 109 4.88 7.30 -0.50
CA ILE F 109 4.59 8.47 0.33
C ILE F 109 3.77 8.04 1.52
N SER F 110 4.29 8.30 2.71
CA SER F 110 3.57 7.97 3.95
C SER F 110 2.50 9.02 4.25
N ALA F 111 1.60 8.70 5.17
CA ALA F 111 0.60 9.66 5.65
C ALA F 111 1.27 10.91 6.20
N ASP F 112 2.34 10.73 6.97
CA ASP F 112 3.03 11.88 7.55
CA ASP F 112 3.07 11.86 7.57
C ASP F 112 3.66 12.73 6.47
N GLU F 113 4.30 12.08 5.51
CA GLU F 113 4.89 12.81 4.39
C GLU F 113 3.83 13.57 3.58
N PHE F 114 2.69 12.95 3.35
CA PHE F 114 1.62 13.60 2.56
C PHE F 114 1.10 14.84 3.31
N GLY F 115 1.01 14.73 4.63
CA GLY F 115 0.61 15.82 5.50
C GLY F 115 1.51 17.04 5.47
N GLU F 116 2.72 16.88 4.95
CA GLU F 116 3.66 17.99 4.82
C GLU F 116 3.27 18.98 3.73
N ILE F 117 2.17 18.71 3.03
CA ILE F 117 1.60 19.70 2.10
C ILE F 117 0.88 20.82 2.84
N VAL F 118 0.55 20.64 4.12
CA VAL F 118 -0.28 21.63 4.82
C VAL F 118 0.45 22.96 5.01
N GLY F 119 1.70 22.92 5.45
CA GLY F 119 2.51 24.13 5.54
C GLY F 119 2.59 24.90 4.21
N PRO F 120 2.99 24.22 3.13
CA PRO F 120 2.97 24.78 1.79
C PRO F 120 1.62 25.39 1.45
N LEU F 121 0.52 24.72 1.78
CA LEU F 121 -0.81 25.29 1.53
C LEU F 121 -1.03 26.57 2.32
N ARG F 122 -0.62 26.58 3.60
CA ARG F 122 -0.71 27.80 4.41
C ARG F 122 0.08 28.95 3.76
N GLN F 123 1.32 28.69 3.39
CA GLN F 123 2.17 29.73 2.83
C GLN F 123 1.57 30.26 1.54
N THR F 124 1.09 29.36 0.71
CA THR F 124 0.44 29.70 -0.56
C THR F 124 -0.82 30.51 -0.31
N LEU F 125 -1.62 30.12 0.66
CA LEU F 125 -2.80 30.90 1.01
C LEU F 125 -2.45 32.27 1.56
N LYS F 126 -1.40 32.40 2.37
CA LYS F 126 -0.98 33.72 2.79
C LYS F 126 -0.63 34.62 1.58
N ALA F 127 0.08 34.03 0.62
CA ALA F 127 0.48 34.75 -0.58
C ALA F 127 -0.72 35.16 -1.43
N ARG F 128 -1.70 34.28 -1.54
CA ARG F 128 -2.85 34.56 -2.42
C ARG F 128 -3.97 35.34 -1.73
N MET F 129 -4.07 35.24 -0.41
CA MET F 129 -5.17 35.88 0.32
C MET F 129 -4.78 37.23 0.90
N GLY F 130 -3.48 37.48 1.08
CA GLY F 130 -3.04 38.73 1.68
C GLY F 130 -3.61 38.98 3.08
N ASN F 131 -4.06 40.22 3.31
CA ASN F 131 -4.63 40.65 4.58
C ASN F 131 -5.86 39.86 5.00
N TYR F 132 -6.52 39.23 4.03
CA TYR F 132 -7.71 38.43 4.30
C TYR F 132 -7.40 36.96 4.63
N PHE F 133 -6.12 36.58 4.69
CA PHE F 133 -5.76 35.25 5.15
C PHE F 133 -6.35 34.91 6.52
N ASP F 134 -6.84 33.68 6.66
CA ASP F 134 -7.28 33.18 7.94
C ASP F 134 -6.94 31.71 8.04
N GLU F 135 -6.41 31.31 9.19
CA GLU F 135 -6.00 29.95 9.44
C GLU F 135 -7.18 28.97 9.32
N ASP F 136 -8.41 29.46 9.47
CA ASP F 136 -9.56 28.57 9.28
C ASP F 136 -9.57 27.89 7.92
N THR F 137 -9.09 28.57 6.89
CA THR F 137 -8.99 27.97 5.56
C THR F 137 -7.97 26.84 5.54
N VAL F 138 -6.89 26.99 6.30
CA VAL F 138 -5.87 25.94 6.38
C VAL F 138 -6.44 24.69 7.03
N ALA F 139 -7.17 24.87 8.12
CA ALA F 139 -7.78 23.73 8.81
C ALA F 139 -8.74 22.98 7.89
N ALA F 140 -9.44 23.73 7.03
CA ALA F 140 -10.37 23.10 6.08
C ALA F 140 -9.60 22.23 5.09
N TRP F 141 -8.52 22.76 4.53
CA TRP F 141 -7.69 22.00 3.62
C TRP F 141 -7.06 20.81 4.34
N ALA F 142 -6.63 20.99 5.58
CA ALA F 142 -6.04 19.89 6.35
C ALA F 142 -7.05 18.75 6.50
N SER F 143 -8.33 19.06 6.67
CA SER F 143 -9.35 18.02 6.79
CA SER F 143 -9.38 18.03 6.78
C SER F 143 -9.47 17.20 5.51
N LEU F 144 -9.34 17.86 4.36
CA LEU F 144 -9.40 17.15 3.09
CA LEU F 144 -9.39 17.16 3.09
C LEU F 144 -8.13 16.30 2.93
N VAL F 145 -6.97 16.89 3.23
CA VAL F 145 -5.71 16.16 3.20
C VAL F 145 -5.76 14.87 4.07
N ALA F 146 -6.42 14.98 5.22
CA ALA F 146 -6.54 13.86 6.18
C ALA F 146 -7.30 12.68 5.61
N VAL F 147 -8.21 12.92 4.68
CA VAL F 147 -8.92 11.82 4.04
C VAL F 147 -7.93 11.01 3.19
N VAL F 148 -7.06 11.69 2.46
CA VAL F 148 -6.01 10.99 1.70
C VAL F 148 -5.05 10.30 2.66
N GLN F 149 -4.64 10.99 3.70
CA GLN F 149 -3.71 10.39 4.68
C GLN F 149 -4.22 9.05 5.23
N ALA F 150 -5.53 8.96 5.43
CA ALA F 150 -6.15 7.72 5.94
C ALA F 150 -6.04 6.55 4.94
N ALA F 151 -5.89 6.90 3.66
CA ALA F 151 -5.83 5.93 2.56
C ALA F 151 -4.40 5.46 2.28
N LEU F 152 -3.40 6.10 2.92
CA LEU F 152 -2.00 5.84 2.58
C LEU F 152 -1.43 4.73 3.45
C ACE G 1 -29.06 56.26 -18.64
O ACE G 1 -27.88 56.01 -18.87
CH3 ACE G 1 -29.54 57.70 -18.73
N VAL G 2 -29.94 55.44 -19.24
CA VAL G 2 -29.64 53.96 -19.31
C VAL G 2 -28.65 53.66 -20.42
N ASP G 3 -28.87 54.23 -21.61
CA ASP G 3 -27.99 53.95 -22.73
C ASP G 3 -26.58 54.44 -22.49
N ALA G 4 -26.42 55.64 -21.93
CA ALA G 4 -25.10 56.14 -21.54
C ALA G 4 -24.43 55.23 -20.51
N ALA G 5 -25.20 54.75 -19.54
CA ALA G 5 -24.66 53.87 -18.52
C ALA G 5 -24.25 52.50 -19.10
N VAL G 6 -25.07 51.97 -20.00
CA VAL G 6 -24.73 50.74 -20.70
C VAL G 6 -23.44 50.93 -21.47
N ALA G 7 -23.31 52.07 -22.15
CA ALA G 7 -22.12 52.36 -22.93
C ALA G 7 -20.86 52.42 -22.07
N LYS G 8 -20.97 52.99 -20.87
CA LYS G 8 -19.83 53.08 -19.95
C LYS G 8 -19.27 51.70 -19.63
N VAL G 9 -20.15 50.72 -19.45
CA VAL G 9 -19.74 49.35 -19.17
C VAL G 9 -19.31 48.63 -20.45
N CYS G 10 -20.20 48.54 -21.43
CA CYS G 10 -19.95 47.78 -22.65
C CYS G 10 -18.82 48.33 -23.52
N GLY G 11 -18.56 49.62 -23.42
CA GLY G 11 -17.48 50.27 -24.18
C GLY G 11 -16.12 50.20 -23.50
N SER G 12 -16.05 49.64 -22.29
CA SER G 12 -14.78 49.56 -21.56
C SER G 12 -14.27 48.12 -21.43
N GLU G 13 -13.22 47.78 -22.16
CA GLU G 13 -12.63 46.46 -22.02
C GLU G 13 -12.03 46.21 -20.62
N ALA G 14 -11.54 47.28 -19.97
CA ALA G 14 -11.04 47.20 -18.58
C ALA G 14 -12.15 46.84 -17.60
N ILE G 15 -13.28 47.51 -17.68
CA ILE G 15 -14.43 47.17 -16.84
C ILE G 15 -14.88 45.73 -17.09
N LYS G 16 -15.02 45.35 -18.35
CA LYS G 16 -15.45 44.01 -18.69
C LYS G 16 -14.49 42.92 -18.17
N ALA G 17 -13.19 43.14 -18.31
CA ALA G 17 -12.18 42.18 -17.88
C ALA G 17 -12.24 42.03 -16.35
N ASN G 18 -12.43 43.16 -15.65
CA ASN G 18 -12.56 43.14 -14.21
C ASN G 18 -13.82 42.43 -13.74
N LEU G 19 -14.93 42.64 -14.44
CA LEU G 19 -16.15 41.94 -14.10
C LEU G 19 -16.00 40.45 -14.34
N ARG G 20 -15.36 40.09 -15.43
CA ARG G 20 -15.18 38.67 -15.74
C ARG G 20 -14.25 37.92 -14.79
N ARG G 21 -13.13 38.52 -14.43
CA ARG G 21 -12.19 37.83 -13.56
C ARG G 21 -12.75 37.74 -12.15
N SER G 22 -13.45 38.77 -11.69
CA SER G 22 -14.08 38.72 -10.37
C SER G 22 -15.23 37.73 -10.36
N TRP G 23 -16.05 37.70 -11.40
CA TRP G 23 -17.12 36.70 -11.48
C TRP G 23 -16.55 35.28 -11.50
N GLY G 24 -15.41 35.11 -12.18
CA GLY G 24 -14.74 33.83 -12.17
C GLY G 24 -14.54 33.33 -10.75
N VAL G 25 -14.06 34.20 -9.87
CA VAL G 25 -13.85 33.86 -8.47
C VAL G 25 -15.18 33.60 -7.74
N LEU G 26 -16.11 34.55 -7.86
CA LEU G 26 -17.41 34.44 -7.18
C LEU G 26 -18.14 33.14 -7.54
N SER G 27 -17.99 32.72 -8.78
CA SER G 27 -18.69 31.56 -9.30
C SER G 27 -18.19 30.24 -8.72
N ALA G 28 -17.08 30.27 -7.98
CA ALA G 28 -16.65 29.10 -7.22
C ALA G 28 -17.70 28.70 -6.19
N ASP G 29 -18.54 29.65 -5.78
CA ASP G 29 -19.61 29.35 -4.81
C ASP G 29 -20.70 30.39 -4.89
N ILE G 30 -21.60 30.17 -5.85
CA ILE G 30 -22.70 31.08 -6.11
C ILE G 30 -23.52 31.33 -4.84
N GLU G 31 -23.90 30.26 -4.16
CA GLU G 31 -24.72 30.43 -2.98
C GLU G 31 -24.01 31.21 -1.85
N ALA G 32 -22.76 30.86 -1.57
CA ALA G 32 -22.04 31.58 -0.53
C ALA G 32 -21.82 33.04 -0.90
N THR G 33 -21.58 33.31 -2.17
CA THR G 33 -21.43 34.69 -2.62
C THR G 33 -22.70 35.47 -2.34
N GLY G 34 -23.86 34.91 -2.67
CA GLY G 34 -25.12 35.61 -2.45
C GLY G 34 -25.37 35.88 -0.99
N LEU G 35 -25.14 34.87 -0.17
CA LEU G 35 -25.37 35.02 1.26
C LEU G 35 -24.43 36.07 1.85
N MET G 36 -23.18 36.09 1.39
CA MET G 36 -22.21 37.05 1.93
C MET G 36 -22.58 38.47 1.48
N LEU G 37 -23.01 38.60 0.24
CA LEU G 37 -23.44 39.90 -0.25
C LEU G 37 -24.63 40.43 0.56
N MET G 38 -25.62 39.59 0.80
CA MET G 38 -26.78 40.01 1.57
C MET G 38 -26.41 40.32 3.03
N SER G 39 -25.54 39.51 3.62
CA SER G 39 -25.06 39.79 4.97
C SER G 39 -24.38 41.16 5.01
N ASN G 40 -23.53 41.44 4.03
CA ASN G 40 -22.87 42.73 3.98
C ASN G 40 -23.85 43.86 3.74
N LEU G 41 -24.89 43.63 2.95
CA LEU G 41 -25.90 44.66 2.76
C LEU G 41 -26.55 45.03 4.10
N PHE G 42 -26.98 44.03 4.85
CA PHE G 42 -27.70 44.27 6.10
C PHE G 42 -26.79 44.71 7.25
N THR G 43 -25.50 44.43 7.15
CA THR G 43 -24.54 44.89 8.15
C THR G 43 -24.03 46.32 7.87
N LEU G 44 -23.69 46.61 6.61
CA LEU G 44 -23.16 47.93 6.26
C LEU G 44 -24.26 48.96 6.08
N ARG G 45 -25.47 48.50 5.73
CA ARG G 45 -26.63 49.38 5.53
C ARG G 45 -27.87 48.79 6.21
N PRO G 46 -27.88 48.78 7.55
CA PRO G 46 -28.92 48.05 8.27
C PRO G 46 -30.37 48.47 7.98
N ASP G 47 -30.59 49.73 7.57
CA ASP G 47 -31.96 50.18 7.29
C ASP G 47 -32.55 49.55 6.03
N THR G 48 -31.71 48.92 5.21
CA THR G 48 -32.21 48.21 4.03
CA THR G 48 -32.23 48.24 4.03
C THR G 48 -33.11 47.05 4.42
N LYS G 49 -33.00 46.58 5.67
CA LYS G 49 -33.91 45.52 6.14
C LYS G 49 -35.38 45.89 5.96
N THR G 50 -35.71 47.18 5.94
CA THR G 50 -37.11 47.60 5.84
CA THR G 50 -37.11 47.58 5.84
C THR G 50 -37.76 47.13 4.54
N TYR G 51 -36.95 46.92 3.51
CA TYR G 51 -37.45 46.49 2.22
C TYR G 51 -37.68 44.98 2.14
N PHE G 52 -37.17 44.24 3.11
CA PHE G 52 -37.09 42.78 3.03
C PHE G 52 -37.91 42.04 4.11
N THR G 53 -39.06 42.61 4.45
CA THR G 53 -39.90 42.03 5.51
C THR G 53 -40.26 40.57 5.21
N ARG G 54 -40.48 40.24 3.94
CA ARG G 54 -40.88 38.90 3.53
C ARG G 54 -39.87 37.87 4.01
N LEU G 55 -38.62 38.26 4.07
CA LEU G 55 -37.55 37.29 4.37
C LEU G 55 -37.38 36.93 5.83
N GLY G 56 -38.07 37.65 6.72
CA GLY G 56 -38.01 37.37 8.15
C GLY G 56 -36.68 37.76 8.77
N ASP G 57 -36.19 36.97 9.71
CA ASP G 57 -35.01 37.35 10.48
C ASP G 57 -33.75 37.05 9.68
N VAL G 58 -33.28 38.08 8.97
CA VAL G 58 -32.15 37.93 8.05
C VAL G 58 -30.82 37.69 8.74
N GLN G 59 -30.75 37.99 10.05
CA GLN G 59 -29.56 37.67 10.82
C GLN G 59 -29.21 36.20 10.81
N LYS G 60 -30.21 35.34 10.58
CA LYS G 60 -29.98 33.89 10.58
C LYS G 60 -29.25 33.40 9.35
N GLY G 61 -29.08 34.23 8.31
CA GLY G 61 -28.30 33.80 7.16
C GLY G 61 -28.86 32.57 6.46
N LYS G 62 -27.97 31.63 6.15
CA LYS G 62 -28.31 30.42 5.38
C LYS G 62 -29.46 29.62 6.00
N ALA G 63 -29.54 29.60 7.33
CA ALA G 63 -30.56 28.86 8.04
C ALA G 63 -31.97 29.41 7.80
N ASN G 64 -32.06 30.67 7.35
CA ASN G 64 -33.32 31.30 6.96
C ASN G 64 -33.57 30.96 5.49
N SER G 65 -34.48 30.02 5.25
CA SER G 65 -34.67 29.48 3.91
C SER G 65 -35.11 30.53 2.89
N LYS G 66 -35.97 31.46 3.29
CA LYS G 66 -36.43 32.52 2.38
C LYS G 66 -35.27 33.44 2.01
N LEU G 67 -34.44 33.78 3.00
CA LEU G 67 -33.24 34.59 2.72
C LEU G 67 -32.34 33.85 1.76
N ARG G 68 -32.15 32.55 2.01
CA ARG G 68 -31.30 31.73 1.17
C ARG G 68 -31.79 31.69 -0.27
N GLY G 69 -33.08 31.44 -0.47
CA GLY G 69 -33.66 31.45 -1.82
C GLY G 69 -33.44 32.77 -2.53
N HIS G 70 -33.63 33.87 -1.80
CA HIS G 70 -33.41 35.19 -2.35
C HIS G 70 -31.96 35.41 -2.76
N ALA G 71 -31.04 35.07 -1.86
CA ALA G 71 -29.63 35.29 -2.11
C ALA G 71 -29.13 34.54 -3.35
N ILE G 72 -29.63 33.34 -3.54
CA ILE G 72 -29.29 32.54 -4.70
C ILE G 72 -29.77 33.23 -5.99
N THR G 73 -31.04 33.64 -6.00
CA THR G 73 -31.59 34.33 -7.17
C THR G 73 -30.81 35.60 -7.47
N LEU G 74 -30.46 36.34 -6.43
CA LEU G 74 -29.65 37.55 -6.62
C LEU G 74 -28.35 37.25 -7.32
N THR G 75 -27.69 36.17 -6.91
CA THR G 75 -26.38 35.86 -7.50
CA THR G 75 -26.38 35.89 -7.50
C THR G 75 -26.50 35.43 -8.96
N TYR G 76 -27.58 34.73 -9.31
CA TYR G 76 -27.81 34.43 -10.73
C TYR G 76 -28.14 35.68 -11.54
N ALA G 77 -28.67 36.71 -10.90
CA ALA G 77 -28.82 38.00 -11.58
C ALA G 77 -27.45 38.59 -11.91
N LEU G 78 -26.52 38.51 -10.97
CA LEU G 78 -25.15 38.95 -11.24
C LEU G 78 -24.54 38.14 -12.39
N ASN G 79 -24.78 36.84 -12.41
CA ASN G 79 -24.28 35.96 -13.49
C ASN G 79 -24.83 36.42 -14.84
N ASN G 80 -26.12 36.72 -14.84
CA ASN G 80 -26.78 37.22 -16.04
C ASN G 80 -26.11 38.51 -16.54
N PHE G 81 -25.88 39.45 -15.64
CA PHE G 81 -25.18 40.66 -16.02
C PHE G 81 -23.82 40.38 -16.65
N VAL G 82 -23.05 39.49 -16.04
CA VAL G 82 -21.70 39.20 -16.55
C VAL G 82 -21.79 38.60 -17.96
N ASP G 83 -22.83 37.81 -18.20
CA ASP G 83 -23.07 37.23 -19.51
C ASP G 83 -23.74 38.18 -20.51
N SER G 84 -23.98 39.40 -20.07
CA SER G 84 -24.65 40.42 -20.89
C SER G 84 -23.71 41.52 -21.40
N LEU G 85 -22.41 41.39 -21.15
CA LEU G 85 -21.46 42.49 -21.37
C LEU G 85 -21.07 42.74 -22.82
N ASP G 86 -21.18 41.73 -23.67
CA ASP G 86 -20.79 41.86 -25.07
C ASP G 86 -21.92 42.22 -26.05
N ASP G 87 -23.14 42.31 -25.52
CA ASP G 87 -24.29 42.73 -26.31
C ASP G 87 -24.98 43.86 -25.54
N PRO G 88 -24.73 45.12 -25.94
CA PRO G 88 -25.33 46.22 -25.19
C PRO G 88 -26.85 46.15 -25.13
N SER G 89 -27.50 45.66 -26.19
CA SER G 89 -28.94 45.51 -26.19
C SER G 89 -29.40 44.47 -25.16
N ARG G 90 -28.59 43.44 -24.95
CA ARG G 90 -28.91 42.46 -23.91
C ARG G 90 -28.78 43.07 -22.52
N LEU G 91 -27.66 43.72 -22.25
CA LEU G 91 -27.49 44.36 -20.95
C LEU G 91 -28.65 45.31 -20.69
N LYS G 92 -29.04 46.09 -21.69
CA LYS G 92 -30.14 47.00 -21.51
C LYS G 92 -31.43 46.28 -21.11
N CYS G 93 -31.78 45.22 -21.82
CA CYS G 93 -33.08 44.61 -21.60
C CYS G 93 -33.10 43.80 -20.30
N VAL G 94 -31.95 43.27 -19.91
CA VAL G 94 -31.82 42.55 -18.63
CA VAL G 94 -31.88 42.56 -18.64
C VAL G 94 -31.93 43.56 -17.48
N VAL G 95 -31.22 44.67 -17.60
CA VAL G 95 -31.35 45.75 -16.62
C VAL G 95 -32.78 46.27 -16.52
N GLU G 96 -33.42 46.50 -17.67
CA GLU G 96 -34.79 46.99 -17.67
C GLU G 96 -35.73 46.03 -16.94
N LYS G 97 -35.52 44.73 -17.13
CA LYS G 97 -36.39 43.75 -16.47
C LYS G 97 -36.26 43.80 -14.95
N PHE G 98 -35.02 43.81 -14.51
CA PHE G 98 -34.81 43.90 -13.07
CA PHE G 98 -34.61 44.02 -13.15
C PHE G 98 -35.24 45.29 -12.53
N ALA G 99 -35.14 46.36 -13.29
CA ALA G 99 -35.69 47.65 -12.86
C ALA G 99 -37.21 47.59 -12.65
N VAL G 100 -37.93 46.88 -13.51
CA VAL G 100 -39.38 46.77 -13.37
C VAL G 100 -39.73 46.25 -11.96
N ASN G 101 -39.04 45.20 -11.51
CA ASN G 101 -39.31 44.61 -10.20
CA ASN G 101 -39.30 44.62 -10.20
C ASN G 101 -39.00 45.59 -9.07
N HIS G 102 -37.84 46.26 -9.13
CA HIS G 102 -37.43 47.19 -8.09
C HIS G 102 -38.26 48.47 -8.07
N ILE G 103 -38.69 48.94 -9.23
CA ILE G 103 -39.65 50.05 -9.30
C ILE G 103 -40.93 49.65 -8.58
N ASN G 104 -41.41 48.43 -8.84
CA ASN G 104 -42.64 47.95 -8.22
C ASN G 104 -42.52 47.93 -6.69
N ARG G 105 -41.31 47.72 -6.18
CA ARG G 105 -41.08 47.70 -4.73
C ARG G 105 -40.60 49.06 -4.19
N LYS G 106 -40.73 50.11 -5.00
CA LYS G 106 -40.38 51.47 -4.60
C LYS G 106 -38.94 51.60 -4.11
N ILE G 107 -38.02 51.01 -4.87
CA ILE G 107 -36.60 51.18 -4.66
C ILE G 107 -36.06 52.23 -5.64
N SER G 108 -35.66 53.38 -5.10
CA SER G 108 -35.08 54.47 -5.90
C SER G 108 -33.67 54.12 -6.34
N GLY G 109 -33.15 54.87 -7.30
CA GLY G 109 -31.77 54.73 -7.71
C GLY G 109 -30.82 54.93 -6.55
N ASP G 110 -31.08 55.96 -5.74
CA ASP G 110 -30.28 56.19 -4.54
C ASP G 110 -30.33 54.98 -3.61
N ALA G 111 -31.53 54.45 -3.39
CA ALA G 111 -31.68 53.30 -2.49
C ALA G 111 -30.95 52.06 -3.02
N PHE G 112 -31.05 51.81 -4.32
CA PHE G 112 -30.40 50.67 -4.95
C PHE G 112 -28.88 50.74 -4.84
N GLY G 113 -28.36 51.96 -4.88
CA GLY G 113 -26.94 52.19 -4.69
C GLY G 113 -26.37 51.73 -3.36
N ALA G 114 -27.24 51.43 -2.38
CA ALA G 114 -26.80 50.87 -1.11
C ALA G 114 -25.96 49.60 -1.26
N ILE G 115 -26.14 48.87 -2.36
CA ILE G 115 -25.39 47.65 -2.62
C ILE G 115 -23.89 47.84 -2.90
N VAL G 116 -23.45 49.05 -3.22
CA VAL G 116 -22.10 49.21 -3.75
C VAL G 116 -21.00 48.87 -2.74
N GLU G 117 -21.07 49.41 -1.53
CA GLU G 117 -20.03 49.10 -0.53
C GLU G 117 -20.14 47.65 -0.04
N PRO G 118 -21.37 47.15 0.12
CA PRO G 118 -21.48 45.72 0.39
C PRO G 118 -20.82 44.85 -0.68
N MET G 119 -20.99 45.20 -1.94
CA MET G 119 -20.34 44.44 -3.01
C MET G 119 -18.83 44.56 -2.93
N LYS G 120 -18.33 45.77 -2.66
CA LYS G 120 -16.89 45.96 -2.50
C LYS G 120 -16.34 45.07 -1.40
N GLU G 121 -17.00 45.03 -0.25
CA GLU G 121 -16.49 44.22 0.84
C GLU G 121 -16.56 42.75 0.50
N THR G 122 -17.59 42.34 -0.23
CA THR G 122 -17.71 40.95 -0.62
C THR G 122 -16.57 40.56 -1.54
N LEU G 123 -16.26 41.44 -2.48
CA LEU G 123 -15.16 41.23 -3.41
C LEU G 123 -13.81 41.11 -2.69
N LYS G 124 -13.59 41.98 -1.71
CA LYS G 124 -12.35 41.92 -0.95
C LYS G 124 -12.23 40.61 -0.18
N ALA G 125 -13.34 40.16 0.41
CA ALA G 125 -13.33 38.93 1.20
C ALA G 125 -13.16 37.69 0.36
N ARG G 126 -13.57 37.71 -0.89
CA ARG G 126 -13.60 36.51 -1.70
C ARG G 126 -12.49 36.46 -2.75
N MET G 127 -11.89 37.60 -3.11
CA MET G 127 -10.84 37.61 -4.13
C MET G 127 -9.41 37.60 -3.59
N GLY G 128 -9.23 37.73 -2.28
CA GLY G 128 -7.89 37.81 -1.72
C GLY G 128 -7.07 38.88 -2.41
N ASN G 129 -5.82 38.54 -2.67
CA ASN G 129 -4.89 39.51 -3.24
C ASN G 129 -5.18 39.88 -4.70
N TYR G 130 -6.11 39.19 -5.34
CA TYR G 130 -6.54 39.53 -6.69
C TYR G 130 -7.54 40.68 -6.70
N TYR G 131 -8.04 41.11 -5.53
CA TYR G 131 -8.87 42.29 -5.45
C TYR G 131 -8.14 43.54 -5.92
N SER G 132 -8.88 44.45 -6.56
CA SER G 132 -8.41 45.81 -6.80
C SER G 132 -9.60 46.75 -6.70
N ASP G 133 -9.35 48.01 -6.37
CA ASP G 133 -10.45 48.97 -6.31
C ASP G 133 -11.11 49.15 -7.68
N ASP G 134 -10.37 48.93 -8.77
CA ASP G 134 -10.99 48.95 -10.12
C ASP G 134 -12.02 47.84 -10.29
N VAL G 135 -11.84 46.69 -9.63
CA VAL G 135 -12.87 45.66 -9.70
C VAL G 135 -14.15 46.18 -9.04
N ALA G 136 -14.04 46.79 -7.87
CA ALA G 136 -15.23 47.36 -7.21
C ALA G 136 -15.88 48.44 -8.07
N GLY G 137 -15.05 49.26 -8.74
CA GLY G 137 -15.53 50.29 -9.66
C GLY G 137 -16.29 49.73 -10.84
N ALA G 138 -15.85 48.57 -11.34
CA ALA G 138 -16.54 47.89 -12.42
C ALA G 138 -17.93 47.45 -11.99
N TRP G 139 -18.03 46.86 -10.81
CA TRP G 139 -19.35 46.49 -10.28
C TRP G 139 -20.22 47.73 -9.97
N ALA G 140 -19.61 48.81 -9.51
CA ALA G 140 -20.35 50.03 -9.25
C ALA G 140 -20.93 50.58 -10.57
N ALA G 141 -20.15 50.49 -11.67
CA ALA G 141 -20.63 50.91 -12.98
C ALA G 141 -21.82 50.07 -13.44
N LEU G 142 -21.79 48.77 -13.18
CA LEU G 142 -22.89 47.91 -13.55
CA LEU G 142 -22.92 47.88 -13.52
C LEU G 142 -24.14 48.29 -12.73
N VAL G 143 -23.98 48.50 -11.44
CA VAL G 143 -25.05 48.97 -10.58
C VAL G 143 -25.62 50.30 -11.08
N GLY G 144 -24.74 51.16 -11.57
CA GLY G 144 -25.16 52.44 -12.16
C GLY G 144 -26.14 52.32 -13.32
N VAL G 145 -26.02 51.24 -14.11
CA VAL G 145 -26.96 51.02 -15.21
C VAL G 145 -28.36 50.82 -14.63
N VAL G 146 -28.48 50.03 -13.57
CA VAL G 146 -29.78 49.81 -12.95
C VAL G 146 -30.28 51.11 -12.34
N GLN G 147 -29.38 51.85 -11.66
CA GLN G 147 -29.79 53.10 -11.02
C GLN G 147 -30.39 54.06 -12.03
N ALA G 148 -29.81 54.10 -13.23
CA ALA G 148 -30.30 54.95 -14.30
C ALA G 148 -31.68 54.49 -14.82
N ALA G 149 -32.00 53.21 -14.59
CA ALA G 149 -33.29 52.64 -15.01
C ALA G 149 -34.41 52.77 -13.97
N LEU G 150 -34.05 53.21 -12.75
CA LEU G 150 -35.01 53.29 -11.65
C LEU G 150 -35.64 54.66 -11.49
N ARG H 3 -46.44 16.96 -1.57
CA ARG H 3 -45.66 17.66 -0.51
C ARG H 3 -44.24 17.96 -0.96
N VAL H 4 -43.88 19.22 -0.75
CA VAL H 4 -42.65 19.77 -1.29
C VAL H 4 -41.41 19.04 -0.77
N ALA H 5 -41.32 18.82 0.53
CA ALA H 5 -40.14 18.19 1.09
C ALA H 5 -39.99 16.76 0.53
N GLU H 6 -41.09 16.02 0.45
N GLU H 6 -41.10 16.04 0.46
CA GLU H 6 -41.03 14.65 -0.06
CA GLU H 6 -41.13 14.69 -0.08
C GLU H 6 -40.57 14.60 -1.52
C GLU H 6 -40.54 14.66 -1.49
N LEU H 7 -41.09 15.50 -2.37
CA LEU H 7 -40.68 15.52 -3.77
C LEU H 7 -39.25 16.05 -3.93
N ALA H 8 -38.87 17.04 -3.14
CA ALA H 8 -37.50 17.55 -3.18
C ALA H 8 -36.47 16.52 -2.76
N ASN H 9 -36.78 15.77 -1.70
CA ASN H 9 -35.88 14.72 -1.25
C ASN H 9 -35.73 13.62 -2.30
N ALA H 10 -36.81 13.33 -3.03
CA ALA H 10 -36.74 12.31 -4.05
C ALA H 10 -35.85 12.77 -5.21
N VAL H 11 -35.89 14.07 -5.53
CA VAL H 11 -35.01 14.60 -6.57
C VAL H 11 -33.53 14.46 -6.17
N VAL H 12 -33.23 14.83 -4.93
CA VAL H 12 -31.85 14.79 -4.48
C VAL H 12 -31.35 13.33 -4.35
N SER H 13 -32.28 12.40 -4.16
CA SER H 13 -31.92 10.99 -4.03
C SER H 13 -31.81 10.24 -5.36
N ASN H 14 -32.20 10.84 -6.47
CA ASN H 14 -32.26 10.11 -7.72
C ASN H 14 -31.08 10.48 -8.63
N ALA H 15 -29.99 9.72 -8.52
CA ALA H 15 -28.79 10.01 -9.29
C ALA H 15 -28.98 9.88 -10.79
N ASP H 16 -29.72 8.88 -11.26
CA ASP H 16 -29.93 8.70 -12.69
C ASP H 16 -30.64 9.91 -13.29
N GLN H 17 -31.60 10.46 -12.56
CA GLN H 17 -32.32 11.62 -13.02
C GLN H 17 -31.42 12.86 -13.09
N LYS H 18 -30.50 12.98 -12.13
CA LYS H 18 -29.53 14.09 -12.18
C LYS H 18 -28.66 14.02 -13.43
N ASP H 19 -28.21 12.81 -13.78
N ASP H 19 -28.24 12.81 -13.79
CA ASP H 19 -27.44 12.60 -15.02
CA ASP H 19 -27.46 12.62 -14.99
C ASP H 19 -28.23 13.14 -16.23
C ASP H 19 -28.21 13.10 -16.24
N LEU H 20 -29.50 12.77 -16.33
CA LEU H 20 -30.32 13.25 -17.47
C LEU H 20 -30.48 14.78 -17.49
N LEU H 21 -30.67 15.37 -16.31
CA LEU H 21 -30.83 16.82 -16.20
C LEU H 21 -29.55 17.51 -16.63
N ARG H 22 -28.41 17.03 -16.14
CA ARG H 22 -27.14 17.69 -16.45
C ARG H 22 -26.71 17.52 -17.90
N MET H 23 -26.89 16.34 -18.49
N MET H 23 -26.90 16.34 -18.46
CA MET H 23 -26.52 16.15 -19.89
CA MET H 23 -26.56 16.11 -19.86
C MET H 23 -27.39 17.02 -20.77
C MET H 23 -27.39 17.02 -20.74
N SER H 24 -28.69 17.08 -20.50
CA SER H 24 -29.54 17.94 -21.29
C SER H 24 -29.21 19.40 -21.02
N TRP H 25 -28.86 19.77 -19.79
CA TRP H 25 -28.47 21.14 -19.53
C TRP H 25 -27.25 21.55 -20.36
N GLY H 26 -26.34 20.62 -20.60
CA GLY H 26 -25.21 20.89 -21.45
C GLY H 26 -25.56 21.42 -22.83
N VAL H 27 -26.67 20.94 -23.36
N VAL H 27 -26.63 20.92 -23.43
CA VAL H 27 -27.14 21.35 -24.66
CA VAL H 27 -27.08 21.46 -24.71
C VAL H 27 -28.07 22.56 -24.58
C VAL H 27 -28.04 22.62 -24.56
N LEU H 28 -28.91 22.61 -23.56
CA LEU H 28 -29.85 23.74 -23.40
C LEU H 28 -29.14 25.06 -23.16
N SER H 29 -27.97 25.02 -22.53
CA SER H 29 -27.28 26.22 -22.10
C SER H 29 -26.22 26.72 -23.06
N VAL H 30 -26.03 26.06 -24.21
CA VAL H 30 -25.10 26.56 -25.23
C VAL H 30 -25.51 27.96 -25.71
N ASP H 31 -26.80 28.14 -25.92
CA ASP H 31 -27.38 29.39 -26.40
C ASP H 31 -28.50 29.73 -25.45
N MET H 32 -28.16 30.34 -24.32
CA MET H 32 -29.12 30.57 -23.25
C MET H 32 -30.30 31.39 -23.78
N GLU H 33 -30.03 32.54 -24.40
CA GLU H 33 -31.12 33.37 -24.89
C GLU H 33 -31.97 32.63 -25.92
N GLY H 34 -31.34 31.98 -26.89
CA GLY H 34 -32.09 31.33 -27.95
C GLY H 34 -32.95 30.18 -27.42
N THR H 35 -32.41 29.37 -26.48
CA THR H 35 -33.18 28.31 -25.89
C THR H 35 -34.32 28.85 -25.05
N GLY H 36 -34.10 29.94 -24.31
CA GLY H 36 -35.19 30.51 -23.52
C GLY H 36 -36.30 31.04 -24.43
N LEU H 37 -35.91 31.70 -25.52
CA LEU H 37 -36.89 32.19 -26.50
C LEU H 37 -37.68 31.03 -27.12
N MET H 38 -36.99 29.93 -27.41
CA MET H 38 -37.63 28.75 -27.96
C MET H 38 -38.63 28.14 -26.98
N LEU H 39 -38.22 27.99 -25.73
CA LEU H 39 -39.10 27.48 -24.70
C LEU H 39 -40.36 28.33 -24.58
N MET H 40 -40.18 29.65 -24.54
CA MET H 40 -41.33 30.56 -24.46
C MET H 40 -42.21 30.45 -25.72
N ALA H 41 -41.61 30.40 -26.89
CA ALA H 41 -42.40 30.26 -28.12
C ALA H 41 -43.25 28.99 -28.08
N ASN H 42 -42.65 27.90 -27.63
CA ASN H 42 -43.38 26.64 -27.49
C ASN H 42 -44.51 26.77 -26.45
N LEU H 43 -44.28 27.48 -25.36
CA LEU H 43 -45.31 27.70 -24.36
C LEU H 43 -46.51 28.43 -24.98
N PHE H 44 -46.23 29.48 -25.78
CA PHE H 44 -47.31 30.23 -26.42
C PHE H 44 -48.09 29.40 -27.43
N LYS H 45 -47.45 28.38 -28.02
CA LYS H 45 -48.15 27.37 -28.84
C LYS H 45 -49.03 26.44 -28.01
N THR H 46 -48.50 26.00 -26.88
CA THR H 46 -49.18 25.06 -26.00
C THR H 46 -50.45 25.67 -25.45
N SER H 47 -50.34 26.92 -25.03
CA SER H 47 -51.37 27.54 -24.20
C SER H 47 -51.75 28.90 -24.71
N PRO H 48 -52.97 29.01 -25.29
CA PRO H 48 -53.54 30.30 -25.70
C PRO H 48 -53.48 31.32 -24.57
N SER H 49 -53.88 30.89 -23.38
CA SER H 49 -53.95 31.78 -22.20
C SER H 49 -52.61 32.36 -21.76
N ALA H 50 -51.50 31.76 -22.14
CA ALA H 50 -50.20 32.24 -21.68
C ALA H 50 -49.92 33.66 -22.20
N LYS H 51 -50.34 33.94 -23.43
N LYS H 51 -50.36 33.95 -23.42
CA LYS H 51 -50.20 35.29 -24.00
CA LYS H 51 -50.17 35.28 -23.98
C LYS H 51 -50.65 36.34 -23.01
C LYS H 51 -50.67 36.37 -23.02
N GLY H 52 -51.85 36.14 -22.45
CA GLY H 52 -52.45 37.08 -21.50
C GLY H 52 -51.70 37.16 -20.18
N LYS H 53 -51.23 36.01 -19.68
CA LYS H 53 -50.46 36.03 -18.45
C LYS H 53 -49.15 36.79 -18.64
N PHE H 54 -48.61 36.71 -19.85
CA PHE H 54 -47.38 37.42 -20.20
C PHE H 54 -47.63 38.75 -20.92
N ALA H 55 -48.77 39.38 -20.65
CA ALA H 55 -49.16 40.59 -21.37
C ALA H 55 -48.15 41.74 -21.22
N ARG H 56 -47.43 41.78 -20.10
CA ARG H 56 -46.40 42.83 -19.95
C ARG H 56 -45.39 42.80 -21.10
N LEU H 57 -45.13 41.60 -21.62
CA LEU H 57 -44.11 41.42 -22.65
C LEU H 57 -44.56 41.89 -24.03
N GLY H 58 -45.84 42.21 -24.19
CA GLY H 58 -46.35 42.70 -25.45
C GLY H 58 -46.45 41.65 -26.52
N ASP H 59 -45.98 41.97 -27.74
CA ASP H 59 -46.17 41.11 -28.90
C ASP H 59 -45.15 39.99 -28.88
N VAL H 60 -45.48 38.93 -28.15
CA VAL H 60 -44.56 37.82 -27.96
C VAL H 60 -44.27 37.07 -29.25
N SER H 61 -45.14 37.20 -30.27
CA SER H 61 -44.89 36.58 -31.56
C SER H 61 -43.63 37.11 -32.24
N ALA H 62 -43.17 38.29 -31.83
CA ALA H 62 -41.95 38.86 -32.39
C ALA H 62 -40.67 38.18 -31.91
N GLY H 63 -40.76 37.31 -30.91
CA GLY H 63 -39.61 36.49 -30.50
C GLY H 63 -38.40 37.35 -30.16
N LYS H 64 -37.26 37.02 -30.77
CA LYS H 64 -35.99 37.68 -30.50
C LYS H 64 -36.02 39.20 -30.71
N ASP H 65 -36.96 39.71 -31.52
CA ASP H 65 -37.07 41.15 -31.76
C ASP H 65 -37.83 41.91 -30.67
N ASN H 66 -38.31 41.21 -29.64
CA ASN H 66 -39.08 41.82 -28.58
C ASN H 66 -38.17 41.90 -27.34
N SER H 67 -37.72 43.09 -26.98
CA SER H 67 -36.71 43.24 -25.93
C SER H 67 -37.20 42.74 -24.58
N LYS H 68 -38.48 42.97 -24.26
CA LYS H 68 -38.99 42.51 -22.96
C LYS H 68 -39.07 40.98 -22.94
N LEU H 69 -39.48 40.38 -24.04
CA LEU H 69 -39.48 38.91 -24.13
C LEU H 69 -38.05 38.37 -24.00
N ARG H 70 -37.06 39.06 -24.58
CA ARG H 70 -35.67 38.64 -24.42
C ARG H 70 -35.28 38.66 -22.95
N GLY H 71 -35.52 39.75 -22.25
CA GLY H 71 -35.12 39.86 -20.86
C GLY H 71 -35.75 38.78 -20.03
N HIS H 72 -37.02 38.51 -20.24
CA HIS H 72 -37.71 37.46 -19.53
C HIS H 72 -37.15 36.07 -19.84
N SER H 73 -36.95 35.78 -21.11
CA SER H 73 -36.53 34.46 -21.58
C SER H 73 -35.12 34.13 -21.06
N ILE H 74 -34.25 35.13 -21.01
CA ILE H 74 -32.90 34.94 -20.47
C ILE H 74 -32.99 34.62 -18.96
N THR H 75 -33.82 35.39 -18.24
CA THR H 75 -34.02 35.14 -16.82
C THR H 75 -34.56 33.73 -16.55
N LEU H 76 -35.50 33.30 -17.39
CA LEU H 76 -36.04 31.95 -17.25
C LEU H 76 -34.94 30.88 -17.34
N MET H 77 -33.98 31.06 -18.25
CA MET H 77 -32.89 30.11 -18.39
C MET H 77 -31.99 30.09 -17.16
N TYR H 78 -31.75 31.24 -16.53
CA TYR H 78 -31.00 31.18 -15.26
C TYR H 78 -31.79 30.51 -14.13
N ALA H 79 -33.11 30.54 -14.20
CA ALA H 79 -33.92 29.79 -13.23
C ALA H 79 -33.71 28.28 -13.44
N LEU H 80 -33.60 27.84 -14.68
CA LEU H 80 -33.29 26.44 -14.94
C LEU H 80 -31.89 26.10 -14.48
N GLN H 81 -30.91 26.99 -14.69
N GLN H 81 -30.93 27.00 -14.68
CA GLN H 81 -29.57 26.80 -14.13
CA GLN H 81 -29.58 26.80 -14.15
C GLN H 81 -29.63 26.64 -12.62
C GLN H 81 -29.58 26.68 -12.63
N ASN H 82 -30.44 27.47 -11.98
CA ASN H 82 -30.61 27.46 -10.55
C ASN H 82 -31.07 26.04 -10.11
N PHE H 83 -32.10 25.50 -10.74
CA PHE H 83 -32.50 24.11 -10.48
C PHE H 83 -31.31 23.14 -10.61
N VAL H 84 -30.60 23.22 -11.72
CA VAL H 84 -29.52 22.27 -12.01
C VAL H 84 -28.43 22.35 -10.95
N ASP H 85 -28.21 23.53 -10.39
CA ASP H 85 -27.19 23.72 -9.35
C ASP H 85 -27.68 23.34 -7.94
N ALA H 86 -28.95 22.99 -7.79
CA ALA H 86 -29.53 22.63 -6.50
C ALA H 86 -29.74 21.14 -6.28
N LEU H 87 -29.29 20.30 -7.19
CA LEU H 87 -29.62 18.86 -7.16
C LEU H 87 -28.97 18.03 -6.06
N ASP H 88 -27.97 18.59 -5.39
CA ASP H 88 -27.25 17.90 -4.37
C ASP H 88 -27.50 18.40 -2.94
N ASP H 89 -28.48 19.27 -2.74
CA ASP H 89 -28.70 19.88 -1.45
C ASP H 89 -30.19 20.07 -1.30
N VAL H 90 -30.83 19.26 -0.45
N VAL H 90 -30.84 19.29 -0.45
CA VAL H 90 -32.29 19.29 -0.31
CA VAL H 90 -32.30 19.33 -0.41
C VAL H 90 -32.81 20.64 0.14
C VAL H 90 -32.87 20.62 0.18
N GLU H 91 -32.19 21.23 1.16
CA GLU H 91 -32.67 22.50 1.66
C GLU H 91 -32.48 23.61 0.64
N ARG H 92 -31.42 23.52 -0.16
CA ARG H 92 -31.23 24.45 -1.28
C ARG H 92 -32.35 24.26 -2.28
N LEU H 93 -32.61 23.04 -2.71
CA LEU H 93 -33.67 22.81 -3.69
C LEU H 93 -35.02 23.29 -3.17
N LYS H 94 -35.31 22.97 -1.91
CA LYS H 94 -36.59 23.40 -1.33
C LYS H 94 -36.75 24.92 -1.34
N CYS H 95 -35.73 25.66 -0.96
CA CYS H 95 -35.86 27.11 -0.89
C CYS H 95 -35.94 27.72 -2.28
N VAL H 96 -35.30 27.09 -3.25
CA VAL H 96 -35.38 27.54 -4.65
C VAL H 96 -36.81 27.34 -5.19
N VAL H 97 -37.34 26.15 -4.96
CA VAL H 97 -38.71 25.82 -5.35
C VAL H 97 -39.72 26.73 -4.68
N GLU H 98 -39.56 26.97 -3.38
CA GLU H 98 -40.52 27.78 -2.66
CA GLU H 98 -40.54 27.78 -2.64
C GLU H 98 -40.56 29.21 -3.17
N LYS H 99 -39.39 29.75 -3.53
CA LYS H 99 -39.34 31.10 -4.08
C LYS H 99 -40.02 31.14 -5.44
N PHE H 100 -39.77 30.17 -6.32
CA PHE H 100 -40.49 30.15 -7.59
C PHE H 100 -42.00 30.10 -7.34
N ALA H 101 -42.43 29.31 -6.35
CA ALA H 101 -43.85 29.22 -6.05
C ALA H 101 -44.44 30.57 -5.62
N VAL H 102 -43.77 31.26 -4.69
CA VAL H 102 -44.22 32.57 -4.22
C VAL H 102 -44.39 33.53 -5.38
N ASN H 103 -43.40 33.54 -6.26
CA ASN H 103 -43.43 34.45 -7.41
CA ASN H 103 -43.42 34.45 -7.40
C ASN H 103 -44.60 34.16 -8.34
N HIS H 104 -44.87 32.89 -8.59
CA HIS H 104 -45.97 32.53 -9.46
C HIS H 104 -47.33 32.68 -8.82
N ILE H 105 -47.41 32.44 -7.50
CA ILE H 105 -48.61 32.72 -6.75
C ILE H 105 -48.96 34.19 -6.88
N ASN H 106 -47.96 35.05 -6.73
CA ASN H 106 -48.22 36.50 -6.86
C ASN H 106 -48.87 36.84 -8.18
N ARG H 107 -48.52 36.09 -9.22
CA ARG H 107 -49.01 36.33 -10.58
CA ARG H 107 -49.04 36.37 -10.55
C ARG H 107 -50.24 35.49 -10.92
N GLN H 108 -50.81 34.85 -9.89
CA GLN H 108 -52.04 34.07 -10.02
CA GLN H 108 -52.05 34.08 -10.04
C GLN H 108 -51.89 32.93 -11.03
N ILE H 109 -50.77 32.23 -10.95
CA ILE H 109 -50.51 31.07 -11.79
C ILE H 109 -50.79 29.83 -10.95
N SER H 110 -51.75 29.02 -11.39
CA SER H 110 -52.12 27.79 -10.69
C SER H 110 -51.14 26.67 -10.96
N ALA H 111 -51.24 25.60 -10.19
CA ALA H 111 -50.45 24.41 -10.47
C ALA H 111 -50.71 23.88 -11.89
N ASP H 112 -51.97 23.81 -12.29
CA ASP H 112 -52.32 23.31 -13.63
C ASP H 112 -51.70 24.18 -14.72
N GLU H 113 -51.72 25.50 -14.51
CA GLU H 113 -51.12 26.42 -15.47
C GLU H 113 -49.61 26.25 -15.53
N PHE H 114 -48.97 26.11 -14.38
CA PHE H 114 -47.51 25.95 -14.32
C PHE H 114 -47.05 24.67 -15.04
N GLY H 115 -47.88 23.63 -14.95
CA GLY H 115 -47.57 22.36 -15.60
C GLY H 115 -47.63 22.40 -17.12
N GLU H 116 -48.14 23.49 -17.68
CA GLU H 116 -48.14 23.72 -19.13
C GLU H 116 -46.73 23.83 -19.72
N ILE H 117 -45.72 23.97 -18.88
CA ILE H 117 -44.35 24.13 -19.37
C ILE H 117 -43.72 22.81 -19.82
N VAL H 118 -44.28 21.66 -19.45
CA VAL H 118 -43.58 20.39 -19.71
C VAL H 118 -43.53 20.06 -21.20
N GLY H 119 -44.66 20.18 -21.89
CA GLY H 119 -44.67 19.97 -23.33
C GLY H 119 -43.68 20.87 -24.04
N PRO H 120 -43.74 22.18 -23.74
CA PRO H 120 -42.72 23.10 -24.27
C PRO H 120 -41.28 22.69 -23.98
N LEU H 121 -41.01 22.20 -22.77
CA LEU H 121 -39.68 21.68 -22.45
C LEU H 121 -39.35 20.48 -23.34
N ARG H 122 -40.30 19.58 -23.54
CA ARG H 122 -40.08 18.43 -24.38
C ARG H 122 -39.68 18.85 -25.80
N GLN H 123 -40.43 19.78 -26.39
CA GLN H 123 -40.16 20.21 -27.76
C GLN H 123 -38.81 20.93 -27.85
N THR H 124 -38.47 21.73 -26.84
CA THR H 124 -37.16 22.38 -26.77
C THR H 124 -36.03 21.34 -26.63
N LEU H 125 -36.21 20.35 -25.74
CA LEU H 125 -35.24 19.26 -25.55
C LEU H 125 -35.01 18.50 -26.84
N LYS H 126 -36.07 18.20 -27.57
CA LYS H 126 -35.90 17.45 -28.81
C LYS H 126 -35.10 18.29 -29.79
N ALA H 127 -35.44 19.58 -29.91
CA ALA H 127 -34.71 20.48 -30.81
C ALA H 127 -33.21 20.55 -30.49
N ARG H 128 -32.86 20.57 -29.22
CA ARG H 128 -31.46 20.71 -28.83
C ARG H 128 -30.71 19.39 -28.80
N MET H 129 -31.32 18.32 -28.27
CA MET H 129 -30.67 17.02 -28.12
CA MET H 129 -30.69 17.01 -28.11
C MET H 129 -30.58 16.22 -29.42
N GLY H 130 -31.40 16.54 -30.39
CA GLY H 130 -31.34 15.89 -31.71
C GLY H 130 -31.57 14.40 -31.65
N ASN H 131 -30.59 13.64 -32.19
CA ASN H 131 -30.69 12.18 -32.29
C ASN H 131 -30.52 11.50 -30.95
N TYR H 132 -30.26 12.27 -29.89
CA TYR H 132 -30.03 11.72 -28.57
C TYR H 132 -31.08 12.19 -27.58
N PHE H 133 -32.20 12.70 -28.08
CA PHE H 133 -33.36 12.95 -27.25
C PHE H 133 -33.84 11.65 -26.63
N ASP H 134 -34.36 11.74 -25.42
CA ASP H 134 -35.11 10.61 -24.88
CA ASP H 134 -35.07 10.61 -24.81
C ASP H 134 -36.20 11.10 -23.94
N GLU H 135 -37.27 10.32 -23.86
CA GLU H 135 -38.44 10.70 -23.08
C GLU H 135 -38.08 10.81 -21.61
N ASP H 136 -37.16 9.97 -21.14
CA ASP H 136 -36.78 9.99 -19.73
C ASP H 136 -36.22 11.34 -19.30
N THR H 137 -35.62 12.06 -20.24
CA THR H 137 -35.11 13.40 -19.96
C THR H 137 -36.25 14.39 -19.68
N VAL H 138 -37.35 14.23 -20.41
CA VAL H 138 -38.53 15.04 -20.18
C VAL H 138 -39.05 14.78 -18.77
N ALA H 139 -39.14 13.51 -18.39
CA ALA H 139 -39.63 13.16 -17.07
C ALA H 139 -38.75 13.76 -15.98
N ALA H 140 -37.45 13.81 -16.23
CA ALA H 140 -36.51 14.38 -15.28
C ALA H 140 -36.83 15.86 -15.04
N TRP H 141 -37.01 16.63 -16.10
CA TRP H 141 -37.42 18.02 -15.93
C TRP H 141 -38.81 18.14 -15.29
N ALA H 142 -39.72 17.25 -15.65
CA ALA H 142 -41.07 17.31 -15.10
C ALA H 142 -41.06 17.09 -13.59
N SER H 143 -40.09 16.32 -13.09
CA SER H 143 -39.95 16.10 -11.65
CA SER H 143 -39.97 16.09 -11.66
C SER H 143 -39.70 17.42 -10.94
N LEU H 144 -38.86 18.26 -11.55
CA LEU H 144 -38.60 19.58 -10.97
C LEU H 144 -39.85 20.47 -11.01
N VAL H 145 -40.53 20.46 -12.14
CA VAL H 145 -41.77 21.21 -12.31
C VAL H 145 -42.80 20.80 -11.26
N ALA H 146 -42.89 19.50 -11.01
CA ALA H 146 -43.84 18.95 -10.05
C ALA H 146 -43.56 19.43 -8.63
N VAL H 147 -42.29 19.67 -8.27
CA VAL H 147 -42.02 20.13 -6.89
C VAL H 147 -42.61 21.53 -6.73
N VAL H 148 -42.46 22.35 -7.75
CA VAL H 148 -43.04 23.69 -7.74
C VAL H 148 -44.57 23.61 -7.73
N GLN H 149 -45.12 22.72 -8.53
CA GLN H 149 -46.58 22.56 -8.53
C GLN H 149 -47.12 22.19 -7.14
N ALA H 150 -46.38 21.38 -6.38
CA ALA H 150 -46.76 21.05 -5.00
C ALA H 150 -46.74 22.26 -4.06
N ALA H 151 -45.89 23.24 -4.40
CA ALA H 151 -45.71 24.44 -3.58
C ALA H 151 -46.71 25.53 -3.94
N LEU H 152 -47.35 25.38 -5.10
CA LEU H 152 -48.29 26.38 -5.59
C LEU H 152 -49.64 26.18 -4.96
CHA HEM I . -3.50 -17.43 8.40
CHB HEM I . -1.20 -20.37 11.65
CHC HEM I . -4.81 -23.80 11.07
CHD HEM I . -7.44 -20.50 8.32
C1A HEM I . -2.59 -17.99 9.35
C2A HEM I . -1.43 -17.23 9.79
C3A HEM I . -0.75 -18.07 10.74
C4A HEM I . -1.57 -19.29 10.78
CMA HEM I . 0.49 -17.78 11.51
CAA HEM I . -1.05 -15.83 9.39
CBA HEM I . -1.90 -14.85 10.21
CGA HEM I . -1.80 -13.44 9.69
O1A HEM I . -0.71 -13.03 9.24
O2A HEM I . -2.82 -12.68 9.72
C1B HEM I . -2.05 -21.53 11.67
C2B HEM I . -1.58 -22.70 12.45
C3B HEM I . -2.64 -23.68 12.29
C4B HEM I . -3.62 -23.04 11.42
CMB HEM I . -0.33 -22.84 13.26
CAB HEM I . -2.74 -25.07 12.80
CBB HEM I . -1.77 -25.75 13.39
C1C HEM I . -5.81 -23.13 10.29
C2C HEM I . -7.04 -23.84 9.88
C3C HEM I . -7.77 -22.85 9.11
C4C HEM I . -6.97 -21.63 9.08
CMC HEM I . -7.41 -25.25 10.21
CAC HEM I . -9.11 -22.98 8.50
CBC HEM I . -9.99 -23.92 8.80
C1D HEM I . -6.46 -19.45 8.16
C2D HEM I . -6.82 -18.38 7.23
C3D HEM I . -5.67 -17.48 7.24
C4D HEM I . -4.75 -18.12 8.17
CMD HEM I . -8.05 -18.21 6.42
CAD HEM I . -5.49 -16.22 6.47
CBD HEM I . -4.56 -16.53 5.28
CGD HEM I . -4.09 -15.26 4.61
O1D HEM I . -4.78 -14.76 3.71
O2D HEM I . -3.00 -14.74 4.94
NA HEM I . -2.72 -19.27 9.96
NB HEM I . -3.23 -21.81 11.12
NC HEM I . -5.75 -21.78 9.81
ND HEM I . -5.27 -19.23 8.66
FE HEM I . -4.25 -20.48 9.93
C CMO J . -3.61 -21.47 8.46
O CMO J . -3.41 -22.21 7.54
CHA HEM K . 1.94 -6.07 13.50
CHB HEM K . 6.54 -7.68 12.10
CHC HEM K . 8.18 -2.95 12.21
CHD HEM K . 3.38 -1.33 12.68
C1A HEM K . 3.11 -6.84 13.15
C2A HEM K . 3.02 -8.32 13.11
C3A HEM K . 4.35 -8.81 12.71
C4A HEM K . 5.16 -7.57 12.52
CMA HEM K . 4.74 -10.24 12.51
CAA HEM K . 1.78 -9.15 13.38
CBA HEM K . 0.97 -9.09 12.06
CGA HEM K . -0.44 -9.64 12.17
O1A HEM K . -0.63 -10.55 13.03
O2A HEM K . -1.34 -9.17 11.42
C1B HEM K . 7.31 -6.45 12.05
C2B HEM K . 8.76 -6.56 11.83
C3B HEM K . 9.23 -5.19 11.86
C4B HEM K . 8.03 -4.39 12.13
CMB HEM K . 9.55 -7.82 11.59
CAB HEM K . 10.61 -4.66 11.78
CBB HEM K . 11.67 -5.41 11.91
C1C HEM K . 6.97 -2.18 12.35
C2C HEM K . 7.08 -0.69 12.44
C3C HEM K . 5.68 -0.26 12.56
C4C HEM K . 4.82 -1.45 12.52
CMC HEM K . 8.32 0.14 12.44
CAC HEM K . 5.15 1.12 12.76
CBC HEM K . 5.89 2.17 13.06
C1D HEM K . 2.68 -2.57 12.96
C2D HEM K . 1.26 -2.47 13.33
C3D HEM K . 0.83 -3.85 13.56
C4D HEM K . 2.05 -4.63 13.35
CMD HEM K . 0.40 -1.26 13.45
CAD HEM K . -0.51 -4.33 13.99
CBD HEM K . -0.51 -4.33 15.52
CGD HEM K . -1.79 -4.93 16.05
O1D HEM K . -1.79 -6.13 16.41
O2D HEM K . -2.81 -4.21 16.12
NA HEM K . 4.42 -6.37 12.80
NB HEM K . 6.95 -5.16 12.22
NC HEM K . 5.61 -2.64 12.40
ND HEM K . 3.09 -3.85 12.99
FE HEM K . 5.01 -4.50 12.58
C CMO L . 5.43 -4.35 14.24
O CMO L . 5.80 -4.10 15.37
CHA HEM M . 42.59 -30.95 12.50
CHB HEM M . 39.27 -30.63 16.29
CHC HEM M . 42.33 -27.42 18.56
CHD HEM M . 46.03 -28.81 15.45
C1A HEM M . 41.43 -31.03 13.35
C2A HEM M . 40.21 -31.72 12.90
C3A HEM M . 39.26 -31.61 13.99
C4A HEM M . 39.96 -30.91 15.07
CMA HEM M . 37.87 -32.14 14.01
CAA HEM M . 39.97 -32.34 11.56
CBA HEM M . 40.10 -33.85 11.59
CGA HEM M . 39.68 -34.31 10.21
O1A HEM M . 38.52 -34.70 9.97
O2A HEM M . 40.55 -34.26 9.34
C1B HEM M . 39.90 -29.68 17.19
C2B HEM M . 39.09 -29.21 18.33
C3B HEM M . 39.99 -28.26 18.98
C4B HEM M . 41.22 -28.26 18.16
CMB HEM M . 37.70 -29.62 18.72
CAB HEM M . 39.76 -27.42 20.18
CBB HEM M . 38.61 -27.28 20.81
C1C HEM M . 43.59 -27.57 17.87
C2C HEM M . 44.75 -26.77 18.30
C3C HEM M . 45.82 -27.22 17.41
C4C HEM M . 45.25 -28.23 16.51
CMC HEM M . 44.81 -25.78 19.42
CAC HEM M . 47.24 -26.81 17.36
CBC HEM M . 47.86 -26.14 18.30
C1D HEM M . 45.29 -29.47 14.40
C2D HEM M . 46.04 -29.85 13.20
C3D HEM M . 45.05 -30.47 12.34
C4D HEM M . 43.80 -30.38 13.10
CMD HEM M . 47.49 -29.64 12.91
CAD HEM M . 45.30 -31.01 10.96
CBD HEM M . 45.00 -29.85 10.03
CGD HEM M . 45.24 -30.32 8.63
O1D HEM M . 46.42 -30.35 8.22
O2D HEM M . 44.26 -30.68 7.96
NA HEM M . 41.29 -30.54 14.68
NB HEM M . 41.10 -29.11 17.15
NC HEM M . 43.87 -28.43 16.78
ND HEM M . 44.02 -29.83 14.29
FE HEM M . 42.57 -29.46 15.71
C CMO N . 42.15 -27.95 14.99
O CMO N . 41.91 -26.84 14.58
CHA HEM O . 37.03 -41.84 8.60
CHB HEM O . 33.24 -39.28 6.45
CHC HEM O . 32.20 -43.31 3.66
CHD HEM O . 36.55 -45.38 5.10
C1A HEM O . 36.03 -40.87 8.26
C2A HEM O . 35.92 -39.62 9.02
C3A HEM O . 34.83 -38.89 8.40
C4A HEM O . 34.34 -39.72 7.28
CMA HEM O . 34.32 -37.54 8.80
CAA HEM O . 36.77 -39.17 10.17
CBA HEM O . 38.01 -38.51 9.57
CGA HEM O . 39.11 -38.28 10.59
O1A HEM O . 38.81 -38.00 11.75
O2A HEM O . 40.29 -38.35 10.18
C1B HEM O . 32.69 -40.23 5.50
C2B HEM O . 31.46 -39.86 4.80
C3B HEM O . 31.17 -41.06 4.03
C4B HEM O . 32.23 -42.03 4.34
CMB HEM O . 30.71 -38.55 4.85
CAB HEM O . 30.03 -41.34 3.13
CBB HEM O . 28.93 -40.63 3.10
C1C HEM O . 33.33 -44.19 3.85
C2C HEM O . 33.36 -45.50 3.18
C3C HEM O . 34.63 -46.08 3.59
C4C HEM O . 35.29 -45.10 4.46
CMC HEM O . 32.33 -46.10 2.29
CAC HEM O . 35.22 -47.41 3.26
CBC HEM O . 34.64 -48.36 2.56
C1D HEM O . 36.95 -44.51 6.19
C2D HEM O . 38.11 -44.95 6.97
C3D HEM O . 38.24 -43.92 8.00
C4D HEM O . 37.14 -42.99 7.73
CMD HEM O . 38.98 -46.14 6.78
CAD HEM O . 39.27 -43.87 9.09
CBD HEM O . 38.63 -44.62 10.24
CGD HEM O . 39.57 -44.52 11.42
O1D HEM O . 39.39 -43.60 12.23
O2D HEM O . 40.46 -45.39 11.60
NA HEM O . 35.08 -40.97 7.21
NB HEM O . 33.06 -41.47 5.21
NC HEM O . 34.49 -43.95 4.67
ND HEM O . 36.44 -43.39 6.68
FE HEM O . 34.75 -42.45 5.93
C CMO P . 33.77 -43.30 7.01
O CMO P . 32.93 -43.87 7.69
CHA HEM Q . -4.75 5.87 -16.79
CHB HEM Q . -5.96 9.95 -19.36
CHC HEM Q . -6.87 7.13 -23.32
CHD HEM Q . -4.91 3.21 -20.98
C1A HEM Q . -5.04 7.22 -17.20
C2A HEM Q . -4.88 8.34 -16.27
C3A HEM Q . -5.24 9.51 -17.01
C4A HEM Q . -5.55 9.03 -18.35
CMA HEM Q . -5.25 10.91 -16.51
CAA HEM Q . -4.43 8.24 -14.85
CBA HEM Q . -2.89 8.13 -14.88
CGA HEM Q . -2.30 7.73 -13.56
O1A HEM Q . -2.79 8.19 -12.52
O2A HEM Q . -1.31 6.95 -13.59
C1B HEM Q . -6.31 9.43 -20.65
C2B HEM Q . -6.87 10.37 -21.65
C3B HEM Q . -7.12 9.53 -22.79
C4B HEM Q . -6.74 8.19 -22.36
CMB HEM Q . -7.07 11.83 -21.52
CAB HEM Q . -7.73 9.88 -24.08
CBB HEM Q . -8.47 10.95 -24.32
C1C HEM Q . -6.37 5.83 -22.98
C2C HEM Q . -6.50 4.72 -23.92
C3C HEM Q . -5.91 3.59 -23.25
C4C HEM Q . -5.46 4.08 -21.95
CMC HEM Q . -7.13 4.75 -25.27
CAC HEM Q . -5.74 2.21 -23.72
CBC HEM Q . -5.87 1.79 -24.96
C1D HEM Q . -4.77 3.70 -19.64
C2D HEM Q . -4.40 2.73 -18.61
C3D HEM Q . -4.36 3.48 -17.38
C4D HEM Q . -4.72 4.84 -17.80
CMD HEM Q . -4.13 1.27 -18.79
CAD HEM Q . -4.05 2.99 -15.99
CBD HEM Q . -5.39 2.99 -15.24
CGD HEM Q . -5.17 2.63 -13.78
O1D HEM Q . -4.90 1.46 -13.43
O2D HEM Q . -5.26 3.54 -12.93
NA HEM Q . -5.44 7.63 -18.50
NB HEM Q . -6.27 8.22 -21.13
NC HEM Q . -5.75 5.44 -21.75
ND HEM Q . -4.94 4.89 -19.11
FE HEM Q . -5.58 6.56 -20.15
C CMO R . -7.13 6.10 -20.01
O CMO R . -8.27 5.68 -19.98
CHA HEM S . 2.57 12.86 -8.13
CHB HEM S . -1.56 15.09 -6.33
CHC HEM S . 0.87 15.96 -2.09
CHD HEM S . 4.68 13.14 -3.66
C1A HEM S . 1.27 13.42 -7.92
C2A HEM S . 0.30 13.41 -9.04
C3A HEM S . -0.90 14.05 -8.53
C4A HEM S . -0.59 14.44 -7.15
CMA HEM S . -2.19 14.31 -9.25
CAA HEM S . 0.51 12.75 -10.39
CBA HEM S . 0.28 11.23 -10.17
CGA HEM S . 0.70 10.40 -11.36
O1A HEM S . 0.48 10.85 -12.50
O2A HEM S . 1.23 9.28 -11.17
C1B HEM S . -1.15 15.49 -5.00
C2B HEM S . -2.10 16.26 -4.19
C3B HEM S . -1.37 16.54 -2.97
C4B HEM S . -0.08 15.91 -3.16
CMB HEM S . -3.46 16.68 -4.57
CAB HEM S . -1.75 17.31 -1.77
CBB HEM S . -2.80 18.11 -1.71
C1C HEM S . 2.11 15.24 -2.23
C2C HEM S . 3.06 15.28 -1.10
C3C HEM S . 4.17 14.47 -1.58
C4C HEM S . 3.80 13.95 -2.89
CMC HEM S . 2.92 16.07 0.16
CAC HEM S . 5.44 14.13 -0.90
CBC HEM S . 5.88 14.58 0.25
C1D HEM S . 4.34 12.88 -5.02
C2D HEM S . 5.35 12.18 -5.83
C3D HEM S . 4.75 12.13 -7.16
C4D HEM S . 3.44 12.78 -6.98
CMD HEM S . 6.69 11.67 -5.46
CAD HEM S . 5.35 11.50 -8.37
CBD HEM S . 6.02 12.63 -9.17
CGD HEM S . 6.54 12.09 -10.47
O1D HEM S . 5.87 12.33 -11.51
O2D HEM S . 7.59 11.42 -10.47
NA HEM S . 0.75 14.07 -6.78
NB HEM S . -0.01 15.30 -4.33
NC HEM S . 2.54 14.43 -3.31
ND HEM S . 3.27 13.20 -5.74
FE HEM S . 1.62 14.25 -5.03
C CMO T . 2.29 15.66 -5.43
O CMO T . 2.86 16.74 -5.52
CHA HEM U . -35.67 41.11 -5.18
CHB HEM U . -31.67 41.74 -8.18
CHC HEM U . -30.02 45.28 -5.11
CHD HEM U . -34.58 45.44 -2.96
C1A HEM U . -34.65 40.98 -6.19
C2A HEM U . -34.67 39.86 -7.14
C3A HEM U . -33.51 40.03 -8.01
C4A HEM U . -32.89 41.28 -7.55
CMA HEM U . -33.06 39.18 -9.15
CAA HEM U . -35.66 38.74 -7.17
CBA HEM U . -36.86 38.99 -8.08
CGA HEM U . -37.63 37.68 -8.02
O1A HEM U . -37.39 36.79 -8.87
O2A HEM U . -38.44 37.49 -7.09
C1B HEM U . -30.90 42.75 -7.49
C2B HEM U . -29.55 43.03 -8.00
C3B HEM U . -29.07 44.07 -7.10
C4B HEM U . -30.17 44.30 -6.15
CMB HEM U . -28.86 42.42 -9.19
CAB HEM U . -27.76 44.76 -7.06
CBB HEM U . -26.72 44.39 -7.78
C1C HEM U . -31.17 45.58 -4.30
C2C HEM U . -31.09 46.67 -3.29
C3C HEM U . -32.41 46.72 -2.69
C4C HEM U . -33.22 45.68 -3.35
CMC HEM U . -29.89 47.50 -2.98
CAC HEM U . -32.93 47.63 -1.63
CBC HEM U . -32.28 48.66 -1.13
C1D HEM U . -35.16 44.21 -3.44
C2D HEM U . -36.42 43.81 -2.83
C3D HEM U . -36.74 42.54 -3.44
C4D HEM U . -35.63 42.29 -4.37
CMD HEM U . -37.22 44.52 -1.78
CAD HEM U . -37.93 41.69 -3.12
CBD HEM U . -37.56 40.84 -1.91
CGD HEM U . -38.76 40.00 -1.54
O1D HEM U . -39.68 40.46 -0.82
O2D HEM U . -38.80 38.84 -2.00
NA HEM U . -33.55 41.85 -6.43
NB HEM U . -31.21 43.49 -6.43
NC HEM U . -32.47 44.99 -4.33
ND HEM U . -34.77 43.30 -4.34
FE HEM U . -33.00 43.41 -5.40
C CMO V . -32.27 42.64 -4.27
O CMO V . -31.55 42.02 -3.46
CHA HEM W . -41.84 35.18 -14.50
CHB HEM W . -39.47 30.93 -13.49
CHC HEM W . -43.14 28.46 -15.84
CHD HEM W . -45.90 32.56 -15.72
C1A HEM W . -40.89 34.18 -14.11
C2A HEM W . -39.60 34.59 -13.54
C3A HEM W . -38.91 33.37 -13.25
C4A HEM W . -39.83 32.30 -13.64
CMA HEM W . -37.54 33.21 -12.68
CAA HEM W . -39.12 36.00 -13.30
CBA HEM W . -39.72 36.40 -11.93
CGA HEM W . -39.54 37.86 -11.55
O1A HEM W . -38.57 38.45 -12.02
O2A HEM W . -40.35 38.38 -10.76
C1B HEM W . -40.33 29.93 -14.08
C2B HEM W . -39.85 28.54 -14.15
C3B HEM W . -40.92 27.83 -14.81
C4B HEM W . -41.92 28.85 -15.15
CMB HEM W . -38.58 28.03 -13.57
CAB HEM W . -41.00 26.41 -15.23
CBB HEM W . -39.96 25.59 -15.28
C1C HEM W . -44.19 29.39 -15.97
C2C HEM W . -45.46 28.98 -16.61
C3C HEM W . -46.25 30.20 -16.55
C4C HEM W . -45.43 31.22 -15.89
CMC HEM W . -45.82 27.67 -17.18
CAC HEM W . -47.61 30.43 -17.06
CBC HEM W . -48.35 29.55 -17.73
C1D HEM W . -44.93 33.57 -15.39
C2D HEM W . -45.37 34.97 -15.50
C3D HEM W . -44.19 35.74 -15.15
C4D HEM W . -43.16 34.72 -14.89
CMD HEM W . -46.70 35.55 -15.87
CAD HEM W . -44.07 37.25 -15.15
CBD HEM W . -43.79 37.72 -16.59
CGD HEM W . -43.61 39.22 -16.64
O1D HEM W . -42.47 39.64 -16.46
O2D HEM W . -44.58 39.95 -16.90
NA HEM W . -41.06 32.76 -14.16
NB HEM W . -41.52 30.01 -14.68
NC HEM W . -44.14 30.74 -15.56
ND HEM W . -43.65 33.51 -15.04
FE HEM W . -42.60 31.76 -14.86
C CMO X . -42.06 31.88 -16.46
O CMO X . -41.68 31.86 -17.61
#